data_8OTW
#
_entry.id   8OTW
#
_cell.length_a   1.00
_cell.length_b   1.00
_cell.length_c   1.00
_cell.angle_alpha   90.00
_cell.angle_beta   90.00
_cell.angle_gamma   90.00
#
_symmetry.space_group_name_H-M   'P 1'
#
loop_
_entity.id
_entity.type
_entity.pdbx_description
1 polymer 'Sperm-specific sodium proton exchanger'
2 non-polymer 1-PALMITOYL-2-LINOLEOYL-SN-GLYCERO-3-PHOSPHOCHOLINE
#
_entity_poly.entity_id   1
_entity_poly.type   'polypeptide(L)'
_entity_poly.pdbx_seq_one_letter_code
;MKKRVVKLRELVPAVAALAVAVLIQSATGSSGGSGHTPTTQATHADDHDLTTHNGTEEHDDGHDDGHDDLHAHAPKVIVF
ISGSCLFGAISRSLFKKLPIPYTVVLLILGAILGVVASNVPLVEEHTRDVAHMDPHVLLQIFLPVLIFESAFAMDVHTFM
RSFSQVCILALFGLVVASVLTAVLAMNLFNYNWNFSEAMMFGAIMSATDPVAVVALLKDLGASKQLGTIIEGESLLNDGC
AIVIFNVFMKMVFFPQLTSTVGQNVLYFLQVAVAGPLWGYAVAKVTVFFLSHIFNDALVEITITLAATYLTYYIGDIWLE
VSGVLAVVVLGLIVNAEKTSISPEVEVFLHRFWEMLAYLANTLIFMMVGVVVTQKALVAVDKMDWFYLIILYLAITIIRG
MVISLFSPILSRIGYGLTWRNAVIMTWGGLRGAVGLALALVVENLAGNDVIGSKFLFHTAGIVVLTLVINATTIQTLLRI
LGMSDISIPKRLAMAGAVRRIHEGQNRTLNMLKSDRFLADADWDIATAACEISDPYSALSDDENAPADELTLGERKSVCP
GCKAMVPNEPSPREFADMMEEARLRMLKAEKISYWKQFEHGMLAREALRLLVQHAEVAADEKDQFILVDDLKKSWQIKGI
YPWLKRKLEDLISEKKIAAIPMPKYKLGKLMYKICHHMAFEVTINIAIVLNIVPIIMEFVVQDKMASVSTMAAPGSTVSS
EPSSLQKIEDALRISNYVFFVIYAIEAIVKILGLGRHYIVSHWNKFDAFILVVALVDIIIAETLLKGSITINLSSIKVVK
LFRLLRGLRMLRLTKALIPKLILVVNGKINNQLSLGYDVGKGYIIGEEEVGKIIDRMVDNKKILRELKHISETGRLQVVK
ELGLLQREHPGIAVSVKTRQAIRTILNHSRETIHELQGAGLLDEMEAHKLELTVEIKMKRLMNAPSSIPPPPPENLLKNV
SWLAGDMKLIDFIKARASLLHFDYGEVIVREGDESDGLFLIVSGLVKLYGKSAFLDHDNPPVTAGSEENEVFEDYLTVGN
VIGEMGVLTKKPRNATVTCETTVQVYFITAEDMNIAIDTFTLYPSLEYRLWRVVAIRIATPLIMEQMAFQGWTQEKVKLH
LERGYLVDLAESHFQFNIDATLEDVILINGTAYNAHTREEIRSPCLISRTVHKLTFQYTATEEPRLFVVRNAEYNGPILD
GRLDVDSKRSLISITEISSNMCLKHAAELRQKNSKVMLSRKSSGAAAKEEEDCIPNTSDVEQAAGVSPSVPTKTTPKPKS
FLPSLGLSMSKERVNGEAVEESPVKTKQGEETPETEEGAAPRVNVENLYFQ
;
_entity_poly.pdbx_strand_id   B,A
#
loop_
_chem_comp.id
_chem_comp.type
_chem_comp.name
_chem_comp.formula
CPL non-polymer 1-PALMITOYL-2-LINOLEOYL-SN-GLYCERO-3-PHOSPHOCHOLINE 'C42 H80 N O8 P'
#
# COMPACT_ATOMS: atom_id res chain seq x y z
N HIS A 71 -28.36 -19.11 0.67
CA HIS A 71 -29.40 -18.26 1.22
C HIS A 71 -29.35 -16.87 0.58
N ALA A 72 -28.17 -16.48 0.12
CA ALA A 72 -27.99 -15.15 -0.46
C ALA A 72 -28.63 -15.07 -1.83
N HIS A 73 -29.96 -15.17 -1.88
CA HIS A 73 -30.67 -15.08 -3.15
C HIS A 73 -30.50 -13.71 -3.79
N ALA A 74 -30.32 -12.67 -2.98
CA ALA A 74 -30.15 -11.32 -3.50
C ALA A 74 -29.44 -10.44 -2.47
N PRO A 75 -28.10 -10.45 -2.43
CA PRO A 75 -27.39 -9.51 -1.54
C PRO A 75 -27.52 -8.08 -2.04
N LYS A 76 -28.70 -7.49 -1.82
CA LYS A 76 -29.03 -6.18 -2.35
C LYS A 76 -28.27 -5.05 -1.70
N VAL A 77 -27.54 -5.32 -0.61
CA VAL A 77 -26.81 -4.26 0.09
C VAL A 77 -25.69 -3.70 -0.76
N ILE A 78 -25.31 -4.38 -1.85
CA ILE A 78 -24.19 -3.92 -2.66
C ILE A 78 -24.61 -2.74 -3.53
N VAL A 79 -25.59 -2.96 -4.41
CA VAL A 79 -25.77 -2.10 -5.58
C VAL A 79 -25.91 -0.64 -5.17
N PHE A 80 -26.72 -0.36 -4.15
CA PHE A 80 -26.97 1.01 -3.76
C PHE A 80 -25.66 1.73 -3.46
N ILE A 81 -24.83 1.13 -2.61
CA ILE A 81 -23.59 1.81 -2.21
C ILE A 81 -22.76 2.11 -3.44
N SER A 82 -22.70 1.17 -4.39
CA SER A 82 -21.93 1.41 -5.60
C SER A 82 -22.49 2.60 -6.35
N GLY A 83 -23.82 2.61 -6.53
CA GLY A 83 -24.45 3.76 -7.16
C GLY A 83 -24.07 5.05 -6.46
N SER A 84 -24.04 5.02 -5.13
CA SER A 84 -23.67 6.22 -4.37
C SER A 84 -22.34 6.76 -4.86
N CYS A 85 -21.33 5.89 -4.94
CA CYS A 85 -20.01 6.37 -5.34
C CYS A 85 -20.09 6.99 -6.73
N LEU A 86 -20.82 6.33 -7.65
CA LEU A 86 -20.99 6.89 -8.98
C LEU A 86 -21.50 8.32 -8.90
N PHE A 87 -22.56 8.53 -8.12
CA PHE A 87 -23.11 9.88 -7.98
C PHE A 87 -22.01 10.84 -7.53
N GLY A 88 -21.28 10.46 -6.47
CA GLY A 88 -20.21 11.32 -6.00
C GLY A 88 -19.21 11.62 -7.10
N ALA A 89 -18.80 10.57 -7.83
CA ALA A 89 -17.85 10.77 -8.92
C ALA A 89 -18.38 11.80 -9.89
N ILE A 90 -19.66 11.68 -10.27
CA ILE A 90 -20.24 12.61 -11.22
C ILE A 90 -20.07 14.04 -10.72
N SER A 91 -20.37 14.26 -9.45
CA SER A 91 -20.25 15.61 -8.91
C SER A 91 -18.82 16.10 -9.03
N ARG A 92 -17.85 15.26 -8.64
CA ARG A 92 -16.45 15.68 -8.68
C ARG A 92 -16.01 15.96 -10.11
N SER A 93 -16.73 15.43 -11.10
CA SER A 93 -16.38 15.69 -12.49
C SER A 93 -17.21 16.80 -13.09
N LEU A 94 -18.34 17.15 -12.48
CA LEU A 94 -19.21 18.14 -13.10
C LEU A 94 -19.15 19.50 -12.41
N PHE A 95 -19.01 19.51 -11.08
CA PHE A 95 -19.00 20.74 -10.31
C PHE A 95 -17.61 21.08 -9.79
N LYS A 96 -16.57 20.66 -10.50
CA LYS A 96 -15.20 20.96 -10.10
C LYS A 96 -14.94 22.46 -10.13
N LYS A 97 -15.40 23.14 -11.18
CA LYS A 97 -15.22 24.59 -11.27
C LYS A 97 -16.01 25.33 -10.21
N LEU A 98 -17.11 24.77 -9.76
CA LEU A 98 -17.96 25.44 -8.78
C LEU A 98 -17.24 25.54 -7.44
N PRO A 99 -17.17 26.72 -6.83
CA PRO A 99 -16.53 26.84 -5.52
C PRO A 99 -17.21 26.01 -4.43
N ILE A 100 -18.52 25.83 -4.51
CA ILE A 100 -19.26 25.07 -3.49
C ILE A 100 -18.80 23.61 -3.54
N PRO A 101 -18.47 23.00 -2.41
CA PRO A 101 -18.03 21.61 -2.42
C PRO A 101 -19.14 20.66 -2.88
N TYR A 102 -18.71 19.49 -3.35
CA TYR A 102 -19.63 18.49 -3.88
C TYR A 102 -20.53 17.87 -2.83
N THR A 103 -20.24 18.07 -1.53
CA THR A 103 -21.08 17.48 -0.49
C THR A 103 -22.49 18.06 -0.51
N VAL A 104 -22.63 19.34 -0.84
CA VAL A 104 -23.96 19.94 -0.96
C VAL A 104 -24.74 19.27 -2.08
N VAL A 105 -24.07 19.02 -3.21
CA VAL A 105 -24.71 18.31 -4.32
C VAL A 105 -25.12 16.91 -3.89
N LEU A 106 -24.27 16.24 -3.12
CA LEU A 106 -24.61 14.91 -2.61
C LEU A 106 -25.85 14.95 -1.73
N LEU A 107 -25.94 15.95 -0.85
CA LEU A 107 -27.11 16.08 0.01
C LEU A 107 -28.36 16.34 -0.81
N ILE A 108 -28.25 17.19 -1.84
CA ILE A 108 -29.40 17.45 -2.72
C ILE A 108 -29.84 16.16 -3.41
N LEU A 109 -28.87 15.39 -3.89
CA LEU A 109 -29.20 14.12 -4.55
C LEU A 109 -29.89 13.16 -3.59
N GLY A 110 -29.41 13.08 -2.35
CA GLY A 110 -30.07 12.21 -1.37
C GLY A 110 -31.49 12.66 -1.06
N ALA A 111 -31.70 13.97 -0.91
CA ALA A 111 -33.03 14.49 -0.66
C ALA A 111 -33.96 14.19 -1.83
N ILE A 112 -33.46 14.31 -3.05
CA ILE A 112 -34.28 14.00 -4.22
C ILE A 112 -34.60 12.51 -4.25
N LEU A 113 -33.62 11.66 -3.94
CA LEU A 113 -33.82 10.21 -4.04
C LEU A 113 -34.76 9.68 -2.96
N GLY A 114 -34.82 10.34 -1.80
CA GLY A 114 -35.60 9.81 -0.69
C GLY A 114 -37.08 9.68 -1.01
N VAL A 115 -37.66 10.71 -1.62
CA VAL A 115 -39.10 10.69 -1.89
C VAL A 115 -39.44 9.61 -2.91
N VAL A 116 -38.62 9.48 -3.96
CA VAL A 116 -38.89 8.45 -4.97
C VAL A 116 -38.67 7.06 -4.39
N ALA A 117 -37.75 6.93 -3.43
CA ALA A 117 -37.60 5.65 -2.73
C ALA A 117 -38.84 5.32 -1.92
N SER A 118 -39.40 6.33 -1.23
CA SER A 118 -40.60 6.10 -0.44
C SER A 118 -41.79 5.73 -1.32
N ASN A 119 -41.93 6.41 -2.47
CA ASN A 119 -43.11 6.19 -3.31
C ASN A 119 -43.09 4.81 -3.95
N VAL A 120 -41.97 4.43 -4.56
CA VAL A 120 -41.87 3.19 -5.31
C VAL A 120 -41.50 2.06 -4.35
N PRO A 121 -42.29 0.98 -4.28
CA PRO A 121 -41.96 -0.11 -3.34
C PRO A 121 -40.62 -0.76 -3.61
N LEU A 122 -40.22 -0.92 -4.87
CA LEU A 122 -38.97 -1.60 -5.16
C LEU A 122 -37.77 -0.78 -4.71
N VAL A 123 -37.78 0.53 -4.98
CA VAL A 123 -36.70 1.39 -4.51
C VAL A 123 -36.69 1.42 -2.99
N GLU A 124 -37.87 1.39 -2.35
CA GLU A 124 -37.93 1.30 -0.90
C GLU A 124 -37.28 0.01 -0.42
N GLU A 125 -37.48 -1.10 -1.13
CA GLU A 125 -36.80 -2.34 -0.79
C GLU A 125 -35.29 -2.19 -0.93
N HIS A 126 -34.83 -1.52 -2.00
CA HIS A 126 -33.40 -1.32 -2.19
C HIS A 126 -32.83 -0.35 -1.15
N THR A 127 -33.62 0.63 -0.72
CA THR A 127 -33.19 1.60 0.28
C THR A 127 -33.72 1.29 1.67
N ARG A 128 -34.28 0.10 1.88
CA ARG A 128 -34.77 -0.27 3.20
C ARG A 128 -33.62 -0.33 4.21
N ASP A 129 -32.49 -0.91 3.79
CA ASP A 129 -31.34 -1.01 4.69
C ASP A 129 -30.85 0.37 5.12
N VAL A 130 -30.74 1.29 4.16
CA VAL A 130 -30.29 2.65 4.49
C VAL A 130 -31.30 3.33 5.40
N ALA A 131 -32.59 3.17 5.12
CA ALA A 131 -33.62 3.71 5.98
C ALA A 131 -33.59 3.09 7.37
N HIS A 132 -32.98 1.91 7.52
CA HIS A 132 -32.91 1.24 8.80
C HIS A 132 -31.50 0.71 9.09
N MET A 133 -30.48 1.51 8.75
CA MET A 133 -29.14 1.22 9.26
C MET A 133 -29.11 1.23 10.78
N ASP A 134 -28.79 0.08 11.35
CA ASP A 134 -28.55 0.00 12.78
C ASP A 134 -27.36 0.88 13.16
N PRO A 135 -27.42 1.58 14.29
CA PRO A 135 -26.41 2.61 14.57
C PRO A 135 -25.10 2.07 15.08
N HIS A 136 -25.13 0.90 15.72
CA HIS A 136 -23.92 0.39 16.38
C HIS A 136 -22.81 0.11 15.36
N VAL A 137 -23.15 -0.53 14.24
CA VAL A 137 -22.14 -0.83 13.23
C VAL A 137 -21.64 0.45 12.57
N LEU A 138 -22.54 1.38 12.29
CA LEU A 138 -22.12 2.65 11.68
C LEU A 138 -21.16 3.40 12.59
N LEU A 139 -21.41 3.36 13.90
CA LEU A 139 -20.54 4.05 14.84
C LEU A 139 -19.16 3.42 14.89
N GLN A 140 -19.07 2.10 14.75
CA GLN A 140 -17.83 1.37 14.96
C GLN A 140 -17.20 0.88 13.65
N ILE A 141 -17.58 1.45 12.51
CA ILE A 141 -16.96 1.09 11.24
C ILE A 141 -16.44 2.32 10.53
N PHE A 142 -17.31 3.30 10.31
CA PHE A 142 -16.92 4.49 9.56
C PHE A 142 -16.02 5.40 10.38
N LEU A 143 -16.33 5.57 11.66
CA LEU A 143 -15.51 6.43 12.51
C LEU A 143 -14.06 5.97 12.62
N PRO A 144 -13.77 4.69 12.87
CA PRO A 144 -12.35 4.28 12.95
C PRO A 144 -11.56 4.59 11.69
N VAL A 145 -12.10 4.24 10.51
CA VAL A 145 -11.36 4.46 9.28
C VAL A 145 -11.22 5.96 8.99
N LEU A 146 -12.27 6.73 9.26
CA LEU A 146 -12.17 8.18 9.08
C LEU A 146 -11.07 8.77 9.95
N ILE A 147 -11.06 8.42 11.24
CA ILE A 147 -10.08 8.98 12.15
C ILE A 147 -8.67 8.53 11.78
N PHE A 148 -8.52 7.25 11.41
CA PHE A 148 -7.19 6.76 11.06
C PHE A 148 -6.68 7.41 9.78
N GLU A 149 -7.55 7.65 8.81
CA GLU A 149 -7.12 8.36 7.61
C GLU A 149 -6.71 9.78 7.95
N SER A 150 -7.49 10.46 8.81
CA SER A 150 -7.13 11.82 9.18
C SER A 150 -5.79 11.86 9.90
N ALA A 151 -5.50 10.83 10.71
CA ALA A 151 -4.25 10.79 11.46
C ALA A 151 -3.06 10.39 10.60
N PHE A 152 -3.27 9.55 9.59
CA PHE A 152 -2.14 9.02 8.82
C PHE A 152 -1.53 10.10 7.92
N ALA A 153 -2.36 10.90 7.26
CA ALA A 153 -1.86 11.93 6.35
C ALA A 153 -1.22 13.10 7.08
N MET A 154 -1.08 13.02 8.39
CA MET A 154 -0.53 14.09 9.19
C MET A 154 0.97 14.25 8.92
N ASP A 155 1.47 15.45 9.22
CA ASP A 155 2.91 15.72 9.25
C ASP A 155 3.30 15.71 10.72
N VAL A 156 3.91 14.60 11.15
CA VAL A 156 4.15 14.38 12.57
C VAL A 156 5.14 15.40 13.13
N HIS A 157 6.14 15.78 12.33
CA HIS A 157 7.21 16.62 12.85
C HIS A 157 6.72 18.01 13.22
N THR A 158 6.14 18.73 12.25
CA THR A 158 5.64 20.07 12.53
C THR A 158 4.57 20.05 13.61
N PHE A 159 3.77 18.99 13.67
CA PHE A 159 2.81 18.84 14.75
C PHE A 159 3.52 18.73 16.10
N MET A 160 4.62 17.99 16.14
CA MET A 160 5.39 17.86 17.38
C MET A 160 6.02 19.18 17.78
N ARG A 161 6.38 20.03 16.81
CA ARG A 161 6.97 21.32 17.15
C ARG A 161 5.99 22.27 17.82
N SER A 162 4.70 21.95 17.83
CA SER A 162 3.68 22.76 18.49
C SER A 162 2.69 21.88 19.23
N PHE A 163 3.18 20.81 19.84
CA PHE A 163 2.31 19.84 20.49
C PHE A 163 1.55 20.46 21.66
N SER A 164 2.26 21.21 22.51
CA SER A 164 1.63 21.80 23.70
C SER A 164 0.53 22.77 23.30
N GLN A 165 0.82 23.65 22.34
CA GLN A 165 -0.17 24.62 21.87
C GLN A 165 -1.42 23.92 21.34
N VAL A 166 -1.22 22.91 20.49
CA VAL A 166 -2.35 22.20 19.91
C VAL A 166 -3.18 21.55 21.01
N CYS A 167 -2.51 20.90 21.96
CA CYS A 167 -3.25 20.21 23.02
C CYS A 167 -4.07 21.19 23.85
N ILE A 168 -3.45 22.27 24.34
CA ILE A 168 -4.18 23.18 25.21
C ILE A 168 -5.34 23.81 24.45
N LEU A 169 -5.08 24.26 23.21
CA LEU A 169 -6.12 24.89 22.41
C LEU A 169 -7.29 23.94 22.20
N ALA A 170 -7.01 22.72 21.73
CA ALA A 170 -8.08 21.77 21.42
C ALA A 170 -8.89 21.45 22.67
N LEU A 171 -8.21 21.08 23.76
CA LEU A 171 -8.94 20.66 24.96
C LEU A 171 -9.80 21.79 25.51
N PHE A 172 -9.20 22.97 25.72
CA PHE A 172 -9.95 24.06 26.33
C PHE A 172 -11.07 24.54 25.41
N GLY A 173 -10.79 24.67 24.11
CA GLY A 173 -11.83 25.11 23.19
C GLY A 173 -13.00 24.15 23.14
N LEU A 174 -12.72 22.84 23.06
CA LEU A 174 -13.82 21.88 23.03
C LEU A 174 -14.63 21.92 24.31
N VAL A 175 -13.96 21.95 25.47
CA VAL A 175 -14.70 21.93 26.73
C VAL A 175 -15.57 23.17 26.84
N VAL A 176 -15.00 24.34 26.56
CA VAL A 176 -15.76 25.59 26.69
C VAL A 176 -16.92 25.62 25.71
N ALA A 177 -16.67 25.25 24.44
CA ALA A 177 -17.73 25.30 23.45
C ALA A 177 -18.87 24.37 23.81
N SER A 178 -18.55 23.15 24.25
CA SER A 178 -19.60 22.21 24.66
C SER A 178 -20.40 22.77 25.83
N VAL A 179 -19.72 23.34 26.82
CA VAL A 179 -20.43 23.85 28.00
C VAL A 179 -21.37 24.98 27.61
N LEU A 180 -20.87 25.96 26.85
CA LEU A 180 -21.72 27.09 26.49
C LEU A 180 -22.86 26.67 25.58
N THR A 181 -22.61 25.73 24.66
CA THR A 181 -23.70 25.26 23.80
C THR A 181 -24.76 24.53 24.60
N ALA A 182 -24.35 23.71 25.57
CA ALA A 182 -25.33 23.04 26.42
C ALA A 182 -26.15 24.07 27.21
N VAL A 183 -25.49 25.09 27.75
CA VAL A 183 -26.20 26.13 28.48
C VAL A 183 -27.19 26.85 27.57
N LEU A 184 -26.77 27.13 26.33
CA LEU A 184 -27.64 27.80 25.37
C LEU A 184 -28.86 26.96 25.05
N ALA A 185 -28.67 25.67 24.75
CA ALA A 185 -29.78 24.79 24.44
C ALA A 185 -30.63 24.47 25.67
N MET A 186 -30.14 24.79 26.86
CA MET A 186 -30.93 24.54 28.07
C MET A 186 -32.23 25.34 28.06
N ASN A 187 -32.17 26.61 27.70
CA ASN A 187 -33.33 27.46 27.93
C ASN A 187 -33.82 28.20 26.69
N LEU A 188 -32.91 28.67 25.83
CA LEU A 188 -33.34 29.50 24.71
C LEU A 188 -34.17 28.71 23.71
N PHE A 189 -33.81 27.44 23.47
CA PHE A 189 -34.54 26.63 22.50
C PHE A 189 -35.94 26.27 22.96
N ASN A 190 -36.27 26.48 24.24
CA ASN A 190 -37.58 26.14 24.79
C ASN A 190 -37.92 24.66 24.56
N TYR A 191 -36.90 23.82 24.51
CA TYR A 191 -37.09 22.39 24.33
C TYR A 191 -37.05 21.68 25.68
N ASN A 192 -37.84 20.62 25.79
CA ASN A 192 -37.95 19.86 27.04
C ASN A 192 -36.81 18.85 27.13
N TRP A 193 -35.61 19.38 27.34
CA TRP A 193 -34.41 18.58 27.49
C TRP A 193 -33.83 18.78 28.89
N ASN A 194 -33.16 17.75 29.38
CA ASN A 194 -32.40 17.86 30.63
C ASN A 194 -30.95 18.20 30.30
N PHE A 195 -30.14 18.36 31.34
CA PHE A 195 -28.78 18.86 31.16
C PHE A 195 -27.89 17.85 30.45
N SER A 196 -28.10 16.56 30.72
CA SER A 196 -27.26 15.53 30.11
C SER A 196 -27.42 15.51 28.59
N GLU A 197 -28.67 15.58 28.11
CA GLU A 197 -28.86 15.63 26.67
C GLU A 197 -28.45 16.98 26.09
N ALA A 198 -28.42 18.04 26.91
CA ALA A 198 -27.85 19.30 26.45
C ALA A 198 -26.36 19.14 26.16
N MET A 199 -25.64 18.45 27.04
CA MET A 199 -24.24 18.15 26.75
C MET A 199 -24.10 17.19 25.57
N MET A 200 -25.03 16.25 25.42
CA MET A 200 -25.07 15.41 24.23
C MET A 200 -25.08 16.27 22.97
N PHE A 201 -26.02 17.21 22.90
CA PHE A 201 -26.18 18.06 21.74
C PHE A 201 -24.96 18.94 21.53
N GLY A 202 -24.41 19.49 22.62
CA GLY A 202 -23.21 20.30 22.51
C GLY A 202 -22.02 19.53 21.97
N ALA A 203 -21.84 18.30 22.45
CA ALA A 203 -20.71 17.49 21.99
C ALA A 203 -20.88 17.09 20.54
N ILE A 204 -22.13 16.87 20.10
CA ILE A 204 -22.35 16.49 18.71
C ILE A 204 -21.90 17.60 17.76
N MET A 205 -22.24 18.85 18.07
CA MET A 205 -22.09 19.96 17.14
C MET A 205 -20.64 20.42 17.01
N SER A 206 -19.79 20.10 17.98
CA SER A 206 -18.47 20.72 18.08
C SER A 206 -17.40 19.81 17.51
N ALA A 207 -17.71 19.13 16.41
CA ALA A 207 -16.74 18.32 15.69
C ALA A 207 -16.58 18.88 14.28
N THR A 208 -15.34 19.12 13.87
CA THR A 208 -15.03 19.78 12.61
C THR A 208 -14.13 18.89 11.76
N ASP A 209 -14.01 19.26 10.48
CA ASP A 209 -13.09 18.59 9.56
C ASP A 209 -12.76 19.56 8.44
N PRO A 210 -11.74 20.39 8.63
CA PRO A 210 -11.44 21.48 7.68
C PRO A 210 -10.49 21.06 6.55
N VAL A 211 -10.91 20.07 5.76
CA VAL A 211 -10.07 19.58 4.69
C VAL A 211 -10.08 20.55 3.50
N ALA A 212 -11.28 20.98 3.09
CA ALA A 212 -11.39 21.86 1.92
C ALA A 212 -10.69 23.19 2.16
N VAL A 213 -10.86 23.76 3.35
CA VAL A 213 -10.21 25.03 3.65
C VAL A 213 -8.69 24.85 3.66
N VAL A 214 -8.21 23.70 4.12
CA VAL A 214 -6.76 23.46 4.14
C VAL A 214 -6.22 23.34 2.72
N ALA A 215 -6.97 22.67 1.84
CA ALA A 215 -6.58 22.63 0.44
C ALA A 215 -6.54 24.03 -0.15
N LEU A 216 -7.51 24.86 0.21
CA LEU A 216 -7.53 26.24 -0.28
C LEU A 216 -6.29 27.00 0.20
N LEU A 217 -5.94 26.86 1.47
CA LEU A 217 -4.76 27.55 1.99
C LEU A 217 -3.48 27.05 1.32
N LYS A 218 -3.37 25.74 1.10
CA LYS A 218 -2.17 25.20 0.48
C LYS A 218 -2.10 25.56 -1.00
N ASP A 219 -3.24 25.91 -1.61
CA ASP A 219 -3.23 26.31 -3.02
C ASP A 219 -2.39 27.57 -3.20
N LEU A 220 -2.65 28.59 -2.38
CA LEU A 220 -1.96 29.87 -2.49
C LEU A 220 -0.67 29.91 -1.68
N GLY A 221 -0.31 28.83 -1.02
CA GLY A 221 0.94 28.79 -0.27
C GLY A 221 0.88 29.53 1.05
N ALA A 222 -0.19 29.32 1.83
CA ALA A 222 -0.24 29.85 3.18
C ALA A 222 0.81 29.16 4.05
N SER A 223 1.00 29.69 5.26
CA SER A 223 2.01 29.15 6.16
C SER A 223 1.74 27.68 6.45
N LYS A 224 2.78 26.86 6.31
CA LYS A 224 2.63 25.43 6.60
C LYS A 224 2.30 25.22 8.07
N GLN A 225 2.83 26.06 8.94
CA GLN A 225 2.55 25.94 10.37
C GLN A 225 1.07 26.15 10.64
N LEU A 226 0.43 27.10 9.94
CA LEU A 226 -0.99 27.33 10.12
C LEU A 226 -1.80 26.09 9.75
N GLY A 227 -1.46 25.46 8.64
CA GLY A 227 -2.13 24.22 8.26
C GLY A 227 -1.91 23.12 9.29
N THR A 228 -0.68 23.04 9.83
CA THR A 228 -0.41 22.03 10.85
C THR A 228 -1.27 22.25 12.10
N ILE A 229 -1.38 23.50 12.55
CA ILE A 229 -2.20 23.79 13.71
C ILE A 229 -3.66 23.47 13.44
N ILE A 230 -4.16 23.86 12.27
CA ILE A 230 -5.57 23.68 11.99
C ILE A 230 -5.90 22.21 11.72
N GLU A 231 -4.92 21.39 11.38
CA GLU A 231 -5.11 19.94 11.38
C GLU A 231 -5.09 19.35 12.79
N GLY A 232 -4.11 19.75 13.61
CA GLY A 232 -3.99 19.17 14.93
C GLY A 232 -5.18 19.48 15.82
N GLU A 233 -5.62 20.74 15.80
CA GLU A 233 -6.76 21.13 16.61
C GLU A 233 -8.00 20.33 16.22
N SER A 234 -8.25 20.20 14.92
CA SER A 234 -9.43 19.47 14.46
C SER A 234 -9.33 17.98 14.84
N LEU A 235 -8.16 17.38 14.67
CA LEU A 235 -8.02 15.96 14.98
C LEU A 235 -8.27 15.70 16.46
N LEU A 236 -7.63 16.49 17.32
CA LEU A 236 -7.85 16.32 18.76
C LEU A 236 -9.29 16.62 19.14
N ASN A 237 -9.90 17.61 18.47
CA ASN A 237 -11.29 17.95 18.75
C ASN A 237 -12.21 16.77 18.47
N ASP A 238 -12.08 16.16 17.30
CA ASP A 238 -12.92 15.00 16.98
C ASP A 238 -12.63 13.85 17.94
N GLY A 239 -11.35 13.58 18.22
CA GLY A 239 -11.00 12.48 19.08
C GLY A 239 -11.61 12.60 20.47
N CYS A 240 -11.56 13.80 21.05
CA CYS A 240 -12.13 14.00 22.37
C CYS A 240 -13.66 14.08 22.33
N ALA A 241 -14.22 14.66 21.27
CA ALA A 241 -15.67 14.81 21.18
C ALA A 241 -16.35 13.44 21.09
N ILE A 242 -15.76 12.50 20.35
CA ILE A 242 -16.37 11.18 20.25
C ILE A 242 -16.45 10.52 21.62
N VAL A 243 -15.36 10.61 22.40
CA VAL A 243 -15.35 9.99 23.73
C VAL A 243 -16.36 10.66 24.65
N ILE A 244 -16.42 11.99 24.63
CA ILE A 244 -17.39 12.70 25.47
C ILE A 244 -18.81 12.30 25.08
N PHE A 245 -19.08 12.21 23.78
CA PHE A 245 -20.41 11.83 23.31
C PHE A 245 -20.78 10.42 23.78
N ASN A 246 -19.85 9.48 23.68
CA ASN A 246 -20.15 8.12 24.15
C ASN A 246 -20.42 8.11 25.66
N VAL A 247 -19.61 8.85 26.42
CA VAL A 247 -19.76 8.86 27.87
C VAL A 247 -21.11 9.44 28.26
N PHE A 248 -21.52 10.54 27.63
CA PHE A 248 -22.78 11.17 27.98
C PHE A 248 -23.97 10.60 27.21
N MET A 249 -23.75 9.62 26.34
CA MET A 249 -24.85 8.89 25.71
C MET A 249 -25.20 7.62 26.47
N LYS A 250 -24.19 6.90 26.94
CA LYS A 250 -24.44 5.63 27.62
C LYS A 250 -25.29 5.85 28.88
N MET A 251 -24.98 6.88 29.66
CA MET A 251 -25.72 7.12 30.89
C MET A 251 -27.14 7.64 30.62
N VAL A 252 -27.38 8.19 29.43
CA VAL A 252 -28.68 8.79 29.13
C VAL A 252 -29.63 7.77 28.52
N PHE A 253 -29.22 7.12 27.44
CA PHE A 253 -30.17 6.23 26.75
C PHE A 253 -30.34 4.91 27.47
N PHE A 254 -29.27 4.39 28.08
CA PHE A 254 -29.31 3.12 28.80
C PHE A 254 -28.71 3.32 30.19
N PRO A 255 -29.48 3.92 31.11
CA PRO A 255 -28.93 4.19 32.45
C PRO A 255 -28.55 2.90 33.17
N GLN A 256 -27.45 2.98 33.92
CA GLN A 256 -26.97 1.87 34.74
C GLN A 256 -26.98 2.22 36.22
N LEU A 257 -27.69 3.31 36.59
CA LEU A 257 -27.74 3.80 37.96
C LEU A 257 -26.35 4.12 38.49
N THR A 258 -26.20 4.19 39.82
CA THR A 258 -24.93 4.51 40.43
C THR A 258 -24.43 3.33 41.26
N SER A 259 -23.12 3.14 41.27
CA SER A 259 -22.50 2.04 42.01
C SER A 259 -21.61 2.55 43.13
N THR A 260 -20.60 3.37 42.82
CA THR A 260 -19.65 3.87 43.80
C THR A 260 -18.84 4.98 43.15
N VAL A 261 -18.41 5.95 43.96
CA VAL A 261 -17.51 6.99 43.46
C VAL A 261 -16.22 6.37 42.94
N GLY A 262 -15.75 5.31 43.60
CA GLY A 262 -14.59 4.60 43.09
C GLY A 262 -14.84 4.00 41.73
N GLN A 263 -16.07 3.55 41.47
CA GLN A 263 -16.42 3.07 40.13
C GLN A 263 -16.32 4.19 39.11
N ASN A 264 -16.76 5.40 39.46
CA ASN A 264 -16.64 6.54 38.57
C ASN A 264 -15.17 6.86 38.30
N VAL A 265 -14.33 6.81 39.34
CA VAL A 265 -12.91 7.07 39.17
C VAL A 265 -12.28 6.02 38.25
N LEU A 266 -12.65 4.75 38.43
CA LEU A 266 -12.14 3.70 37.56
C LEU A 266 -12.60 3.90 36.12
N TYR A 267 -13.85 4.34 35.94
CA TYR A 267 -14.33 4.64 34.59
C TYR A 267 -13.50 5.76 33.95
N PHE A 268 -13.24 6.81 34.71
CA PHE A 268 -12.42 7.91 34.21
C PHE A 268 -11.03 7.42 33.81
N LEU A 269 -10.42 6.61 34.67
CA LEU A 269 -9.09 6.10 34.37
C LEU A 269 -9.08 5.19 33.16
N GLN A 270 -10.09 4.33 33.02
CA GLN A 270 -10.09 3.38 31.92
C GLN A 270 -10.44 4.05 30.60
N VAL A 271 -11.15 5.17 30.62
CA VAL A 271 -11.41 5.90 29.38
C VAL A 271 -10.37 6.96 29.09
N ALA A 272 -9.50 7.28 30.04
CA ALA A 272 -8.51 8.34 29.85
C ALA A 272 -7.13 7.81 29.51
N VAL A 273 -6.59 6.90 30.30
CA VAL A 273 -5.18 6.52 30.21
C VAL A 273 -4.99 5.17 29.53
N ALA A 274 -5.93 4.23 29.76
CA ALA A 274 -5.71 2.86 29.28
C ALA A 274 -5.62 2.79 27.76
N GLY A 275 -6.50 3.50 27.06
CA GLY A 275 -6.56 3.45 25.62
C GLY A 275 -5.29 3.89 24.91
N PRO A 276 -4.75 5.06 25.29
CA PRO A 276 -3.47 5.47 24.70
C PRO A 276 -2.34 4.48 24.95
N LEU A 277 -2.28 3.88 26.14
CA LEU A 277 -1.23 2.90 26.42
C LEU A 277 -1.40 1.67 25.55
N TRP A 278 -2.64 1.18 25.40
CA TRP A 278 -2.88 0.03 24.55
C TRP A 278 -2.49 0.31 23.11
N GLY A 279 -2.88 1.49 22.60
CA GLY A 279 -2.51 1.86 21.25
C GLY A 279 -1.00 1.96 21.07
N TYR A 280 -0.31 2.56 22.04
CA TYR A 280 1.14 2.66 21.96
C TYR A 280 1.79 1.28 21.95
N ALA A 281 1.29 0.37 22.79
CA ALA A 281 1.86 -0.97 22.84
C ALA A 281 1.70 -1.69 21.51
N VAL A 282 0.49 -1.67 20.94
CA VAL A 282 0.29 -2.38 19.68
C VAL A 282 1.08 -1.71 18.56
N ALA A 283 1.19 -0.38 18.58
CA ALA A 283 1.97 0.30 17.56
C ALA A 283 3.45 -0.08 17.63
N LYS A 284 4.00 -0.11 18.84
CA LYS A 284 5.40 -0.52 18.99
C LYS A 284 5.60 -1.96 18.53
N VAL A 285 4.69 -2.85 18.90
CA VAL A 285 4.83 -4.26 18.52
C VAL A 285 4.80 -4.40 16.99
N THR A 286 3.84 -3.76 16.35
CA THR A 286 3.72 -3.91 14.90
C THR A 286 4.88 -3.24 14.17
N VAL A 287 5.40 -2.12 14.70
CA VAL A 287 6.56 -1.49 14.07
C VAL A 287 7.77 -2.40 14.18
N PHE A 288 7.98 -3.00 15.35
CA PHE A 288 9.10 -3.92 15.51
C PHE A 288 8.97 -5.12 14.57
N PHE A 289 7.77 -5.67 14.44
CA PHE A 289 7.58 -6.80 13.55
C PHE A 289 7.78 -6.42 12.09
N LEU A 290 7.34 -5.21 11.71
CA LEU A 290 7.50 -4.79 10.32
C LEU A 290 8.94 -4.46 9.99
N SER A 291 9.74 -4.06 10.99
CA SER A 291 11.12 -3.68 10.73
C SER A 291 11.98 -4.83 10.22
N HIS A 292 11.51 -6.07 10.33
CA HIS A 292 12.30 -7.22 9.91
C HIS A 292 11.84 -7.84 8.59
N ILE A 293 10.71 -7.42 8.06
CA ILE A 293 10.19 -8.00 6.82
C ILE A 293 10.89 -7.35 5.64
N PHE A 294 11.41 -8.17 4.74
CA PHE A 294 12.15 -7.70 3.56
C PHE A 294 11.45 -8.16 2.29
N ASN A 295 11.15 -7.22 1.40
CA ASN A 295 10.64 -7.51 0.06
C ASN A 295 9.33 -8.30 0.12
N ASP A 296 8.33 -7.69 0.76
CA ASP A 296 6.99 -8.27 0.82
C ASP A 296 6.00 -7.13 1.02
N ALA A 297 5.37 -6.69 -0.07
CA ALA A 297 4.42 -5.59 0.03
C ALA A 297 3.08 -6.05 0.59
N LEU A 298 2.56 -7.17 0.07
CA LEU A 298 1.24 -7.65 0.49
C LEU A 298 1.24 -7.98 1.98
N VAL A 299 2.30 -8.60 2.47
CA VAL A 299 2.37 -8.95 3.88
C VAL A 299 2.32 -7.69 4.74
N GLU A 300 3.09 -6.66 4.38
CA GLU A 300 3.11 -5.43 5.16
C GLU A 300 1.73 -4.76 5.14
N ILE A 301 1.11 -4.68 3.97
CA ILE A 301 -0.21 -4.04 3.87
C ILE A 301 -1.22 -4.77 4.75
N THR A 302 -1.22 -6.11 4.66
CA THR A 302 -2.23 -6.87 5.39
C THR A 302 -1.96 -6.84 6.89
N ILE A 303 -0.70 -6.83 7.33
CA ILE A 303 -0.46 -6.77 8.77
C ILE A 303 -0.86 -5.40 9.30
N THR A 304 -0.61 -4.34 8.53
CA THR A 304 -1.03 -3.02 8.97
C THR A 304 -2.55 -2.95 9.11
N LEU A 305 -3.28 -3.42 8.10
CA LEU A 305 -4.73 -3.37 8.16
C LEU A 305 -5.27 -4.22 9.32
N ALA A 306 -4.74 -5.43 9.47
CA ALA A 306 -5.19 -6.29 10.57
C ALA A 306 -4.87 -5.68 11.92
N ALA A 307 -3.71 -5.05 12.05
CA ALA A 307 -3.34 -4.42 13.31
C ALA A 307 -4.31 -3.31 13.67
N THR A 308 -4.64 -2.44 12.71
CA THR A 308 -5.57 -1.37 12.99
C THR A 308 -6.95 -1.92 13.38
N TYR A 309 -7.46 -2.87 12.60
CA TYR A 309 -8.80 -3.39 12.87
C TYR A 309 -8.85 -4.10 14.21
N LEU A 310 -7.86 -4.95 14.50
CA LEU A 310 -7.83 -5.65 15.79
C LEU A 310 -7.67 -4.68 16.94
N THR A 311 -6.85 -3.64 16.77
CA THR A 311 -6.68 -2.66 17.83
C THR A 311 -8.01 -2.02 18.18
N TYR A 312 -8.74 -1.55 17.17
CA TYR A 312 -10.03 -0.92 17.47
C TYR A 312 -11.02 -1.93 18.05
N TYR A 313 -11.05 -3.15 17.50
CA TYR A 313 -12.01 -4.14 17.95
C TYR A 313 -11.79 -4.49 19.41
N ILE A 314 -10.54 -4.77 19.79
CA ILE A 314 -10.25 -5.13 21.17
C ILE A 314 -10.40 -3.92 22.08
N GLY A 315 -10.13 -2.71 21.58
CA GLY A 315 -10.30 -1.53 22.40
C GLY A 315 -11.75 -1.25 22.75
N ASP A 316 -12.65 -1.36 21.77
CA ASP A 316 -14.03 -0.97 22.00
C ASP A 316 -14.78 -2.04 22.79
N ILE A 317 -14.82 -3.27 22.26
CA ILE A 317 -15.50 -4.38 22.90
C ILE A 317 -14.45 -5.30 23.51
N TRP A 318 -14.94 -6.31 24.24
CA TRP A 318 -14.10 -7.14 25.10
C TRP A 318 -13.50 -6.26 26.20
N LEU A 319 -12.19 -6.04 26.16
CA LEU A 319 -11.58 -5.07 27.05
C LEU A 319 -12.14 -3.69 26.73
N GLU A 320 -12.53 -2.96 27.77
CA GLU A 320 -13.24 -1.69 27.62
C GLU A 320 -12.27 -0.53 27.87
N VAL A 321 -11.90 0.17 26.79
CA VAL A 321 -11.07 1.36 26.89
C VAL A 321 -11.67 2.43 25.99
N SER A 322 -10.95 3.55 25.84
CA SER A 322 -11.47 4.68 25.08
C SER A 322 -11.83 4.29 23.65
N GLY A 323 -10.99 3.48 23.01
CA GLY A 323 -11.25 3.11 21.63
C GLY A 323 -10.51 3.97 20.63
N VAL A 324 -11.20 5.00 20.12
CA VAL A 324 -10.65 5.83 19.04
C VAL A 324 -9.33 6.47 19.43
N LEU A 325 -9.12 6.72 20.72
CA LEU A 325 -7.84 7.28 21.15
C LEU A 325 -6.69 6.34 20.86
N ALA A 326 -6.90 5.03 21.07
CA ALA A 326 -5.87 4.06 20.74
C ALA A 326 -5.56 4.09 19.25
N VAL A 327 -6.59 4.21 18.41
CA VAL A 327 -6.38 4.29 16.97
C VAL A 327 -5.60 5.55 16.61
N VAL A 328 -5.91 6.67 17.28
CA VAL A 328 -5.19 7.91 17.04
C VAL A 328 -3.71 7.74 17.36
N VAL A 329 -3.42 7.15 18.52
CA VAL A 329 -2.03 6.95 18.93
C VAL A 329 -1.31 6.03 17.96
N LEU A 330 -1.96 4.94 17.56
CA LEU A 330 -1.35 4.01 16.62
C LEU A 330 -1.06 4.69 15.29
N GLY A 331 -2.01 5.47 14.78
CA GLY A 331 -1.79 6.16 13.53
C GLY A 331 -0.64 7.15 13.59
N LEU A 332 -0.59 7.93 14.68
CA LEU A 332 0.50 8.89 14.83
C LEU A 332 1.84 8.18 14.90
N ILE A 333 1.94 7.11 15.69
CA ILE A 333 3.19 6.40 15.84
C ILE A 333 3.64 5.80 14.51
N VAL A 334 2.70 5.18 13.79
CA VAL A 334 3.05 4.57 12.50
C VAL A 334 3.50 5.64 11.52
N ASN A 335 2.80 6.77 11.48
CA ASN A 335 3.17 7.85 10.56
C ASN A 335 4.53 8.41 10.89
N ALA A 336 4.89 8.47 12.18
CA ALA A 336 6.20 9.02 12.55
C ALA A 336 7.34 8.06 12.19
N GLU A 337 7.11 6.75 12.32
CA GLU A 337 8.11 5.73 11.99
C GLU A 337 7.95 5.22 10.56
N LYS A 338 7.61 6.08 9.60
CA LYS A 338 7.44 5.63 8.24
C LYS A 338 8.74 5.23 7.56
N THR A 339 9.89 5.51 8.19
CA THR A 339 11.17 5.19 7.56
C THR A 339 11.32 3.69 7.35
N SER A 340 10.89 2.88 8.33
CA SER A 340 11.02 1.43 8.22
C SER A 340 10.06 0.84 7.19
N ILE A 341 9.14 1.62 6.64
CA ILE A 341 8.18 1.15 5.65
C ILE A 341 8.73 1.47 4.27
N SER A 342 8.69 0.48 3.38
CA SER A 342 9.17 0.69 2.02
C SER A 342 8.30 1.72 1.30
N PRO A 343 8.90 2.55 0.43
CA PRO A 343 8.16 3.69 -0.15
C PRO A 343 6.89 3.31 -0.89
N GLU A 344 6.91 2.23 -1.68
CA GLU A 344 5.71 1.85 -2.40
C GLU A 344 4.61 1.42 -1.45
N VAL A 345 4.98 0.78 -0.34
CA VAL A 345 3.99 0.33 0.63
C VAL A 345 3.27 1.53 1.24
N GLU A 346 4.02 2.55 1.64
CA GLU A 346 3.38 3.71 2.26
C GLU A 346 2.59 4.53 1.24
N VAL A 347 3.07 4.60 -0.01
CA VAL A 347 2.30 5.29 -1.04
C VAL A 347 0.96 4.59 -1.27
N PHE A 348 1.00 3.26 -1.39
CA PHE A 348 -0.22 2.48 -1.57
C PHE A 348 -1.15 2.65 -0.38
N LEU A 349 -0.59 2.65 0.83
CA LEU A 349 -1.42 2.81 2.02
C LEU A 349 -2.08 4.18 2.05
N HIS A 350 -1.34 5.23 1.69
CA HIS A 350 -1.93 6.56 1.62
C HIS A 350 -3.11 6.57 0.65
N ARG A 351 -2.90 6.05 -0.56
CA ARG A 351 -3.97 6.06 -1.54
C ARG A 351 -5.17 5.25 -1.08
N PHE A 352 -4.92 4.07 -0.50
CA PHE A 352 -6.01 3.21 -0.04
C PHE A 352 -6.80 3.88 1.07
N TRP A 353 -6.12 4.49 2.04
CA TRP A 353 -6.81 5.11 3.16
C TRP A 353 -7.62 6.32 2.72
N GLU A 354 -7.06 7.15 1.81
CA GLU A 354 -7.84 8.29 1.36
C GLU A 354 -9.03 7.84 0.52
N MET A 355 -8.89 6.77 -0.26
CA MET A 355 -10.03 6.24 -1.00
C MET A 355 -11.11 5.75 -0.05
N LEU A 356 -10.72 5.05 1.02
CA LEU A 356 -11.69 4.58 1.99
C LEU A 356 -12.40 5.75 2.67
N ALA A 357 -11.65 6.80 2.99
CA ALA A 357 -12.27 7.98 3.61
C ALA A 357 -13.26 8.64 2.68
N TYR A 358 -12.91 8.77 1.40
CA TYR A 358 -13.84 9.36 0.44
C TYR A 358 -15.11 8.52 0.31
N LEU A 359 -14.95 7.19 0.25
CA LEU A 359 -16.11 6.31 0.17
C LEU A 359 -16.99 6.47 1.40
N ALA A 360 -16.37 6.54 2.58
CA ALA A 360 -17.14 6.68 3.81
C ALA A 360 -17.90 7.99 3.85
N ASN A 361 -17.25 9.10 3.42
CA ASN A 361 -17.93 10.38 3.41
C ASN A 361 -19.13 10.35 2.45
N THR A 362 -18.93 9.77 1.26
CA THR A 362 -20.03 9.67 0.30
C THR A 362 -21.19 8.89 0.90
N LEU A 363 -20.90 7.75 1.50
CA LEU A 363 -21.97 6.93 2.09
C LEU A 363 -22.68 7.67 3.21
N ILE A 364 -21.92 8.34 4.08
CA ILE A 364 -22.53 9.02 5.23
C ILE A 364 -23.46 10.12 4.75
N PHE A 365 -23.03 10.90 3.75
CA PHE A 365 -23.92 11.91 3.20
C PHE A 365 -25.14 11.28 2.54
N MET A 366 -24.97 10.09 1.94
CA MET A 366 -26.11 9.41 1.33
C MET A 366 -27.17 9.05 2.38
N MET A 367 -26.77 8.35 3.45
CA MET A 367 -27.77 8.05 4.47
C MET A 367 -28.31 9.31 5.13
N VAL A 368 -27.49 10.34 5.30
CA VAL A 368 -28.00 11.59 5.90
C VAL A 368 -29.12 12.16 5.03
N GLY A 369 -28.90 12.20 3.72
CA GLY A 369 -29.93 12.70 2.83
C GLY A 369 -31.19 11.86 2.87
N VAL A 370 -31.04 10.53 2.82
CA VAL A 370 -32.21 9.65 2.79
C VAL A 370 -33.02 9.80 4.07
N VAL A 371 -32.33 9.77 5.23
CA VAL A 371 -33.02 9.80 6.51
C VAL A 371 -33.69 11.16 6.73
N VAL A 372 -32.99 12.25 6.42
CA VAL A 372 -33.62 13.56 6.54
C VAL A 372 -34.75 13.72 5.53
N THR A 373 -34.76 12.92 4.47
CA THR A 373 -35.88 12.97 3.54
C THR A 373 -37.11 12.28 4.09
N GLN A 374 -37.02 10.99 4.41
CA GLN A 374 -38.22 10.24 4.74
C GLN A 374 -38.68 10.49 6.18
N LYS A 375 -37.85 10.18 7.16
CA LYS A 375 -38.27 10.23 8.55
C LYS A 375 -38.28 11.66 9.08
N ALA A 376 -37.13 12.34 9.04
CA ALA A 376 -37.04 13.69 9.58
C ALA A 376 -37.79 14.67 8.69
N LEU A 377 -37.85 15.92 9.17
CA LEU A 377 -38.46 17.06 8.50
C LEU A 377 -39.97 16.93 8.38
N VAL A 378 -40.55 15.82 8.87
CA VAL A 378 -41.99 15.59 8.71
C VAL A 378 -42.78 16.63 9.49
N ALA A 379 -42.40 16.89 10.73
CA ALA A 379 -43.12 17.82 11.61
C ALA A 379 -42.12 18.85 12.14
N VAL A 380 -41.97 19.95 11.42
CA VAL A 380 -41.11 21.06 11.82
C VAL A 380 -41.93 22.34 11.73
N ASP A 381 -41.92 23.12 12.81
CA ASP A 381 -42.68 24.36 12.82
C ASP A 381 -41.86 25.49 12.17
N LYS A 382 -42.50 26.65 12.04
CA LYS A 382 -41.84 27.78 11.40
C LYS A 382 -40.72 28.34 12.25
N MET A 383 -40.82 28.20 13.57
CA MET A 383 -39.86 28.86 14.45
C MET A 383 -38.53 28.12 14.48
N ASP A 384 -38.53 26.81 14.20
CA ASP A 384 -37.31 26.02 14.29
C ASP A 384 -36.21 26.58 13.40
N TRP A 385 -36.54 26.90 12.15
CA TRP A 385 -35.57 27.51 11.24
C TRP A 385 -35.01 28.79 11.86
N PHE A 386 -35.89 29.59 12.48
CA PHE A 386 -35.42 30.77 13.20
C PHE A 386 -34.35 30.39 14.21
N TYR A 387 -34.63 29.39 15.06
CA TYR A 387 -33.64 28.89 16.00
C TYR A 387 -32.34 28.57 15.27
N LEU A 388 -32.45 27.90 14.12
CA LEU A 388 -31.26 27.52 13.36
C LEU A 388 -30.37 28.73 13.15
N ILE A 389 -30.94 29.83 12.66
CA ILE A 389 -30.14 31.02 12.41
C ILE A 389 -29.44 31.44 13.69
N ILE A 390 -30.21 31.55 14.78
CA ILE A 390 -29.62 31.93 16.06
C ILE A 390 -28.47 30.98 16.41
N LEU A 391 -28.73 29.67 16.27
CA LEU A 391 -27.71 28.69 16.60
C LEU A 391 -26.42 28.99 15.86
N TYR A 392 -26.53 29.28 14.56
CA TYR A 392 -25.33 29.53 13.77
C TYR A 392 -24.51 30.65 14.39
N LEU A 393 -25.16 31.77 14.73
CA LEU A 393 -24.44 32.89 15.30
C LEU A 393 -23.66 32.44 16.54
N ALA A 394 -24.32 31.67 17.40
CA ALA A 394 -23.65 31.18 18.59
C ALA A 394 -22.37 30.45 18.22
N ILE A 395 -22.47 29.46 17.32
CA ILE A 395 -21.31 28.65 17.00
C ILE A 395 -20.28 29.40 16.21
N THR A 396 -20.61 30.60 15.70
CA THR A 396 -19.62 31.42 15.01
C THR A 396 -19.08 32.53 15.89
N ILE A 397 -19.54 32.65 17.14
CA ILE A 397 -19.07 33.70 18.02
C ILE A 397 -18.17 33.09 19.10
N ILE A 398 -18.74 32.18 19.89
CA ILE A 398 -18.06 31.72 21.09
C ILE A 398 -16.70 31.13 20.75
N ARG A 399 -16.65 30.24 19.75
CA ARG A 399 -15.38 29.67 19.32
C ARG A 399 -14.36 30.76 19.09
N GLY A 400 -14.73 31.77 18.30
CA GLY A 400 -13.81 32.86 18.04
C GLY A 400 -13.36 33.55 19.32
N MET A 401 -14.32 33.87 20.20
CA MET A 401 -13.96 34.51 21.46
C MET A 401 -12.99 33.64 22.23
N VAL A 402 -13.19 32.31 22.17
CA VAL A 402 -12.27 31.40 22.86
C VAL A 402 -10.85 31.67 22.42
N ILE A 403 -10.62 31.75 21.11
CA ILE A 403 -9.29 32.03 20.60
C ILE A 403 -8.78 33.34 21.19
N SER A 404 -9.62 34.38 21.15
CA SER A 404 -9.21 35.65 21.73
C SER A 404 -8.92 35.49 23.22
N LEU A 405 -9.77 34.75 23.93
CA LEU A 405 -9.57 34.57 25.36
C LEU A 405 -8.29 33.80 25.66
N PHE A 406 -7.72 33.13 24.66
CA PHE A 406 -6.43 32.48 24.82
C PHE A 406 -5.36 33.09 23.94
N SER A 407 -5.68 34.15 23.20
CA SER A 407 -4.70 34.78 22.32
C SER A 407 -3.48 35.30 23.07
N PRO A 408 -3.61 36.05 24.18
CA PRO A 408 -2.40 36.47 24.90
C PRO A 408 -1.55 35.33 25.39
N ILE A 409 -2.18 34.24 25.85
CA ILE A 409 -1.41 33.10 26.33
C ILE A 409 -0.77 32.35 25.17
N LEU A 410 -1.56 32.03 24.14
CA LEU A 410 -1.04 31.27 23.02
C LEU A 410 0.03 32.05 22.26
N SER A 411 -0.01 33.38 22.33
CA SER A 411 1.07 34.16 21.74
C SER A 411 2.39 33.88 22.44
N ARG A 412 2.35 33.72 23.77
CA ARG A 412 3.57 33.41 24.52
C ARG A 412 4.04 31.99 24.27
N ILE A 413 3.19 31.11 23.76
CA ILE A 413 3.51 29.69 23.59
C ILE A 413 3.92 29.45 22.15
N GLY A 414 5.11 28.92 21.95
CA GLY A 414 5.55 28.47 20.63
C GLY A 414 5.54 29.60 19.61
N TYR A 415 4.95 29.31 18.46
CA TYR A 415 4.95 30.27 17.35
C TYR A 415 4.12 31.51 17.64
N GLY A 416 3.23 31.45 18.63
CA GLY A 416 2.29 32.54 18.79
C GLY A 416 1.23 32.51 17.71
N LEU A 417 0.69 33.68 17.39
CA LEU A 417 -0.34 33.80 16.36
C LEU A 417 -0.46 35.26 15.97
N THR A 418 -1.46 35.56 15.14
CA THR A 418 -1.74 36.92 14.71
C THR A 418 -3.25 37.07 14.56
N TRP A 419 -3.71 38.32 14.63
CA TRP A 419 -5.15 38.57 14.55
C TRP A 419 -5.72 38.13 13.20
N ARG A 420 -4.94 38.27 12.12
CA ARG A 420 -5.38 37.76 10.83
C ARG A 420 -5.56 36.25 10.87
N ASN A 421 -4.59 35.55 11.46
CA ASN A 421 -4.72 34.10 11.62
C ASN A 421 -5.89 33.77 12.54
N ALA A 422 -6.11 34.59 13.56
CA ALA A 422 -7.25 34.38 14.45
C ALA A 422 -8.56 34.45 13.68
N VAL A 423 -8.70 35.46 12.80
CA VAL A 423 -9.89 35.56 11.97
C VAL A 423 -9.99 34.35 11.05
N ILE A 424 -8.86 33.91 10.49
CA ILE A 424 -8.89 32.78 9.56
C ILE A 424 -9.43 31.54 10.24
N MET A 425 -8.88 31.19 11.42
CA MET A 425 -9.39 29.99 12.07
C MET A 425 -10.75 30.20 12.72
N THR A 426 -11.13 31.44 12.99
CA THR A 426 -12.49 31.70 13.47
C THR A 426 -13.50 31.40 12.38
N TRP A 427 -13.21 31.82 11.15
CA TRP A 427 -14.12 31.60 10.02
C TRP A 427 -13.86 30.28 9.32
N GLY A 428 -12.87 29.51 9.74
CA GLY A 428 -12.50 28.28 9.05
C GLY A 428 -13.01 27.01 9.70
N GLY A 429 -14.00 27.14 10.59
CA GLY A 429 -14.55 25.98 11.26
C GLY A 429 -15.72 25.37 10.54
N LEU A 430 -15.49 24.28 9.81
CA LEU A 430 -16.52 23.60 9.03
C LEU A 430 -16.84 22.25 9.65
N ARG A 431 -18.12 21.99 9.88
CA ARG A 431 -18.55 20.69 10.36
C ARG A 431 -18.52 19.68 9.22
N GLY A 432 -18.71 18.41 9.56
CA GLY A 432 -18.62 17.36 8.56
C GLY A 432 -19.25 16.03 8.90
N ALA A 433 -18.56 14.95 8.51
CA ALA A 433 -19.18 13.63 8.53
C ALA A 433 -19.37 13.10 9.95
N VAL A 434 -18.47 13.46 10.87
CA VAL A 434 -18.52 12.89 12.21
C VAL A 434 -19.79 13.33 12.94
N GLY A 435 -20.10 14.64 12.87
CA GLY A 435 -21.30 15.12 13.52
C GLY A 435 -22.56 14.52 12.95
N LEU A 436 -22.62 14.40 11.61
CA LEU A 436 -23.78 13.81 10.97
C LEU A 436 -23.93 12.33 11.35
N ALA A 437 -22.81 11.60 11.42
CA ALA A 437 -22.87 10.20 11.82
C ALA A 437 -23.37 10.06 13.25
N LEU A 438 -22.89 10.90 14.16
CA LEU A 438 -23.36 10.84 15.53
C LEU A 438 -24.84 11.18 15.62
N ALA A 439 -25.28 12.19 14.86
CA ALA A 439 -26.71 12.52 14.84
C ALA A 439 -27.54 11.36 14.32
N LEU A 440 -27.05 10.69 13.27
CA LEU A 440 -27.76 9.52 12.74
C LEU A 440 -27.86 8.42 13.78
N VAL A 441 -26.78 8.19 14.52
CA VAL A 441 -26.82 7.19 15.59
C VAL A 441 -27.87 7.55 16.62
N VAL A 442 -27.92 8.83 17.01
CA VAL A 442 -28.89 9.28 18.00
C VAL A 442 -30.31 9.06 17.47
N GLU A 443 -30.55 9.45 16.22
CA GLU A 443 -31.89 9.31 15.65
C GLU A 443 -32.32 7.85 15.57
N ASN A 444 -31.40 6.97 15.18
CA ASN A 444 -31.72 5.55 15.13
C ASN A 444 -32.04 5.02 16.53
N LEU A 445 -31.29 5.45 17.54
CA LEU A 445 -31.57 5.03 18.90
C LEU A 445 -32.70 5.82 19.54
N ALA A 446 -33.19 6.88 18.90
CA ALA A 446 -34.26 7.68 19.45
C ALA A 446 -35.60 6.96 19.32
N GLY A 447 -36.59 7.46 20.06
CA GLY A 447 -37.92 6.87 20.04
C GLY A 447 -39.05 7.87 20.06
N ASN A 448 -38.71 9.16 20.07
CA ASN A 448 -39.70 10.22 20.09
C ASN A 448 -39.21 11.38 19.23
N ASP A 449 -39.87 12.52 19.34
CA ASP A 449 -39.57 13.66 18.49
C ASP A 449 -38.57 14.63 19.10
N VAL A 450 -38.56 14.79 20.42
CA VAL A 450 -37.63 15.70 21.07
C VAL A 450 -36.18 15.25 20.96
N ILE A 451 -35.95 14.02 20.54
CA ILE A 451 -34.61 13.47 20.35
C ILE A 451 -34.55 12.83 18.97
N GLY A 452 -33.47 13.11 18.23
CA GLY A 452 -33.30 12.54 16.92
C GLY A 452 -33.79 13.42 15.79
N SER A 453 -35.10 13.67 15.74
CA SER A 453 -35.65 14.49 14.66
C SER A 453 -35.12 15.91 14.74
N LYS A 454 -35.24 16.54 15.91
CA LYS A 454 -34.67 17.88 16.09
C LYS A 454 -33.16 17.84 15.93
N PHE A 455 -32.51 16.82 16.46
CA PHE A 455 -31.07 16.70 16.33
C PHE A 455 -30.66 16.64 14.86
N LEU A 456 -31.33 15.77 14.08
CA LEU A 456 -31.01 15.66 12.66
C LEU A 456 -31.24 16.97 11.93
N PHE A 457 -32.40 17.60 12.18
CA PHE A 457 -32.72 18.83 11.47
C PHE A 457 -31.70 19.92 11.77
N HIS A 458 -31.37 20.11 13.05
CA HIS A 458 -30.44 21.17 13.42
C HIS A 458 -29.02 20.87 12.92
N THR A 459 -28.58 19.61 13.02
CA THR A 459 -27.25 19.26 12.54
C THR A 459 -27.12 19.47 11.04
N ALA A 460 -28.13 19.02 10.28
CA ALA A 460 -28.10 19.24 8.83
C ALA A 460 -28.11 20.72 8.50
N GLY A 461 -28.94 21.50 9.20
CA GLY A 461 -28.98 22.92 8.94
C GLY A 461 -27.64 23.58 9.19
N ILE A 462 -27.00 23.26 10.32
CA ILE A 462 -25.72 23.87 10.63
C ILE A 462 -24.65 23.46 9.63
N VAL A 463 -24.62 22.17 9.26
CA VAL A 463 -23.60 21.71 8.33
C VAL A 463 -23.77 22.39 6.98
N VAL A 464 -25.00 22.44 6.47
CA VAL A 464 -25.25 23.06 5.17
C VAL A 464 -24.92 24.55 5.21
N LEU A 465 -25.34 25.23 6.28
CA LEU A 465 -25.06 26.66 6.39
C LEU A 465 -23.56 26.93 6.42
N THR A 466 -22.82 26.14 7.19
CA THR A 466 -21.38 26.34 7.27
C THR A 466 -20.73 26.10 5.91
N LEU A 467 -21.05 24.99 5.26
CA LEU A 467 -20.45 24.68 3.97
C LEU A 467 -20.76 25.74 2.94
N VAL A 468 -22.00 26.24 2.92
CA VAL A 468 -22.38 27.23 1.93
C VAL A 468 -21.72 28.58 2.20
N ILE A 469 -21.69 29.01 3.46
CA ILE A 469 -21.30 30.38 3.78
C ILE A 469 -19.79 30.50 3.97
N ASN A 470 -19.23 29.72 4.89
CA ASN A 470 -17.83 29.93 5.26
C ASN A 470 -16.89 29.66 4.10
N ALA A 471 -17.11 28.55 3.39
CA ALA A 471 -16.22 28.19 2.29
C ALA A 471 -16.26 29.22 1.16
N THR A 472 -17.45 29.73 0.86
CA THR A 472 -17.56 30.76 -0.17
C THR A 472 -16.93 32.07 0.29
N THR A 473 -17.14 32.44 1.55
CA THR A 473 -16.74 33.76 2.03
C THR A 473 -15.24 33.86 2.28
N ILE A 474 -14.58 32.76 2.66
CA ILE A 474 -13.17 32.86 3.00
C ILE A 474 -12.35 33.25 1.77
N GLN A 475 -12.84 32.93 0.57
CA GLN A 475 -12.14 33.36 -0.64
C GLN A 475 -12.06 34.88 -0.71
N THR A 476 -13.15 35.56 -0.40
CA THR A 476 -13.12 37.02 -0.31
C THR A 476 -12.30 37.49 0.88
N LEU A 477 -12.40 36.76 2.00
CA LEU A 477 -11.69 37.16 3.22
C LEU A 477 -10.17 37.18 3.00
N LEU A 478 -9.65 36.17 2.31
CA LEU A 478 -8.21 36.05 2.14
C LEU A 478 -7.67 37.21 1.31
N ARG A 479 -8.37 37.61 0.26
CA ARG A 479 -7.93 38.74 -0.55
C ARG A 479 -8.24 40.08 0.12
N ILE A 480 -9.20 40.13 1.05
CA ILE A 480 -9.48 41.38 1.73
C ILE A 480 -8.54 41.61 2.91
N LEU A 481 -7.91 40.55 3.42
CA LEU A 481 -6.91 40.72 4.47
C LEU A 481 -5.51 40.90 3.92
N GLY A 482 -5.09 40.04 2.98
CA GLY A 482 -3.86 40.28 2.26
C GLY A 482 -2.81 39.18 2.29
N MET A 483 -3.20 37.96 2.65
CA MET A 483 -2.26 36.84 2.59
C MET A 483 -2.25 36.16 1.23
N SER A 484 -3.19 36.48 0.35
CA SER A 484 -3.24 35.88 -0.98
C SER A 484 -2.32 36.57 -1.98
N ASP A 485 -1.63 37.63 -1.56
CA ASP A 485 -0.71 38.33 -2.44
C ASP A 485 0.45 37.42 -2.84
N ILE A 486 0.94 37.63 -4.06
CA ILE A 486 2.08 36.90 -4.59
C ILE A 486 3.29 37.81 -4.58
N SER A 487 4.37 37.35 -3.96
CA SER A 487 5.60 38.13 -3.91
C SER A 487 6.15 38.36 -5.30
N ILE A 488 6.63 39.57 -5.56
CA ILE A 488 7.15 39.94 -6.87
C ILE A 488 8.40 39.14 -7.22
N PRO A 489 9.26 38.72 -6.28
CA PRO A 489 10.34 37.81 -6.68
C PRO A 489 9.82 36.49 -7.24
N LYS A 490 8.78 35.93 -6.63
CA LYS A 490 8.20 34.69 -7.13
C LYS A 490 7.59 34.88 -8.51
N ARG A 491 6.87 35.99 -8.70
CA ARG A 491 6.26 36.25 -10.01
C ARG A 491 7.32 36.43 -11.09
N LEU A 492 8.39 37.17 -10.78
CA LEU A 492 9.45 37.37 -11.77
C LEU A 492 10.18 36.06 -12.06
N ALA A 493 10.42 35.25 -11.03
CA ALA A 493 11.07 33.95 -11.24
C ALA A 493 10.22 33.05 -12.12
N MET A 494 8.91 33.01 -11.88
CA MET A 494 8.03 32.19 -12.70
C MET A 494 7.96 32.71 -14.13
N ALA A 495 7.94 34.04 -14.30
CA ALA A 495 7.93 34.60 -15.64
C ALA A 495 9.20 34.24 -16.40
N GLY A 496 10.36 34.35 -15.73
CA GLY A 496 11.59 33.94 -16.37
C GLY A 496 11.62 32.46 -16.70
N ALA A 497 11.10 31.63 -15.79
CA ALA A 497 11.08 30.20 -16.02
C ALA A 497 10.22 29.84 -17.23
N VAL A 498 9.02 30.42 -17.32
CA VAL A 498 8.16 30.11 -18.45
C VAL A 498 8.73 30.70 -19.74
N ARG A 499 9.41 31.84 -19.66
CA ARG A 499 10.04 32.39 -20.85
C ARG A 499 11.15 31.48 -21.37
N ARG A 500 11.98 30.96 -20.47
CA ARG A 500 13.03 30.04 -20.90
C ARG A 500 12.44 28.71 -21.40
N ILE A 501 11.34 28.26 -20.79
CA ILE A 501 10.65 27.07 -21.28
C ILE A 501 10.15 27.30 -22.71
N HIS A 502 9.55 28.47 -22.96
CA HIS A 502 9.09 28.79 -24.31
C HIS A 502 10.25 28.88 -25.29
N GLU A 503 11.40 29.37 -24.81
CA GLU A 503 12.60 29.36 -25.63
C GLU A 503 12.99 27.93 -26.01
N GLY A 504 12.93 27.02 -25.04
CA GLY A 504 13.18 25.62 -25.34
C GLY A 504 12.18 25.07 -26.35
N GLN A 505 10.92 25.48 -26.23
CA GLN A 505 9.90 25.02 -27.18
C GLN A 505 10.22 25.47 -28.60
N ASN A 506 10.56 26.74 -28.78
CA ASN A 506 10.84 27.21 -30.13
C ASN A 506 12.16 26.65 -30.65
N ARG A 507 13.13 26.39 -29.77
CA ARG A 507 14.36 25.72 -30.20
C ARG A 507 14.06 24.30 -30.69
N THR A 508 13.21 23.57 -29.97
CA THR A 508 12.82 22.24 -30.42
C THR A 508 12.09 22.29 -31.75
N LEU A 509 11.19 23.28 -31.91
CA LEU A 509 10.48 23.42 -33.18
C LEU A 509 11.45 23.73 -34.31
N ASN A 510 12.44 24.59 -34.06
CA ASN A 510 13.46 24.89 -35.05
C ASN A 510 14.23 23.64 -35.43
N MET A 511 14.57 22.81 -34.45
CA MET A 511 15.28 21.57 -34.73
C MET A 511 14.43 20.65 -35.60
N LEU A 512 13.16 20.47 -35.24
CA LEU A 512 12.33 19.45 -35.87
C LEU A 512 11.62 19.92 -37.14
N LYS A 513 11.67 21.20 -37.48
CA LYS A 513 10.98 21.64 -38.69
C LYS A 513 11.74 21.30 -39.97
N SER A 514 12.99 20.85 -39.86
CA SER A 514 13.81 20.52 -41.03
C SER A 514 14.07 19.02 -41.14
N ASP A 515 13.15 18.21 -40.63
CA ASP A 515 13.35 16.76 -40.67
C ASP A 515 13.14 16.22 -42.08
N ARG A 516 13.93 15.19 -42.42
CA ARG A 516 13.74 14.49 -43.68
C ARG A 516 12.44 13.69 -43.72
N PHE A 517 11.85 13.43 -42.56
CA PHE A 517 10.60 12.67 -42.47
C PHE A 517 9.45 13.50 -41.94
N LEU A 518 9.63 14.18 -40.81
CA LEU A 518 8.60 15.04 -40.24
C LEU A 518 8.63 16.42 -40.92
N ALA A 519 8.47 16.39 -42.24
CA ALA A 519 8.56 17.60 -43.06
C ALA A 519 7.20 18.18 -43.41
N ASP A 520 6.19 17.34 -43.65
CA ASP A 520 4.88 17.80 -44.07
C ASP A 520 3.91 17.97 -42.90
N ALA A 521 4.36 17.78 -41.67
CA ALA A 521 3.48 17.96 -40.52
C ALA A 521 3.03 19.41 -40.41
N ASP A 522 1.73 19.61 -40.16
CA ASP A 522 1.19 20.95 -40.04
C ASP A 522 1.73 21.63 -38.78
N TRP A 523 2.21 22.86 -38.93
CA TRP A 523 2.87 23.57 -37.84
C TRP A 523 1.91 24.34 -36.96
N ASP A 524 0.63 24.45 -37.34
CA ASP A 524 -0.35 25.13 -36.49
C ASP A 524 -0.45 24.45 -35.14
N ILE A 525 -0.19 23.14 -35.08
CA ILE A 525 -0.23 22.40 -33.83
C ILE A 525 0.79 22.91 -32.83
N ALA A 526 1.78 23.69 -33.28
CA ALA A 526 2.68 24.34 -32.34
C ALA A 526 1.91 25.25 -31.40
N THR A 527 0.94 26.00 -31.93
CA THR A 527 0.07 26.80 -31.07
C THR A 527 -0.68 25.90 -30.08
N ALA A 528 -1.01 24.68 -30.50
CA ALA A 528 -1.61 23.72 -29.57
C ALA A 528 -0.64 23.36 -28.46
N ALA A 529 0.64 23.19 -28.80
CA ALA A 529 1.65 22.91 -27.78
C ALA A 529 1.77 24.09 -26.83
N CYS A 530 2.23 25.23 -27.35
CA CYS A 530 2.34 26.48 -26.60
C CYS A 530 2.96 26.28 -25.22
N GLU A 531 2.53 27.08 -24.25
CA GLU A 531 2.93 26.91 -22.86
C GLU A 531 1.98 27.74 -22.00
N ILE A 532 1.89 27.36 -20.73
CA ILE A 532 0.97 28.03 -19.81
C ILE A 532 1.46 29.45 -19.57
N SER A 533 0.63 30.43 -19.90
CA SER A 533 0.90 31.80 -19.52
C SER A 533 0.84 31.93 -18.01
N ASP A 534 1.66 32.84 -17.47
CA ASP A 534 1.86 32.98 -16.02
C ASP A 534 0.53 32.92 -15.28
N PRO A 535 0.29 31.86 -14.49
CA PRO A 535 -1.01 31.69 -13.83
C PRO A 535 -1.37 32.85 -12.92
N TYR A 536 -0.39 33.47 -12.27
CA TYR A 536 -0.66 34.66 -11.47
C TYR A 536 -1.19 35.80 -12.35
N SER A 537 -0.58 35.97 -13.54
CA SER A 537 -1.02 36.95 -14.54
C SER A 537 -1.00 38.33 -13.90
N ALA A 538 -2.10 39.08 -13.92
CA ALA A 538 -2.18 40.42 -13.34
C ALA A 538 -1.10 41.34 -13.88
N ARG A 573 17.20 56.22 3.29
CA ARG A 573 16.10 55.27 3.26
C ARG A 573 16.36 54.16 2.24
N GLU A 574 17.37 54.37 1.38
CA GLU A 574 17.68 53.39 0.36
C GLU A 574 18.28 52.11 0.94
N PHE A 575 18.74 52.15 2.19
CA PHE A 575 19.39 50.98 2.78
C PHE A 575 18.45 49.78 2.81
N ALA A 576 17.25 49.97 3.39
CA ALA A 576 16.40 48.86 3.75
C ALA A 576 16.10 47.95 2.55
N ASP A 577 15.90 48.55 1.37
CA ASP A 577 15.54 47.73 0.22
C ASP A 577 16.66 46.79 -0.20
N MET A 578 17.89 47.30 -0.31
CA MET A 578 18.99 46.40 -0.65
C MET A 578 19.26 45.40 0.47
N MET A 579 19.16 45.82 1.74
CA MET A 579 19.28 44.84 2.82
C MET A 579 18.30 43.69 2.66
N GLU A 580 17.01 44.00 2.47
CA GLU A 580 16.01 42.93 2.44
C GLU A 580 16.16 42.07 1.18
N GLU A 581 16.38 42.69 0.02
CA GLU A 581 16.51 41.89 -1.20
C GLU A 581 17.76 41.02 -1.15
N ALA A 582 18.88 41.55 -0.64
CA ALA A 582 20.08 40.74 -0.50
C ALA A 582 19.85 39.59 0.48
N ARG A 583 19.15 39.86 1.60
CA ARG A 583 18.88 38.81 2.57
C ARG A 583 18.06 37.69 1.94
N LEU A 584 17.02 38.05 1.18
CA LEU A 584 16.22 37.03 0.49
C LEU A 584 17.06 36.27 -0.53
N ARG A 585 17.97 36.96 -1.21
CA ARG A 585 18.83 36.29 -2.18
C ARG A 585 19.73 35.25 -1.49
N MET A 586 20.34 35.63 -0.37
CA MET A 586 21.09 34.65 0.40
C MET A 586 20.22 33.49 0.82
N LEU A 587 19.00 33.76 1.30
CA LEU A 587 18.15 32.68 1.78
C LEU A 587 17.83 31.68 0.68
N LYS A 588 17.48 32.18 -0.51
CA LYS A 588 17.17 31.26 -1.60
C LYS A 588 18.43 30.50 -2.04
N ALA A 589 19.59 31.17 -2.03
CA ALA A 589 20.82 30.47 -2.34
C ALA A 589 21.08 29.34 -1.36
N GLU A 590 20.88 29.60 -0.06
CA GLU A 590 21.04 28.54 0.94
C GLU A 590 20.13 27.37 0.63
N LYS A 591 18.83 27.63 0.46
CA LYS A 591 17.91 26.49 0.33
C LYS A 591 18.16 25.70 -0.94
N ILE A 592 18.51 26.38 -2.04
CA ILE A 592 18.84 25.62 -3.24
C ILE A 592 20.11 24.81 -3.05
N SER A 593 21.09 25.35 -2.31
CA SER A 593 22.29 24.56 -2.01
C SER A 593 21.96 23.32 -1.19
N TYR A 594 21.08 23.47 -0.20
CA TYR A 594 20.70 22.31 0.62
C TYR A 594 19.97 21.27 -0.21
N TRP A 595 19.08 21.71 -1.10
CA TRP A 595 18.39 20.76 -1.97
C TRP A 595 19.36 20.04 -2.89
N LYS A 596 20.37 20.76 -3.40
CA LYS A 596 21.40 20.12 -4.19
C LYS A 596 22.14 19.05 -3.38
N GLN A 597 22.54 19.41 -2.16
CA GLN A 597 23.24 18.46 -1.30
C GLN A 597 22.39 17.22 -1.06
N PHE A 598 21.07 17.41 -0.90
CA PHE A 598 20.20 16.27 -0.70
C PHE A 598 20.15 15.39 -1.95
N GLU A 599 19.89 15.98 -3.12
CA GLU A 599 19.67 15.13 -4.28
C GLU A 599 20.95 14.41 -4.67
N HIS A 600 22.10 14.96 -4.31
CA HIS A 600 23.35 14.23 -4.50
C HIS A 600 23.61 13.21 -3.40
N GLY A 601 22.74 13.11 -2.40
CA GLY A 601 22.90 12.15 -1.33
C GLY A 601 23.96 12.55 -0.33
N MET A 602 23.75 13.69 0.34
CA MET A 602 24.75 14.20 1.27
C MET A 602 24.16 14.74 2.56
N LEU A 603 22.83 14.77 2.73
CA LEU A 603 22.24 15.45 3.86
C LEU A 603 21.08 14.72 4.53
N ALA A 604 20.65 13.57 4.03
CA ALA A 604 19.47 12.87 4.55
C ALA A 604 18.26 13.82 4.44
N ARG A 605 17.24 13.62 5.26
CA ARG A 605 16.03 14.42 5.14
C ARG A 605 15.68 15.20 6.40
N GLU A 606 15.85 14.62 7.59
CA GLU A 606 15.46 15.31 8.81
C GLU A 606 16.28 16.58 9.01
N ALA A 607 17.60 16.49 8.81
CA ALA A 607 18.43 17.68 8.88
C ALA A 607 17.99 18.71 7.85
N LEU A 608 17.67 18.25 6.64
CA LEU A 608 17.24 19.17 5.59
C LEU A 608 15.97 19.90 6.00
N ARG A 609 14.93 19.17 6.41
CA ARG A 609 13.67 19.83 6.73
C ARG A 609 13.84 20.77 7.91
N LEU A 610 14.56 20.34 8.95
CA LEU A 610 14.75 21.19 10.12
C LEU A 610 15.48 22.47 9.74
N LEU A 611 16.55 22.35 8.97
CA LEU A 611 17.34 23.53 8.67
C LEU A 611 16.67 24.44 7.62
N VAL A 612 15.86 23.88 6.71
CA VAL A 612 15.15 24.74 5.78
C VAL A 612 13.98 25.43 6.45
N GLN A 613 13.33 24.78 7.43
CA GLN A 613 12.31 25.51 8.17
C GLN A 613 12.94 26.59 9.03
N HIS A 614 14.12 26.34 9.60
CA HIS A 614 14.85 27.43 10.25
C HIS A 614 15.14 28.55 9.25
N ALA A 615 15.49 28.19 8.02
CA ALA A 615 15.78 29.17 7.00
C ALA A 615 14.56 30.04 6.70
N GLU A 616 13.38 29.43 6.52
CA GLU A 616 12.25 30.26 6.12
C GLU A 616 11.71 31.02 7.33
N VAL A 617 11.92 30.50 8.55
CA VAL A 617 11.59 31.24 9.75
C VAL A 617 12.44 32.51 9.81
N ALA A 618 13.74 32.39 9.52
CA ALA A 618 14.58 33.57 9.43
C ALA A 618 14.12 34.48 8.28
N ALA A 619 13.63 33.89 7.20
CA ALA A 619 13.20 34.66 6.04
C ALA A 619 12.02 35.56 6.40
N ASP A 620 11.01 35.01 7.07
CA ASP A 620 9.86 35.84 7.43
C ASP A 620 10.19 36.84 8.53
N GLU A 621 11.31 36.66 9.23
CA GLU A 621 11.72 37.60 10.25
C GLU A 621 12.18 38.92 9.62
N LYS A 622 12.14 39.98 10.42
CA LYS A 622 12.47 41.31 9.94
C LYS A 622 14.00 41.44 9.86
N ASP A 623 14.50 41.54 8.62
CA ASP A 623 15.92 41.74 8.34
C ASP A 623 16.84 40.83 9.16
N GLN A 624 16.41 39.60 9.37
CA GLN A 624 17.16 38.64 10.18
C GLN A 624 17.66 37.52 9.28
N PHE A 625 18.97 37.31 9.28
CA PHE A 625 19.57 36.23 8.51
C PHE A 625 19.36 34.91 9.25
N ILE A 626 19.95 33.83 8.75
CA ILE A 626 19.88 32.56 9.46
C ILE A 626 20.58 32.66 10.81
N LEU A 627 21.54 33.59 10.94
CA LEU A 627 22.21 33.92 12.19
C LEU A 627 23.06 32.77 12.73
N VAL A 628 23.99 33.09 13.63
CA VAL A 628 24.84 32.07 14.21
C VAL A 628 24.02 31.11 15.04
N ASP A 629 24.47 29.86 15.10
CA ASP A 629 23.76 28.82 15.84
C ASP A 629 23.93 28.98 17.35
N ASP A 630 23.34 30.03 17.90
CA ASP A 630 23.33 30.19 19.36
C ASP A 630 22.54 29.06 20.01
N LEU A 631 21.30 28.85 19.56
CA LEU A 631 20.53 27.66 19.93
C LEU A 631 19.77 27.07 18.76
N LYS A 632 19.74 27.75 17.60
CA LYS A 632 19.00 27.24 16.45
C LYS A 632 19.55 25.90 15.99
N LYS A 633 20.88 25.78 15.94
CA LYS A 633 21.52 24.52 15.61
C LYS A 633 22.49 24.03 16.67
N SER A 634 22.90 24.88 17.62
CA SER A 634 23.73 24.42 18.72
C SER A 634 22.99 23.41 19.58
N TRP A 635 21.66 23.58 19.72
CA TRP A 635 20.87 22.63 20.50
C TRP A 635 21.00 21.22 19.94
N GLN A 636 20.98 21.08 18.62
CA GLN A 636 21.14 19.76 18.02
C GLN A 636 22.51 19.16 18.31
N ILE A 637 23.48 19.99 18.69
CA ILE A 637 24.80 19.49 19.03
C ILE A 637 24.93 19.12 20.51
N LYS A 638 24.11 19.72 21.38
CA LYS A 638 24.18 19.49 22.81
C LYS A 638 22.98 18.66 23.25
N GLY A 639 23.24 17.44 23.73
CA GLY A 639 22.19 16.60 24.26
C GLY A 639 21.88 16.95 25.70
N ILE A 640 21.21 18.07 25.91
CA ILE A 640 20.98 18.59 27.26
C ILE A 640 19.68 18.05 27.84
N TYR A 641 19.08 17.06 27.18
CA TYR A 641 17.97 16.35 27.77
C TYR A 641 18.42 15.63 29.03
N PRO A 642 17.51 15.41 29.98
CA PRO A 642 17.87 14.61 31.17
C PRO A 642 18.18 13.16 30.86
N TRP A 643 18.19 12.77 29.58
CA TRP A 643 18.44 11.38 29.22
C TRP A 643 19.83 10.93 29.66
N LEU A 644 20.84 11.77 29.44
CA LEU A 644 22.19 11.38 29.86
C LEU A 644 22.33 11.39 31.37
N LYS A 645 21.63 12.30 32.07
CA LYS A 645 21.62 12.28 33.52
C LYS A 645 20.99 10.99 34.04
N ARG A 646 19.87 10.59 33.44
CA ARG A 646 19.28 9.31 33.81
C ARG A 646 20.21 8.15 33.49
N LYS A 647 21.01 8.29 32.42
CA LYS A 647 22.01 7.28 32.11
C LYS A 647 23.06 7.19 33.21
N LEU A 648 23.49 8.34 33.75
CA LEU A 648 24.42 8.31 34.88
C LEU A 648 23.77 7.66 36.10
N GLU A 649 22.50 7.95 36.34
CA GLU A 649 21.82 7.29 37.46
C GLU A 649 21.75 5.79 37.27
N ASP A 650 21.46 5.34 36.05
CA ASP A 650 21.45 3.91 35.76
C ASP A 650 22.83 3.30 35.94
N LEU A 651 23.87 4.04 35.55
CA LEU A 651 25.24 3.54 35.71
C LEU A 651 25.59 3.36 37.18
N ILE A 652 25.25 4.35 38.01
CA ILE A 652 25.54 4.23 39.44
C ILE A 652 24.66 3.15 40.07
N SER A 653 23.48 2.90 39.51
CA SER A 653 22.67 1.78 39.97
C SER A 653 23.34 0.45 39.63
N GLU A 654 23.94 0.36 38.46
CA GLU A 654 24.64 -0.85 38.02
C GLU A 654 26.08 -0.91 38.51
N LYS A 655 26.53 0.08 39.28
CA LYS A 655 27.89 0.08 39.80
C LYS A 655 28.11 -1.12 40.72
N LYS A 656 29.22 -1.82 40.50
CA LYS A 656 29.56 -3.01 41.27
C LYS A 656 31.03 -3.33 41.01
N ILE A 657 31.55 -4.30 41.77
CA ILE A 657 32.92 -4.74 41.58
C ILE A 657 33.04 -5.45 40.25
N ALA A 658 34.06 -5.08 39.47
CA ALA A 658 34.26 -5.72 38.17
C ALA A 658 34.54 -7.20 38.30
N ALA A 659 35.36 -7.58 39.28
CA ALA A 659 35.71 -8.98 39.51
C ALA A 659 35.66 -9.26 41.00
N ILE A 660 34.89 -10.26 41.40
CA ILE A 660 34.79 -10.68 42.79
C ILE A 660 36.08 -11.42 43.16
N PRO A 661 36.40 -11.55 44.44
CA PRO A 661 37.61 -12.30 44.82
C PRO A 661 37.51 -13.74 44.36
N MET A 662 38.65 -14.28 43.90
CA MET A 662 38.69 -15.62 43.33
C MET A 662 38.79 -16.66 44.45
N PRO A 663 37.81 -17.57 44.55
CA PRO A 663 37.92 -18.64 45.55
C PRO A 663 39.02 -19.62 45.18
N LYS A 664 39.60 -20.24 46.22
CA LYS A 664 40.67 -21.20 46.04
C LYS A 664 40.41 -22.54 46.70
N TYR A 665 39.49 -22.62 47.66
CA TYR A 665 39.23 -23.88 48.34
C TYR A 665 38.46 -24.84 47.44
N LYS A 666 38.85 -26.12 47.51
CA LYS A 666 38.19 -27.22 46.79
C LYS A 666 38.27 -26.93 45.29
N LEU A 667 37.14 -26.78 44.59
CA LEU A 667 37.20 -26.54 43.14
C LEU A 667 37.85 -25.20 42.82
N GLY A 668 37.55 -24.16 43.59
CA GLY A 668 38.18 -22.87 43.36
C GLY A 668 37.57 -22.13 42.20
N LYS A 669 38.44 -21.68 41.28
CA LYS A 669 38.02 -20.78 40.21
C LYS A 669 36.91 -21.40 39.37
N LEU A 670 37.03 -22.69 39.04
CA LEU A 670 35.98 -23.37 38.29
C LEU A 670 34.63 -23.23 38.98
N MET A 671 34.60 -23.45 40.30
CA MET A 671 33.37 -23.23 41.04
C MET A 671 32.90 -21.79 40.91
N TYR A 672 33.82 -20.83 41.01
CA TYR A 672 33.47 -19.44 40.74
C TYR A 672 32.97 -19.29 39.31
N LYS A 673 33.63 -19.95 38.36
CA LYS A 673 33.13 -19.96 36.98
C LYS A 673 31.75 -20.60 36.90
N ILE A 674 31.47 -21.56 37.78
CA ILE A 674 30.11 -22.11 37.85
C ILE A 674 29.15 -21.07 38.40
N CYS A 675 29.60 -20.26 39.36
CA CYS A 675 28.76 -19.28 40.00
C CYS A 675 28.76 -17.92 39.28
N HIS A 676 29.53 -17.79 38.19
CA HIS A 676 29.59 -16.51 37.49
C HIS A 676 29.45 -16.66 35.98
N HIS A 677 29.13 -17.86 35.49
CA HIS A 677 28.94 -18.05 34.06
C HIS A 677 27.64 -17.42 33.61
N MET A 678 27.62 -16.98 32.34
CA MET A 678 26.39 -16.45 31.77
C MET A 678 25.29 -17.51 31.70
N ALA A 679 25.68 -18.78 31.54
CA ALA A 679 24.70 -19.86 31.52
C ALA A 679 23.96 -19.97 32.84
N PHE A 680 24.68 -19.81 33.96
CA PHE A 680 24.04 -19.88 35.27
C PHE A 680 23.03 -18.74 35.45
N GLU A 681 23.40 -17.53 35.04
CA GLU A 681 22.46 -16.41 35.14
C GLU A 681 21.25 -16.61 34.24
N VAL A 682 21.47 -17.14 33.03
CA VAL A 682 20.35 -17.42 32.13
C VAL A 682 19.44 -18.48 32.73
N THR A 683 20.02 -19.50 33.35
CA THR A 683 19.22 -20.54 33.99
C THR A 683 18.40 -19.98 35.16
N ILE A 684 19.01 -19.11 35.96
CA ILE A 684 18.28 -18.50 37.07
C ILE A 684 17.13 -17.65 36.55
N ASN A 685 17.39 -16.86 35.50
CA ASN A 685 16.32 -16.05 34.91
C ASN A 685 15.20 -16.90 34.34
N ILE A 686 15.55 -18.01 33.68
CA ILE A 686 14.53 -18.89 33.11
C ILE A 686 13.73 -19.55 34.23
N ALA A 687 14.39 -19.91 35.33
CA ALA A 687 13.68 -20.47 36.47
C ALA A 687 12.69 -19.46 37.06
N ILE A 688 13.12 -18.20 37.18
CA ILE A 688 12.23 -17.16 37.68
C ILE A 688 11.05 -16.98 36.73
N VAL A 689 11.31 -16.94 35.43
CA VAL A 689 10.24 -16.78 34.44
C VAL A 689 9.26 -17.93 34.44
N LEU A 690 9.74 -19.16 34.63
CA LEU A 690 8.87 -20.33 34.69
C LEU A 690 8.11 -20.43 36.00
N ASN A 691 8.68 -19.96 37.11
CA ASN A 691 7.97 -19.95 38.38
C ASN A 691 7.03 -18.77 38.51
N ILE A 692 7.14 -17.77 37.63
CA ILE A 692 6.17 -16.67 37.62
C ILE A 692 4.77 -17.21 37.35
N VAL A 693 4.65 -18.19 36.44
CA VAL A 693 3.35 -18.82 36.20
C VAL A 693 2.81 -19.47 37.47
N PRO A 694 3.62 -20.17 38.28
CA PRO A 694 3.10 -20.69 39.54
C PRO A 694 2.57 -19.61 40.47
N ILE A 695 3.18 -18.43 40.46
CA ILE A 695 2.67 -17.32 41.28
C ILE A 695 1.28 -16.92 40.80
N ILE A 696 1.09 -16.86 39.48
CA ILE A 696 -0.22 -16.52 38.92
C ILE A 696 -1.24 -17.58 39.30
N MET A 697 -0.86 -18.86 39.21
CA MET A 697 -1.78 -19.93 39.58
C MET A 697 -2.16 -19.85 41.05
N GLU A 698 -1.18 -19.59 41.92
CA GLU A 698 -1.47 -19.47 43.35
C GLU A 698 -2.38 -18.28 43.63
N PHE A 699 -2.15 -17.15 42.95
CA PHE A 699 -3.02 -16.00 43.13
C PHE A 699 -4.44 -16.29 42.67
N VAL A 700 -4.57 -16.99 41.53
CA VAL A 700 -5.90 -17.35 41.04
C VAL A 700 -6.60 -18.27 42.01
N VAL A 701 -5.88 -19.25 42.56
CA VAL A 701 -6.47 -20.16 43.53
C VAL A 701 -6.88 -19.44 44.82
N GLN A 702 -6.04 -18.53 45.31
CA GLN A 702 -6.37 -17.79 46.52
C GLN A 702 -7.57 -16.87 46.30
N ASP A 703 -7.65 -16.22 45.14
CA ASP A 703 -8.76 -15.33 44.86
C ASP A 703 -10.08 -16.06 44.65
N LYS A 704 -10.03 -17.34 44.27
CA LYS A 704 -11.24 -18.12 44.06
C LYS A 704 -11.88 -18.52 45.39
N SER A 723 -13.35 -32.28 42.48
CA SER A 723 -11.99 -32.79 42.51
C SER A 723 -11.02 -31.79 41.86
N SER A 724 -11.57 -30.73 41.28
CA SER A 724 -10.75 -29.71 40.64
C SER A 724 -9.85 -29.01 41.67
N LEU A 725 -10.41 -28.66 42.82
CA LEU A 725 -9.63 -28.02 43.88
C LEU A 725 -8.76 -29.01 44.65
N GLN A 726 -9.08 -30.31 44.57
CA GLN A 726 -8.29 -31.31 45.29
C GLN A 726 -6.86 -31.34 44.78
N LYS A 727 -6.68 -31.25 43.45
CA LYS A 727 -5.33 -31.22 42.90
C LYS A 727 -4.58 -29.98 43.35
N ILE A 728 -5.21 -28.81 43.24
CA ILE A 728 -4.55 -27.55 43.58
C ILE A 728 -4.28 -27.46 45.07
N GLU A 729 -4.97 -28.27 45.88
CA GLU A 729 -4.72 -28.26 47.32
C GLU A 729 -3.29 -28.64 47.66
N ASP A 730 -2.62 -29.38 46.76
CA ASP A 730 -1.23 -29.78 46.99
C ASP A 730 -0.29 -29.45 45.84
N ALA A 731 -0.79 -29.23 44.62
CA ALA A 731 0.09 -28.94 43.50
C ALA A 731 0.81 -27.61 43.68
N LEU A 732 0.10 -26.59 44.17
CA LEU A 732 0.72 -25.29 44.41
C LEU A 732 1.82 -25.39 45.47
N ARG A 733 1.56 -26.12 46.55
CA ARG A 733 2.57 -26.30 47.59
C ARG A 733 3.77 -27.05 47.06
N ILE A 734 3.54 -28.10 46.26
CA ILE A 734 4.64 -28.86 45.70
C ILE A 734 5.49 -28.01 44.76
N SER A 735 4.83 -27.21 43.91
CA SER A 735 5.56 -26.34 42.99
C SER A 735 6.36 -25.28 43.74
N ASN A 736 5.76 -24.71 44.79
CA ASN A 736 6.48 -23.72 45.60
C ASN A 736 7.69 -24.35 46.29
N TYR A 737 7.53 -25.56 46.84
CA TYR A 737 8.66 -26.23 47.48
C TYR A 737 9.76 -26.55 46.47
N VAL A 738 9.39 -26.98 45.26
CA VAL A 738 10.38 -27.29 44.23
C VAL A 738 11.13 -26.03 43.82
N PHE A 739 10.40 -24.91 43.64
CA PHE A 739 11.04 -23.66 43.28
C PHE A 739 11.98 -23.18 44.39
N PHE A 740 11.55 -23.33 45.66
CA PHE A 740 12.39 -22.95 46.78
C PHE A 740 13.65 -23.79 46.84
N VAL A 741 13.53 -25.10 46.57
CA VAL A 741 14.69 -25.97 46.55
C VAL A 741 15.64 -25.60 45.43
N ILE A 742 15.10 -25.28 44.25
CA ILE A 742 15.95 -24.87 43.13
C ILE A 742 16.69 -23.58 43.47
N TYR A 743 15.99 -22.62 44.06
CA TYR A 743 16.62 -21.37 44.46
C TYR A 743 17.70 -21.60 45.51
N ALA A 744 17.44 -22.48 46.48
CA ALA A 744 18.42 -22.79 47.50
C ALA A 744 19.66 -23.43 46.89
N ILE A 745 19.47 -24.34 45.94
CA ILE A 745 20.61 -24.96 45.25
C ILE A 745 21.40 -23.91 44.48
N GLU A 746 20.71 -23.00 43.78
CA GLU A 746 21.41 -21.96 43.04
C GLU A 746 22.20 -21.05 43.97
N ALA A 747 21.61 -20.71 45.13
CA ALA A 747 22.32 -19.89 46.10
C ALA A 747 23.52 -20.63 46.68
N ILE A 748 23.39 -21.94 46.90
CA ILE A 748 24.51 -22.73 47.40
C ILE A 748 25.63 -22.77 46.37
N VAL A 749 25.27 -22.77 45.08
CA VAL A 749 26.28 -22.71 44.02
C VAL A 749 27.08 -21.42 44.14
N LYS A 750 26.40 -20.30 44.41
CA LYS A 750 27.08 -19.02 44.62
C LYS A 750 27.48 -18.92 46.10
N ILE A 751 27.88 -17.73 46.52
CA ILE A 751 28.21 -17.40 47.91
C ILE A 751 29.46 -18.14 48.38
N LEU A 752 29.55 -19.43 48.05
CA LEU A 752 30.70 -20.23 48.46
C LEU A 752 31.99 -19.64 47.93
N GLY A 753 33.00 -19.54 48.80
CA GLY A 753 34.28 -18.95 48.47
C GLY A 753 34.33 -17.44 48.63
N LEU A 754 33.25 -16.75 48.26
CA LEU A 754 33.21 -15.30 48.42
C LEU A 754 33.26 -14.90 49.89
N GLY A 755 32.51 -15.61 50.73
CA GLY A 755 32.46 -15.30 52.15
C GLY A 755 31.92 -13.91 52.43
N ARG A 756 32.76 -13.04 52.98
CA ARG A 756 32.35 -11.67 53.24
C ARG A 756 31.96 -10.95 51.95
N HIS A 757 32.60 -11.31 50.83
CA HIS A 757 32.21 -10.74 49.55
C HIS A 757 30.76 -11.04 49.20
N TYR A 758 30.23 -12.17 49.69
CA TYR A 758 28.81 -12.43 49.53
C TYR A 758 27.96 -11.42 50.28
N ILE A 759 28.40 -11.04 51.49
CA ILE A 759 27.66 -10.06 52.27
C ILE A 759 27.93 -8.63 51.81
N VAL A 760 29.07 -8.38 51.18
CA VAL A 760 29.39 -7.04 50.70
C VAL A 760 28.44 -6.63 49.58
N SER A 761 28.13 -7.57 48.67
CA SER A 761 27.24 -7.27 47.56
C SER A 761 25.80 -7.20 48.03
N HIS A 762 25.36 -6.00 48.41
CA HIS A 762 23.98 -5.82 48.87
C HIS A 762 22.98 -6.12 47.76
N TRP A 763 23.31 -5.72 46.52
CA TRP A 763 22.44 -6.02 45.40
C TRP A 763 22.28 -7.53 45.21
N ASN A 764 23.38 -8.27 45.32
CA ASN A 764 23.29 -9.72 45.28
C ASN A 764 22.65 -10.29 46.54
N LYS A 765 22.91 -9.68 47.69
CA LYS A 765 22.31 -10.15 48.94
C LYS A 765 20.80 -9.95 48.98
N PHE A 766 20.27 -9.08 48.11
CA PHE A 766 18.82 -8.87 48.07
C PHE A 766 18.08 -10.13 47.65
N ASP A 767 18.78 -11.08 47.03
CA ASP A 767 18.17 -12.34 46.59
C ASP A 767 18.08 -13.36 47.73
N ALA A 768 18.61 -13.05 48.90
CA ALA A 768 18.52 -13.93 50.06
C ALA A 768 17.33 -13.63 50.95
N PHE A 769 16.83 -12.39 50.93
CA PHE A 769 15.64 -12.06 51.71
C PHE A 769 14.42 -12.82 51.19
N ILE A 770 14.30 -12.98 49.88
CA ILE A 770 13.19 -13.76 49.32
C ILE A 770 13.27 -15.21 49.79
N LEU A 771 14.46 -15.79 49.78
CA LEU A 771 14.63 -17.16 50.26
C LEU A 771 14.30 -17.27 51.75
N VAL A 772 14.71 -16.28 52.54
CA VAL A 772 14.39 -16.29 53.97
C VAL A 772 12.89 -16.22 54.19
N VAL A 773 12.21 -15.36 53.43
CA VAL A 773 10.76 -15.23 53.56
C VAL A 773 10.07 -16.52 53.15
N ALA A 774 10.54 -17.15 52.08
CA ALA A 774 9.96 -18.41 51.64
C ALA A 774 10.15 -19.50 52.68
N LEU A 775 11.34 -19.57 53.29
CA LEU A 775 11.59 -20.54 54.34
C LEU A 775 10.70 -20.29 55.55
N VAL A 776 10.52 -19.03 55.94
CA VAL A 776 9.66 -18.71 57.07
C VAL A 776 8.22 -19.12 56.77
N ASP A 777 7.74 -18.82 55.57
CA ASP A 777 6.39 -19.21 55.18
C ASP A 777 6.21 -20.72 55.15
N ILE A 778 7.19 -21.46 54.62
CA ILE A 778 7.12 -22.92 54.60
C ILE A 778 7.11 -23.49 56.01
N ILE A 779 7.96 -22.96 56.90
CA ILE A 779 7.99 -23.44 58.27
C ILE A 779 6.66 -23.16 58.98
N ILE A 780 6.09 -21.99 58.74
CA ILE A 780 4.80 -21.65 59.36
C ILE A 780 3.70 -22.56 58.83
N ALA A 781 3.67 -22.80 57.52
CA ALA A 781 2.60 -23.57 56.90
C ALA A 781 2.78 -25.07 57.04
N GLU A 782 3.94 -25.54 57.50
CA GLU A 782 4.15 -26.97 57.67
C GLU A 782 3.12 -27.57 58.63
N THR A 783 2.95 -26.95 59.80
CA THR A 783 1.96 -27.40 60.78
C THR A 783 0.92 -26.35 61.08
N LEU A 784 1.34 -25.12 61.39
CA LEU A 784 0.45 -23.99 61.67
C LEU A 784 -0.41 -24.23 62.91
N LEU A 785 -0.22 -25.36 63.58
CA LEU A 785 -0.96 -25.66 64.80
C LEU A 785 -0.02 -26.17 65.89
N LYS A 786 1.10 -26.76 65.49
CA LYS A 786 2.04 -27.31 66.46
C LYS A 786 2.73 -26.19 67.25
N GLY A 787 3.05 -25.09 66.59
CA GLY A 787 3.74 -24.01 67.26
C GLY A 787 3.83 -22.78 66.38
N SER A 788 4.78 -21.92 66.74
CA SER A 788 5.05 -20.67 66.01
C SER A 788 3.82 -19.77 65.99
N ILE A 789 3.19 -19.64 64.81
CA ILE A 789 2.04 -18.75 64.69
C ILE A 789 0.87 -19.26 65.53
N THR A 790 0.63 -20.57 65.50
CA THR A 790 -0.47 -21.22 66.24
C THR A 790 -1.77 -20.62 65.74
N ILE A 791 -2.61 -20.02 66.60
CA ILE A 791 -3.89 -19.49 66.18
C ILE A 791 -3.93 -17.98 66.41
N ASN A 792 -2.77 -17.34 66.34
CA ASN A 792 -2.70 -15.89 66.53
C ASN A 792 -3.13 -15.17 65.25
N LEU A 793 -3.20 -13.84 65.35
CA LEU A 793 -3.53 -13.00 64.21
C LEU A 793 -2.36 -13.02 63.24
N SER A 794 -2.43 -13.91 62.24
CA SER A 794 -1.30 -14.18 61.36
C SER A 794 -1.85 -14.75 60.06
N SER A 795 -0.96 -15.35 59.26
CA SER A 795 -1.34 -15.92 57.97
C SER A 795 -2.33 -17.06 58.15
N ILE A 796 -2.48 -17.56 59.37
CA ILE A 796 -3.52 -18.55 59.64
C ILE A 796 -4.90 -17.99 59.34
N LYS A 797 -5.14 -16.73 59.71
CA LYS A 797 -6.43 -16.10 59.42
C LYS A 797 -6.64 -15.95 57.93
N VAL A 798 -5.66 -15.41 57.22
CA VAL A 798 -5.71 -15.24 55.77
C VAL A 798 -4.41 -15.77 55.18
N VAL A 799 -4.52 -16.78 54.31
CA VAL A 799 -3.33 -17.41 53.73
C VAL A 799 -2.68 -16.56 52.66
N LYS A 800 -3.32 -15.46 52.24
CA LYS A 800 -2.76 -14.62 51.19
C LYS A 800 -1.38 -14.09 51.57
N LEU A 801 -1.16 -13.82 52.85
CA LEU A 801 0.15 -13.35 53.30
C LEU A 801 1.24 -14.35 52.95
N PHE A 802 0.94 -15.65 52.96
CA PHE A 802 1.90 -16.63 52.51
C PHE A 802 2.09 -16.57 51.01
N ARG A 803 1.00 -16.40 50.27
CA ARG A 803 1.06 -16.37 48.81
C ARG A 803 1.65 -15.05 48.29
N LEU A 804 1.26 -13.93 48.90
CA LEU A 804 1.68 -12.62 48.39
C LEU A 804 3.19 -12.47 48.42
N LEU A 805 3.83 -12.91 49.51
CA LEU A 805 5.29 -12.86 49.59
C LEU A 805 5.91 -13.70 48.46
N ARG A 806 5.26 -14.80 48.08
CA ARG A 806 5.76 -15.64 47.01
C ARG A 806 5.81 -14.89 45.68
N GLY A 807 5.08 -13.78 45.55
CA GLY A 807 5.15 -12.97 44.36
C GLY A 807 6.35 -12.05 44.28
N LEU A 808 7.16 -11.97 45.34
CA LEU A 808 8.34 -11.11 45.33
C LEU A 808 9.50 -11.72 44.56
N ARG A 809 9.51 -13.04 44.35
CA ARG A 809 10.64 -13.69 43.69
C ARG A 809 10.82 -13.17 42.26
N MET A 810 9.74 -12.76 41.62
CA MET A 810 9.82 -12.23 40.27
C MET A 810 10.50 -10.86 40.20
N LEU A 811 10.72 -10.22 41.33
CA LEU A 811 11.31 -8.88 41.35
C LEU A 811 12.83 -8.90 41.22
N ARG A 812 13.46 -10.08 41.30
CA ARG A 812 14.92 -10.18 41.21
C ARG A 812 15.35 -10.48 39.77
N LEU A 813 15.01 -9.57 38.87
CA LEU A 813 15.35 -9.73 37.46
C LEU A 813 15.89 -8.48 36.79
N THR A 814 15.89 -7.32 37.45
CA THR A 814 16.29 -6.07 36.81
C THR A 814 17.78 -6.01 36.49
N LYS A 815 18.58 -6.93 37.03
CA LYS A 815 20.02 -6.89 36.81
C LYS A 815 20.37 -6.96 35.34
N ALA A 816 19.63 -7.76 34.56
CA ALA A 816 19.82 -7.82 33.12
C ALA A 816 18.94 -6.84 32.35
N LEU A 817 17.87 -6.36 32.99
CA LEU A 817 16.98 -5.42 32.31
C LEU A 817 17.57 -4.02 32.21
N ILE A 818 18.28 -3.57 33.25
CA ILE A 818 18.84 -2.21 33.24
C ILE A 818 19.71 -1.95 32.02
N PRO A 819 20.62 -2.85 31.62
CA PRO A 819 21.43 -2.55 30.42
C PRO A 819 20.60 -2.35 29.17
N LYS A 820 19.42 -2.95 29.07
CA LYS A 820 18.61 -2.76 27.86
C LYS A 820 18.20 -1.30 27.69
N LEU A 821 17.61 -0.72 28.73
CA LEU A 821 17.27 0.70 28.63
C LEU A 821 18.51 1.59 28.62
N ILE A 822 19.61 1.13 29.22
CA ILE A 822 20.86 1.88 29.09
C ILE A 822 21.25 2.02 27.62
N LEU A 823 21.21 0.91 26.88
CA LEU A 823 21.51 0.96 25.46
C LEU A 823 20.46 1.75 24.69
N VAL A 824 19.20 1.71 25.13
CA VAL A 824 18.16 2.49 24.46
C VAL A 824 18.48 3.99 24.57
N VAL A 825 18.82 4.44 25.77
CA VAL A 825 19.16 5.85 25.97
C VAL A 825 20.43 6.21 25.21
N ASN A 826 21.40 5.28 25.19
CA ASN A 826 22.61 5.52 24.41
C ASN A 826 22.29 5.70 22.93
N GLY A 827 21.42 4.86 22.40
CA GLY A 827 21.02 5.01 21.01
C GLY A 827 20.30 6.32 20.75
N LYS A 828 19.45 6.73 21.68
CA LYS A 828 18.73 8.00 21.51
C LYS A 828 19.70 9.18 21.46
N ILE A 829 20.64 9.24 22.41
CA ILE A 829 21.57 10.36 22.42
C ILE A 829 22.51 10.29 21.22
N ASN A 830 22.88 9.10 20.78
CA ASN A 830 23.71 8.97 19.59
C ASN A 830 22.97 9.46 18.35
N ASN A 831 21.68 9.15 18.24
CA ASN A 831 20.89 9.66 17.13
C ASN A 831 20.81 11.18 17.16
N GLN A 832 20.63 11.75 18.35
CA GLN A 832 20.62 13.22 18.46
C GLN A 832 21.95 13.81 18.02
N LEU A 833 23.06 13.20 18.44
CA LEU A 833 24.37 13.68 18.02
C LEU A 833 24.56 13.58 16.52
N SER A 834 24.08 12.48 15.92
CA SER A 834 24.19 12.32 14.48
C SER A 834 23.40 13.40 13.75
N LEU A 835 22.18 13.70 14.23
CA LEU A 835 21.39 14.76 13.62
C LEU A 835 22.10 16.10 13.73
N GLY A 836 22.68 16.39 14.89
CA GLY A 836 23.41 17.64 15.04
C GLY A 836 24.59 17.74 14.10
N TYR A 837 25.35 16.65 13.97
CA TYR A 837 26.50 16.66 13.06
C TYR A 837 26.06 16.85 11.61
N ASP A 838 24.95 16.21 11.22
CA ASP A 838 24.45 16.40 9.86
C ASP A 838 24.03 17.84 9.63
N VAL A 839 23.37 18.45 10.61
CA VAL A 839 22.96 19.85 10.47
C VAL A 839 24.17 20.75 10.33
N GLY A 840 25.20 20.52 11.15
CA GLY A 840 26.41 21.32 11.03
C GLY A 840 27.09 21.16 9.68
N LYS A 841 27.17 19.93 9.18
CA LYS A 841 27.76 19.69 7.87
C LYS A 841 26.99 20.44 6.79
N GLY A 842 25.66 20.36 6.83
CA GLY A 842 24.85 21.07 5.86
C GLY A 842 25.06 22.57 5.91
N TYR A 843 25.08 23.13 7.12
CA TYR A 843 25.26 24.58 7.25
C TYR A 843 26.61 25.01 6.70
N ILE A 844 27.68 24.29 7.05
CA ILE A 844 29.01 24.74 6.61
C ILE A 844 29.16 24.58 5.11
N ILE A 845 28.64 23.49 4.53
CA ILE A 845 28.76 23.29 3.09
C ILE A 845 27.96 24.37 2.34
N GLY A 846 26.73 24.62 2.79
CA GLY A 846 25.95 25.66 2.16
C GLY A 846 26.59 27.03 2.26
N GLU A 847 27.19 27.33 3.41
CA GLU A 847 27.87 28.60 3.57
C GLU A 847 29.06 28.72 2.62
N GLU A 848 29.84 27.65 2.47
CA GLU A 848 30.95 27.68 1.54
C GLU A 848 30.47 27.93 0.11
N GLU A 849 29.43 27.19 -0.30
CA GLU A 849 28.93 27.35 -1.67
C GLU A 849 28.40 28.75 -1.91
N VAL A 850 27.66 29.29 -0.95
CA VAL A 850 27.09 30.62 -1.13
C VAL A 850 28.18 31.68 -1.14
N GLY A 851 29.20 31.51 -0.30
CA GLY A 851 30.33 32.43 -0.33
C GLY A 851 31.05 32.40 -1.66
N LYS A 852 31.19 31.22 -2.26
CA LYS A 852 31.83 31.14 -3.56
C LYS A 852 30.95 31.59 -4.71
N ILE A 853 29.63 31.59 -4.53
CA ILE A 853 28.71 31.93 -5.63
C ILE A 853 28.36 33.41 -5.63
N ILE A 854 27.91 33.94 -4.50
CA ILE A 854 27.38 35.31 -4.44
C ILE A 854 28.47 36.37 -4.54
N ASP A 855 29.75 35.97 -4.46
CA ASP A 855 30.83 36.94 -4.32
C ASP A 855 30.78 38.03 -5.39
N ARG A 856 30.40 37.68 -6.62
CA ARG A 856 30.31 38.66 -7.69
C ARG A 856 28.88 39.09 -8.01
N MET A 857 27.88 38.39 -7.48
CA MET A 857 26.49 38.79 -7.73
C MET A 857 26.15 40.11 -7.03
N VAL A 858 26.65 40.30 -5.81
CA VAL A 858 26.31 41.49 -5.03
C VAL A 858 26.94 42.72 -5.67
N ASP A 859 26.17 43.79 -5.78
CA ASP A 859 26.63 45.04 -6.40
C ASP A 859 27.29 45.97 -5.39
N ASN A 860 26.60 46.29 -4.29
CA ASN A 860 27.12 47.24 -3.31
C ASN A 860 28.23 46.60 -2.49
N LYS A 861 29.35 47.31 -2.36
CA LYS A 861 30.50 46.77 -1.64
C LYS A 861 30.20 46.59 -0.16
N LYS A 862 29.43 47.51 0.43
CA LYS A 862 29.16 47.43 1.87
C LYS A 862 28.19 46.30 2.19
N ILE A 863 27.25 46.03 1.29
CA ILE A 863 26.36 44.89 1.46
C ILE A 863 27.16 43.60 1.47
N LEU A 864 28.10 43.48 0.52
CA LEU A 864 28.97 42.31 0.48
C LEU A 864 29.80 42.20 1.75
N ARG A 865 30.34 43.33 2.23
CA ARG A 865 31.15 43.29 3.45
C ARG A 865 30.34 42.79 4.63
N GLU A 866 29.14 43.34 4.83
CA GLU A 866 28.31 42.94 5.96
C GLU A 866 27.93 41.46 5.87
N LEU A 867 27.46 41.04 4.70
CA LEU A 867 27.01 39.65 4.54
C LEU A 867 28.17 38.68 4.73
N LYS A 868 29.34 39.00 4.16
CA LYS A 868 30.48 38.11 4.29
C LYS A 868 31.00 38.08 5.72
N HIS A 869 30.94 39.21 6.44
CA HIS A 869 31.36 39.20 7.84
C HIS A 869 30.43 38.32 8.67
N ILE A 870 29.12 38.45 8.46
CA ILE A 870 28.17 37.61 9.19
C ILE A 870 28.40 36.14 8.87
N SER A 871 28.57 35.83 7.59
CA SER A 871 28.80 34.45 7.18
C SER A 871 30.09 33.89 7.79
N GLU A 872 31.15 34.70 7.81
CA GLU A 872 32.40 34.27 8.41
C GLU A 872 32.24 34.00 9.89
N THR A 873 31.55 34.88 10.60
CA THR A 873 31.32 34.65 12.03
C THR A 873 30.58 33.34 12.25
N GLY A 874 29.50 33.13 11.50
CA GLY A 874 28.75 31.89 11.66
C GLY A 874 29.58 30.66 11.34
N ARG A 875 30.34 30.70 10.25
CA ARG A 875 31.08 29.52 9.81
C ARG A 875 32.19 29.17 10.79
N LEU A 876 32.98 30.16 11.21
CA LEU A 876 34.06 29.89 12.15
C LEU A 876 33.58 29.75 13.59
N GLN A 877 32.31 29.98 13.88
CA GLN A 877 31.77 29.51 15.14
C GLN A 877 31.35 28.05 15.04
N VAL A 878 30.61 27.71 13.98
CA VAL A 878 30.06 26.37 13.88
C VAL A 878 31.16 25.33 13.65
N VAL A 879 32.22 25.68 12.93
CA VAL A 879 33.28 24.70 12.69
C VAL A 879 33.98 24.35 14.00
N LYS A 880 34.22 25.35 14.86
CA LYS A 880 34.84 25.08 16.15
C LYS A 880 33.91 24.27 17.04
N GLU A 881 32.61 24.59 17.01
CA GLU A 881 31.66 23.80 17.80
C GLU A 881 31.64 22.34 17.35
N LEU A 882 31.63 22.11 16.03
CA LEU A 882 31.64 20.74 15.52
C LEU A 882 32.94 20.03 15.87
N GLY A 883 34.07 20.74 15.81
CA GLY A 883 35.34 20.13 16.19
C GLY A 883 35.36 19.73 17.65
N LEU A 884 34.84 20.58 18.53
CA LEU A 884 34.74 20.21 19.94
C LEU A 884 33.84 19.00 20.14
N LEU A 885 32.70 18.96 19.43
CA LEU A 885 31.81 17.81 19.53
C LEU A 885 32.51 16.53 19.09
N GLN A 886 33.25 16.59 17.98
CA GLN A 886 33.96 15.41 17.51
C GLN A 886 35.04 14.98 18.50
N ARG A 887 35.77 15.95 19.06
CA ARG A 887 36.85 15.62 19.99
C ARG A 887 36.31 14.97 21.26
N GLU A 888 35.21 15.50 21.81
CA GLU A 888 34.70 14.95 23.07
C GLU A 888 34.09 13.57 22.90
N HIS A 889 33.43 13.32 21.76
CA HIS A 889 32.77 12.03 21.51
C HIS A 889 33.13 11.55 20.10
N PRO A 890 34.26 10.88 19.94
CA PRO A 890 34.65 10.37 18.61
C PRO A 890 33.77 9.23 18.11
N GLY A 891 32.94 8.63 18.96
CA GLY A 891 32.21 7.44 18.55
C GLY A 891 31.16 7.72 17.49
N ILE A 892 30.44 8.83 17.60
CA ILE A 892 29.30 9.06 16.72
C ILE A 892 29.73 9.62 15.38
N ALA A 893 30.75 10.49 15.37
CA ALA A 893 31.16 11.14 14.14
C ALA A 893 31.67 10.13 13.11
N VAL A 894 32.48 9.16 13.55
CA VAL A 894 33.02 8.16 12.63
C VAL A 894 31.90 7.34 12.02
N SER A 895 30.93 6.93 12.85
CA SER A 895 29.80 6.18 12.34
C SER A 895 29.00 6.99 11.33
N VAL A 896 28.82 8.29 11.60
CA VAL A 896 28.09 9.15 10.68
C VAL A 896 28.81 9.23 9.34
N LYS A 897 30.13 9.40 9.38
CA LYS A 897 30.90 9.48 8.14
C LYS A 897 30.81 8.19 7.35
N THR A 898 30.91 7.04 8.04
CA THR A 898 30.81 5.75 7.37
C THR A 898 29.45 5.58 6.71
N ARG A 899 28.38 5.91 7.44
CA ARG A 899 27.03 5.78 6.89
C ARG A 899 26.85 6.66 5.66
N GLN A 900 27.31 7.91 5.74
CA GLN A 900 27.17 8.81 4.60
C GLN A 900 27.96 8.30 3.39
N ALA A 901 29.18 7.82 3.62
CA ALA A 901 30.00 7.32 2.53
C ALA A 901 29.33 6.12 1.84
N ILE A 902 28.86 5.16 2.64
CA ILE A 902 28.28 3.98 2.03
C ILE A 902 26.97 4.31 1.32
N ARG A 903 26.17 5.22 1.89
CA ARG A 903 24.90 5.54 1.25
C ARG A 903 25.13 6.28 -0.06
N THR A 904 26.11 7.19 -0.12
CA THR A 904 26.37 7.86 -1.40
C THR A 904 27.00 6.90 -2.40
N ILE A 905 27.81 5.94 -1.94
CA ILE A 905 28.34 4.91 -2.83
C ILE A 905 27.20 4.12 -3.45
N LEU A 906 26.23 3.71 -2.63
CA LEU A 906 25.10 2.96 -3.14
C LEU A 906 24.26 3.80 -4.10
N ASN A 907 24.08 5.08 -3.79
CA ASN A 907 23.32 5.96 -4.68
C ASN A 907 24.00 6.06 -6.05
N HIS A 908 25.31 6.25 -6.07
CA HIS A 908 26.01 6.34 -7.35
C HIS A 908 26.02 5.00 -8.08
N SER A 909 26.07 3.88 -7.34
CA SER A 909 25.95 2.58 -7.99
C SER A 909 24.58 2.42 -8.65
N ARG A 910 23.52 2.88 -7.98
CA ARG A 910 22.19 2.84 -8.57
C ARG A 910 22.13 3.71 -9.81
N GLU A 911 22.75 4.88 -9.76
CA GLU A 911 22.78 5.76 -10.93
C GLU A 911 23.48 5.09 -12.10
N THR A 912 24.61 4.44 -11.84
CA THR A 912 25.33 3.73 -12.91
C THR A 912 24.50 2.58 -13.47
N ILE A 913 23.80 1.86 -12.59
CA ILE A 913 22.93 0.76 -13.06
C ILE A 913 21.82 1.30 -13.95
N HIS A 914 21.22 2.41 -13.55
CA HIS A 914 20.18 3.03 -14.38
C HIS A 914 20.75 3.49 -15.72
N GLU A 915 21.97 4.03 -15.71
CA GLU A 915 22.61 4.43 -16.96
C GLU A 915 22.84 3.22 -17.86
N LEU A 916 23.27 2.09 -17.28
CA LEU A 916 23.44 0.87 -18.07
C LEU A 916 22.12 0.41 -18.65
N GLN A 917 21.04 0.48 -17.87
CA GLN A 917 19.73 0.11 -18.38
C GLN A 917 19.32 1.00 -19.53
N GLY A 918 19.57 2.31 -19.40
CA GLY A 918 19.28 3.23 -20.50
C GLY A 918 20.11 2.95 -21.73
N ALA A 919 21.35 2.51 -21.55
CA ALA A 919 22.22 2.14 -22.66
C ALA A 919 21.92 0.75 -23.20
N GLY A 920 21.02 -0.01 -22.54
CA GLY A 920 20.63 -1.31 -23.05
C GLY A 920 21.70 -2.37 -22.99
N LEU A 921 22.76 -2.16 -22.22
CA LEU A 921 23.78 -3.19 -22.07
C LEU A 921 23.21 -4.42 -21.37
N LEU A 922 22.20 -4.24 -20.53
CA LEU A 922 21.55 -5.32 -19.82
C LEU A 922 20.05 -5.24 -20.04
N ASP A 923 19.39 -6.40 -19.96
CA ASP A 923 17.95 -6.44 -20.03
C ASP A 923 17.35 -5.84 -18.75
N GLU A 924 16.09 -5.42 -18.84
CA GLU A 924 15.47 -4.70 -17.74
C GLU A 924 15.26 -5.58 -16.51
N MET A 925 15.14 -6.90 -16.70
CA MET A 925 14.87 -7.77 -15.56
C MET A 925 16.11 -7.97 -14.68
N GLU A 926 17.28 -8.12 -15.30
CA GLU A 926 18.52 -8.16 -14.52
C GLU A 926 18.76 -6.81 -13.85
N ALA A 927 18.43 -5.72 -14.53
CA ALA A 927 18.55 -4.40 -13.92
C ALA A 927 17.64 -4.29 -12.70
N HIS A 928 16.41 -4.80 -12.79
CA HIS A 928 15.51 -4.77 -11.64
C HIS A 928 16.01 -5.67 -10.52
N LYS A 929 16.62 -6.80 -10.86
CA LYS A 929 17.18 -7.67 -9.84
C LYS A 929 18.30 -6.97 -9.07
N LEU A 930 19.26 -6.41 -9.81
CA LEU A 930 20.32 -5.63 -9.16
C LEU A 930 19.74 -4.48 -8.37
N GLU A 931 18.65 -3.88 -8.87
CA GLU A 931 18.02 -2.76 -8.19
C GLU A 931 17.49 -3.18 -6.82
N LEU A 932 16.68 -4.24 -6.77
CA LEU A 932 16.10 -4.56 -5.46
C LEU A 932 17.14 -5.15 -4.53
N THR A 933 18.23 -5.73 -5.07
CA THR A 933 19.36 -6.04 -4.19
C THR A 933 19.95 -4.77 -3.59
N VAL A 934 20.06 -3.71 -4.39
CA VAL A 934 20.60 -2.45 -3.88
C VAL A 934 19.69 -1.87 -2.80
N GLU A 935 18.37 -1.91 -3.02
CA GLU A 935 17.44 -1.46 -1.97
C GLU A 935 17.47 -2.35 -0.74
N ILE A 936 17.71 -3.65 -0.89
CA ILE A 936 17.87 -4.50 0.28
C ILE A 936 19.09 -4.06 1.08
N LYS A 937 20.19 -3.77 0.38
CA LYS A 937 21.38 -3.27 1.06
C LYS A 937 21.10 -1.94 1.75
N MET A 938 20.33 -1.06 1.10
CA MET A 938 20.01 0.23 1.70
C MET A 938 19.16 0.06 2.96
N LYS A 939 18.18 -0.84 2.93
CA LYS A 939 17.37 -1.08 4.12
C LYS A 939 18.21 -1.68 5.24
N ARG A 940 19.15 -2.57 4.91
CA ARG A 940 20.10 -3.05 5.91
C ARG A 940 20.95 -1.91 6.46
N LEU A 941 21.26 -0.92 5.62
CA LEU A 941 21.97 0.26 6.08
C LEU A 941 21.12 1.04 7.08
N MET A 942 19.83 1.17 6.82
CA MET A 942 19.00 2.07 7.61
C MET A 942 18.90 1.62 9.06
N ASN A 943 18.75 0.32 9.31
CA ASN A 943 18.62 -0.19 10.67
C ASN A 943 19.96 -0.57 11.28
N ALA A 944 21.08 -0.16 10.67
CA ALA A 944 22.38 -0.41 11.25
C ALA A 944 22.57 0.41 12.53
N PRO A 945 23.37 -0.07 13.47
CA PRO A 945 23.61 0.70 14.70
C PRO A 945 24.28 2.04 14.39
N SER A 946 23.94 3.03 15.19
CA SER A 946 24.45 4.38 15.01
C SER A 946 25.81 4.62 15.65
N SER A 947 26.37 3.62 16.32
CA SER A 947 27.66 3.75 16.99
C SER A 947 28.63 2.72 16.44
N ILE A 948 29.87 3.14 16.22
CA ILE A 948 30.93 2.26 15.73
C ILE A 948 32.14 2.42 16.65
N PRO A 949 32.70 1.32 17.15
CA PRO A 949 33.85 1.45 18.04
C PRO A 949 35.05 2.03 17.30
N PRO A 950 35.89 2.79 17.98
CA PRO A 950 37.07 3.34 17.32
C PRO A 950 38.04 2.25 16.93
N PRO A 951 38.78 2.42 15.85
CA PRO A 951 39.75 1.40 15.44
C PRO A 951 41.02 1.49 16.28
N PRO A 952 41.72 0.37 16.46
CA PRO A 952 42.98 0.41 17.20
C PRO A 952 44.02 1.25 16.45
N PRO A 953 44.94 1.89 17.18
CA PRO A 953 45.89 2.79 16.51
C PRO A 953 46.82 2.12 15.51
N GLU A 954 47.02 0.81 15.62
CA GLU A 954 47.98 0.13 14.74
C GLU A 954 47.52 0.21 13.28
N ASN A 955 46.24 0.03 13.02
CA ASN A 955 45.73 0.07 11.65
C ASN A 955 45.79 1.50 11.09
N HIS B 71 -28.64 -2.02 19.77
CA HIS B 71 -28.30 -3.26 20.47
C HIS B 71 -26.78 -3.39 20.61
N ALA B 72 -26.36 -4.22 21.56
CA ALA B 72 -24.93 -4.47 21.79
C ALA B 72 -24.34 -5.47 20.81
N HIS B 73 -25.02 -5.76 19.70
CA HIS B 73 -24.51 -6.68 18.71
C HIS B 73 -23.22 -6.13 18.10
N ALA B 74 -22.32 -7.04 17.75
CA ALA B 74 -21.00 -6.68 17.26
C ALA B 74 -20.70 -7.41 15.96
N PRO B 75 -19.85 -6.84 15.10
CA PRO B 75 -19.44 -7.55 13.88
C PRO B 75 -18.51 -8.70 14.19
N LYS B 76 -19.09 -9.84 14.58
CA LYS B 76 -18.32 -10.99 15.03
C LYS B 76 -17.38 -11.53 13.97
N VAL B 77 -17.62 -11.23 12.69
CA VAL B 77 -16.79 -11.77 11.61
C VAL B 77 -15.45 -11.07 11.48
N ILE B 78 -15.25 -9.95 12.17
CA ILE B 78 -14.01 -9.19 12.01
C ILE B 78 -12.83 -9.94 12.59
N VAL B 79 -13.03 -10.61 13.74
CA VAL B 79 -11.91 -11.24 14.43
C VAL B 79 -11.33 -12.39 13.60
N PHE B 80 -12.19 -13.20 12.98
CA PHE B 80 -11.71 -14.37 12.26
C PHE B 80 -10.98 -13.97 10.98
N ILE B 81 -11.69 -13.26 10.08
CA ILE B 81 -11.13 -12.99 8.75
C ILE B 81 -9.82 -12.22 8.85
N SER B 82 -9.68 -11.39 9.89
CA SER B 82 -8.41 -10.70 10.10
C SER B 82 -7.39 -11.62 10.76
N GLY B 83 -7.81 -12.39 11.78
CA GLY B 83 -6.87 -13.26 12.45
C GLY B 83 -6.29 -14.30 11.52
N SER B 84 -7.13 -14.90 10.67
CA SER B 84 -6.65 -15.80 9.64
C SER B 84 -5.54 -15.15 8.82
N CYS B 85 -5.72 -13.87 8.48
CA CYS B 85 -4.71 -13.14 7.72
C CYS B 85 -3.34 -13.24 8.39
N LEU B 86 -3.31 -13.10 9.72
CA LEU B 86 -2.03 -13.17 10.42
C LEU B 86 -1.38 -14.53 10.22
N PHE B 87 -2.18 -15.60 10.24
CA PHE B 87 -1.62 -16.94 9.99
C PHE B 87 -0.98 -17.02 8.62
N GLY B 88 -1.51 -16.28 7.64
CA GLY B 88 -0.84 -16.19 6.35
C GLY B 88 0.48 -15.45 6.44
N ALA B 89 0.49 -14.33 7.18
CA ALA B 89 1.68 -13.48 7.21
C ALA B 89 2.88 -14.21 7.77
N ILE B 90 2.68 -15.01 8.82
CA ILE B 90 3.76 -15.85 9.33
C ILE B 90 4.20 -16.86 8.28
N SER B 91 3.25 -17.48 7.60
CA SER B 91 3.58 -18.55 6.66
C SER B 91 4.35 -18.03 5.46
N ARG B 92 3.94 -16.87 4.91
CA ARG B 92 4.58 -16.37 3.71
C ARG B 92 6.04 -15.99 3.97
N SER B 93 6.29 -15.29 5.08
CA SER B 93 7.65 -14.82 5.35
C SER B 93 8.55 -15.95 5.81
N LEU B 94 8.06 -16.83 6.68
CA LEU B 94 8.91 -17.87 7.26
C LEU B 94 9.19 -18.99 6.26
N PHE B 95 8.22 -19.36 5.44
CA PHE B 95 8.31 -20.52 4.58
C PHE B 95 8.67 -20.18 3.14
N LYS B 96 9.09 -18.93 2.87
CA LYS B 96 9.41 -18.56 1.50
C LYS B 96 10.68 -19.26 1.01
N LYS B 97 11.60 -19.59 1.91
CA LYS B 97 12.84 -20.23 1.50
C LYS B 97 12.61 -21.70 1.14
N LEU B 98 11.74 -22.38 1.87
CA LEU B 98 11.50 -23.79 1.60
C LEU B 98 10.73 -23.94 0.29
N PRO B 99 11.00 -25.00 -0.49
CA PRO B 99 10.26 -25.18 -1.75
C PRO B 99 8.76 -25.39 -1.55
N ILE B 100 8.36 -25.98 -0.44
CA ILE B 100 6.94 -26.29 -0.21
C ILE B 100 6.16 -24.99 -0.06
N PRO B 101 5.03 -24.84 -0.75
CA PRO B 101 4.23 -23.62 -0.58
C PRO B 101 3.59 -23.55 0.78
N TYR B 102 3.26 -22.32 1.19
CA TYR B 102 2.64 -22.08 2.49
C TYR B 102 1.17 -22.49 2.54
N THR B 103 0.56 -22.79 1.38
CA THR B 103 -0.85 -23.15 1.37
C THR B 103 -1.12 -24.42 2.14
N VAL B 104 -0.22 -25.41 2.03
CA VAL B 104 -0.39 -26.64 2.79
C VAL B 104 -0.26 -26.37 4.28
N VAL B 105 0.61 -25.44 4.66
CA VAL B 105 0.72 -25.06 6.07
C VAL B 105 -0.57 -24.42 6.54
N LEU B 106 -1.17 -23.57 5.71
CA LEU B 106 -2.46 -22.98 6.06
C LEU B 106 -3.53 -24.06 6.24
N LEU B 107 -3.54 -25.04 5.35
CA LEU B 107 -4.49 -26.14 5.46
C LEU B 107 -4.30 -26.91 6.76
N ILE B 108 -3.04 -27.18 7.12
CA ILE B 108 -2.76 -27.90 8.35
C ILE B 108 -3.21 -27.08 9.56
N LEU B 109 -2.98 -25.77 9.52
CA LEU B 109 -3.42 -24.91 10.61
C LEU B 109 -4.94 -24.94 10.76
N GLY B 110 -5.66 -24.87 9.64
CA GLY B 110 -7.10 -24.96 9.70
C GLY B 110 -7.59 -26.30 10.24
N ALA B 111 -6.94 -27.39 9.80
CA ALA B 111 -7.31 -28.71 10.30
C ALA B 111 -7.09 -28.82 11.80
N ILE B 112 -5.97 -28.27 12.29
CA ILE B 112 -5.71 -28.29 13.72
C ILE B 112 -6.75 -27.46 14.46
N LEU B 113 -7.08 -26.28 13.94
CA LEU B 113 -8.08 -25.43 14.59
C LEU B 113 -9.44 -26.10 14.64
N GLY B 114 -9.75 -26.93 13.64
CA GLY B 114 -11.04 -27.60 13.64
C GLY B 114 -11.23 -28.54 14.81
N VAL B 115 -10.18 -29.28 15.17
CA VAL B 115 -10.27 -30.21 16.29
C VAL B 115 -10.54 -29.45 17.59
N VAL B 116 -9.85 -28.34 17.80
CA VAL B 116 -10.09 -27.52 18.99
C VAL B 116 -11.51 -26.97 18.98
N ALA B 117 -11.95 -26.46 17.82
CA ALA B 117 -13.30 -25.92 17.73
C ALA B 117 -14.36 -26.96 18.00
N SER B 118 -14.07 -28.24 17.71
CA SER B 118 -15.07 -29.28 17.90
C SER B 118 -15.47 -29.42 19.36
N ASN B 119 -14.52 -29.34 20.28
CA ASN B 119 -14.79 -29.64 21.68
C ASN B 119 -15.15 -28.40 22.51
N VAL B 120 -14.24 -27.42 22.56
CA VAL B 120 -14.40 -26.28 23.45
C VAL B 120 -15.52 -25.37 22.94
N PRO B 121 -16.09 -24.52 23.80
CA PRO B 121 -17.17 -23.63 23.36
C PRO B 121 -16.67 -22.39 22.64
N LEU B 122 -15.43 -22.44 22.15
CA LEU B 122 -14.86 -21.32 21.41
C LEU B 122 -15.69 -20.99 20.16
N VAL B 123 -16.47 -21.95 19.68
CA VAL B 123 -17.34 -21.67 18.53
C VAL B 123 -18.56 -20.88 19.00
N GLU B 124 -18.41 -19.56 18.97
CA GLU B 124 -19.52 -18.64 19.22
C GLU B 124 -20.26 -18.45 17.90
N GLU B 125 -21.09 -17.41 17.81
CA GLU B 125 -21.67 -17.08 16.51
C GLU B 125 -20.59 -16.81 15.47
N HIS B 126 -19.41 -16.40 15.92
CA HIS B 126 -18.22 -16.36 15.06
C HIS B 126 -17.43 -17.65 15.20
N THR B 127 -16.66 -17.97 14.16
CA THR B 127 -15.79 -19.14 14.07
C THR B 127 -16.65 -20.40 13.89
N ARG B 128 -17.96 -20.26 14.05
CA ARG B 128 -18.90 -21.33 13.75
C ARG B 128 -19.82 -21.00 12.60
N ASP B 129 -20.07 -19.71 12.33
CA ASP B 129 -20.80 -19.33 11.13
C ASP B 129 -20.06 -19.78 9.88
N VAL B 130 -18.73 -19.65 9.88
CA VAL B 130 -17.94 -20.11 8.75
C VAL B 130 -17.99 -21.63 8.59
N ALA B 131 -18.23 -22.37 9.69
CA ALA B 131 -18.38 -23.81 9.58
C ALA B 131 -19.58 -24.19 8.73
N HIS B 132 -20.66 -23.42 8.86
CA HIS B 132 -21.85 -23.56 8.01
C HIS B 132 -22.01 -22.32 7.13
N MET B 133 -20.89 -21.88 6.55
CA MET B 133 -20.84 -20.63 5.80
C MET B 133 -21.79 -20.70 4.60
N ASP B 134 -22.47 -19.58 4.34
CA ASP B 134 -23.48 -19.56 3.30
C ASP B 134 -22.83 -19.77 1.94
N PRO B 135 -23.30 -20.72 1.12
CA PRO B 135 -22.61 -21.02 -0.13
C PRO B 135 -22.83 -19.97 -1.21
N HIS B 136 -24.03 -19.37 -1.27
CA HIS B 136 -24.34 -18.45 -2.35
C HIS B 136 -23.41 -17.24 -2.34
N VAL B 137 -23.17 -16.68 -1.15
CA VAL B 137 -22.38 -15.45 -1.09
C VAL B 137 -20.90 -15.73 -1.34
N LEU B 138 -20.42 -16.90 -0.96
CA LEU B 138 -19.02 -17.23 -1.27
C LEU B 138 -18.85 -17.51 -2.76
N LEU B 139 -19.84 -18.16 -3.37
CA LEU B 139 -19.83 -18.34 -4.81
C LEU B 139 -20.02 -17.02 -5.54
N GLN B 140 -20.58 -16.01 -4.87
CA GLN B 140 -20.88 -14.73 -5.48
C GLN B 140 -19.82 -13.66 -5.22
N ILE B 141 -18.94 -13.87 -4.24
CA ILE B 141 -17.96 -12.84 -3.90
C ILE B 141 -16.55 -13.33 -4.18
N PHE B 142 -16.20 -14.50 -3.65
CA PHE B 142 -14.83 -14.98 -3.76
C PHE B 142 -14.46 -15.29 -5.21
N LEU B 143 -15.31 -16.06 -5.90
CA LEU B 143 -14.99 -16.46 -7.26
C LEU B 143 -14.84 -15.29 -8.22
N PRO B 144 -15.72 -14.28 -8.23
CA PRO B 144 -15.52 -13.16 -9.16
C PRO B 144 -14.19 -12.45 -8.97
N VAL B 145 -13.78 -12.16 -7.73
CA VAL B 145 -12.52 -11.47 -7.53
C VAL B 145 -11.34 -12.37 -7.86
N LEU B 146 -11.44 -13.66 -7.53
CA LEU B 146 -10.38 -14.59 -7.88
C LEU B 146 -10.18 -14.65 -9.40
N ILE B 147 -11.28 -14.64 -10.15
CA ILE B 147 -11.18 -14.66 -11.61
C ILE B 147 -10.64 -13.34 -12.12
N PHE B 148 -11.14 -12.22 -11.60
CA PHE B 148 -10.80 -10.92 -12.17
C PHE B 148 -9.36 -10.54 -11.89
N GLU B 149 -8.78 -10.97 -10.76
CA GLU B 149 -7.38 -10.67 -10.51
C GLU B 149 -6.49 -11.30 -11.58
N SER B 150 -6.69 -12.59 -11.85
CA SER B 150 -5.93 -13.26 -12.89
C SER B 150 -6.22 -12.67 -14.27
N ALA B 151 -7.46 -12.27 -14.53
CA ALA B 151 -7.78 -11.64 -15.80
C ALA B 151 -7.01 -10.33 -15.97
N PHE B 152 -6.94 -9.52 -14.91
CA PHE B 152 -6.23 -8.25 -14.99
C PHE B 152 -4.73 -8.46 -15.13
N ALA B 153 -4.18 -9.47 -14.45
CA ALA B 153 -2.75 -9.71 -14.49
C ALA B 153 -2.27 -10.19 -15.86
N MET B 154 -3.18 -10.54 -16.76
CA MET B 154 -2.82 -11.08 -18.06
C MET B 154 -2.07 -10.05 -18.90
N ASP B 155 -1.29 -10.54 -19.86
CA ASP B 155 -0.68 -9.71 -20.89
C ASP B 155 -1.49 -9.95 -22.17
N VAL B 156 -2.38 -9.00 -22.48
CA VAL B 156 -3.36 -9.21 -23.55
C VAL B 156 -2.68 -9.22 -24.91
N HIS B 157 -1.66 -8.39 -25.10
CA HIS B 157 -1.07 -8.21 -26.42
C HIS B 157 -0.46 -9.50 -26.94
N THR B 158 0.35 -10.17 -26.11
CA THR B 158 0.88 -11.47 -26.51
C THR B 158 -0.21 -12.53 -26.56
N PHE B 159 -1.29 -12.34 -25.80
CA PHE B 159 -2.37 -13.32 -25.78
C PHE B 159 -3.14 -13.34 -27.09
N MET B 160 -3.29 -12.19 -27.74
CA MET B 160 -3.95 -12.16 -29.06
C MET B 160 -3.17 -12.96 -30.09
N ARG B 161 -1.86 -13.06 -29.93
CA ARG B 161 -1.03 -13.74 -30.93
C ARG B 161 -1.20 -15.26 -30.90
N SER B 162 -1.78 -15.80 -29.82
CA SER B 162 -2.00 -17.24 -29.72
C SER B 162 -3.40 -17.58 -29.21
N PHE B 163 -4.32 -16.62 -29.26
CA PHE B 163 -5.70 -16.87 -28.87
C PHE B 163 -6.30 -18.04 -29.64
N SER B 164 -6.01 -18.15 -30.94
CA SER B 164 -6.58 -19.22 -31.75
C SER B 164 -6.14 -20.59 -31.25
N GLN B 165 -4.85 -20.74 -30.95
CA GLN B 165 -4.36 -22.00 -30.40
C GLN B 165 -4.90 -22.25 -29.00
N VAL B 166 -5.00 -21.19 -28.19
CA VAL B 166 -5.40 -21.34 -26.80
C VAL B 166 -6.86 -21.78 -26.70
N CYS B 167 -7.72 -21.28 -27.59
CA CYS B 167 -9.13 -21.67 -27.56
C CYS B 167 -9.28 -23.18 -27.77
N ILE B 168 -8.58 -23.73 -28.76
CA ILE B 168 -8.69 -25.16 -29.03
C ILE B 168 -7.94 -25.98 -28.00
N LEU B 169 -6.93 -25.41 -27.34
CA LEU B 169 -6.25 -26.12 -26.26
C LEU B 169 -7.07 -26.12 -24.98
N ALA B 170 -7.98 -25.15 -24.81
CA ALA B 170 -8.73 -25.00 -23.58
C ALA B 170 -10.12 -25.63 -23.65
N LEU B 171 -10.94 -25.26 -24.64
CA LEU B 171 -12.33 -25.71 -24.66
C LEU B 171 -12.43 -27.22 -24.79
N PHE B 172 -11.88 -27.77 -25.87
CA PHE B 172 -11.94 -29.21 -26.09
C PHE B 172 -11.21 -29.96 -25.00
N GLY B 173 -10.07 -29.43 -24.55
CA GLY B 173 -9.34 -30.10 -23.49
C GLY B 173 -10.15 -30.23 -22.22
N LEU B 174 -10.80 -29.13 -21.80
CA LEU B 174 -11.63 -29.18 -20.60
C LEU B 174 -12.81 -30.12 -20.78
N VAL B 175 -13.47 -30.06 -21.94
CA VAL B 175 -14.63 -30.93 -22.16
C VAL B 175 -14.22 -32.39 -22.06
N VAL B 176 -13.15 -32.77 -22.77
CA VAL B 176 -12.73 -34.16 -22.80
C VAL B 176 -12.26 -34.61 -21.42
N ALA B 177 -11.48 -33.77 -20.74
CA ALA B 177 -10.99 -34.14 -19.42
C ALA B 177 -12.12 -34.33 -18.43
N SER B 178 -13.10 -33.41 -18.43
CA SER B 178 -14.24 -33.55 -17.53
C SER B 178 -15.03 -34.80 -17.83
N VAL B 179 -15.29 -35.08 -19.11
CA VAL B 179 -16.07 -36.27 -19.46
C VAL B 179 -15.34 -37.54 -19.01
N LEU B 180 -14.03 -37.60 -19.24
CA LEU B 180 -13.29 -38.82 -18.91
C LEU B 180 -13.18 -39.02 -17.40
N THR B 181 -12.83 -37.96 -16.66
CA THR B 181 -12.76 -38.11 -15.21
C THR B 181 -14.13 -38.22 -14.57
N ALA B 182 -15.21 -37.96 -15.31
CA ALA B 182 -16.55 -38.25 -14.80
C ALA B 182 -16.93 -39.70 -15.03
N VAL B 183 -16.67 -40.22 -16.22
CA VAL B 183 -17.01 -41.62 -16.49
C VAL B 183 -16.15 -42.54 -15.64
N LEU B 184 -14.93 -42.12 -15.30
CA LEU B 184 -14.11 -42.91 -14.40
C LEU B 184 -14.79 -43.10 -13.04
N ALA B 185 -15.22 -42.00 -12.43
CA ALA B 185 -15.88 -42.09 -11.13
C ALA B 185 -17.22 -42.79 -11.25
N MET B 186 -17.87 -42.68 -12.41
CA MET B 186 -19.12 -43.41 -12.62
C MET B 186 -18.87 -44.92 -12.66
N ASN B 187 -17.71 -45.35 -13.17
CA ASN B 187 -17.42 -46.77 -13.31
C ASN B 187 -16.63 -47.35 -12.15
N LEU B 188 -15.85 -46.54 -11.43
CA LEU B 188 -14.94 -47.06 -10.42
C LEU B 188 -15.56 -47.07 -9.02
N PHE B 189 -15.96 -45.90 -8.52
CA PHE B 189 -16.37 -45.77 -7.14
C PHE B 189 -17.66 -46.54 -6.87
N ASN B 190 -17.78 -47.05 -5.65
CA ASN B 190 -18.90 -47.92 -5.30
C ASN B 190 -20.20 -47.15 -5.09
N TYR B 191 -20.13 -45.95 -4.53
CA TYR B 191 -21.34 -45.16 -4.31
C TYR B 191 -21.84 -44.70 -5.68
N ASN B 192 -22.86 -45.38 -6.20
CA ASN B 192 -23.30 -45.15 -7.57
C ASN B 192 -23.78 -43.70 -7.73
N TRP B 193 -23.31 -43.07 -8.80
CA TRP B 193 -23.67 -41.70 -9.13
C TRP B 193 -24.22 -41.65 -10.55
N ASN B 194 -25.18 -40.77 -10.78
CA ASN B 194 -25.72 -40.62 -12.12
C ASN B 194 -24.79 -39.77 -12.97
N PHE B 195 -25.27 -39.42 -14.17
CA PHE B 195 -24.46 -38.68 -15.13
C PHE B 195 -24.14 -37.28 -14.60
N SER B 196 -25.16 -36.60 -14.05
CA SER B 196 -24.99 -35.21 -13.64
C SER B 196 -24.00 -35.08 -12.48
N GLU B 197 -24.11 -35.95 -11.47
CA GLU B 197 -23.18 -35.89 -10.35
C GLU B 197 -21.76 -36.16 -10.79
N ALA B 198 -21.58 -37.13 -11.69
CA ALA B 198 -20.24 -37.41 -12.21
C ALA B 198 -19.66 -36.21 -12.94
N MET B 199 -20.47 -35.53 -13.76
CA MET B 199 -19.94 -34.36 -14.45
C MET B 199 -19.66 -33.21 -13.50
N MET B 200 -20.46 -33.06 -12.44
CA MET B 200 -20.15 -32.04 -11.45
C MET B 200 -18.81 -32.35 -10.77
N PHE B 201 -18.58 -33.62 -10.44
CA PHE B 201 -17.31 -34.03 -9.87
C PHE B 201 -16.15 -33.73 -10.82
N GLY B 202 -16.32 -34.05 -12.10
CA GLY B 202 -15.27 -33.82 -13.06
C GLY B 202 -14.96 -32.34 -13.26
N ALA B 203 -16.01 -31.52 -13.39
CA ALA B 203 -15.82 -30.09 -13.54
C ALA B 203 -15.17 -29.49 -12.30
N ILE B 204 -15.43 -30.07 -11.12
CA ILE B 204 -14.71 -29.65 -9.93
C ILE B 204 -13.23 -30.02 -10.05
N MET B 205 -12.94 -31.23 -10.50
CA MET B 205 -11.57 -31.73 -10.57
C MET B 205 -10.89 -31.45 -11.91
N SER B 206 -11.35 -30.46 -12.66
CA SER B 206 -10.66 -30.07 -13.89
C SER B 206 -10.48 -28.56 -13.95
N ALA B 207 -10.00 -27.97 -12.85
CA ALA B 207 -9.70 -26.54 -12.79
C ALA B 207 -8.33 -26.39 -12.14
N THR B 208 -7.36 -25.87 -12.89
CA THR B 208 -5.98 -25.79 -12.44
C THR B 208 -5.66 -24.39 -11.91
N ASP B 209 -4.42 -24.22 -11.46
CA ASP B 209 -3.92 -22.96 -10.92
C ASP B 209 -2.41 -22.93 -10.97
N PRO B 210 -1.80 -22.74 -12.16
CA PRO B 210 -0.35 -22.78 -12.30
C PRO B 210 0.33 -21.43 -12.11
N VAL B 211 0.06 -20.78 -10.98
CA VAL B 211 0.71 -19.49 -10.72
C VAL B 211 2.19 -19.67 -10.40
N ALA B 212 2.52 -20.67 -9.59
CA ALA B 212 3.91 -20.86 -9.15
C ALA B 212 4.80 -21.26 -10.31
N VAL B 213 4.30 -22.10 -11.22
CA VAL B 213 5.12 -22.58 -12.32
C VAL B 213 5.61 -21.42 -13.17
N VAL B 214 4.69 -20.51 -13.54
CA VAL B 214 5.09 -19.36 -14.34
C VAL B 214 5.90 -18.38 -13.52
N ALA B 215 5.52 -18.18 -12.25
CA ALA B 215 6.27 -17.26 -11.40
C ALA B 215 7.72 -17.68 -11.27
N LEU B 216 8.00 -18.99 -11.37
CA LEU B 216 9.36 -19.49 -11.30
C LEU B 216 10.00 -19.67 -12.67
N LEU B 217 9.21 -19.78 -13.73
CA LEU B 217 9.74 -19.93 -15.08
C LEU B 217 10.06 -18.61 -15.75
N LYS B 218 9.42 -17.51 -15.33
CA LYS B 218 9.63 -16.23 -15.99
C LYS B 218 11.07 -15.77 -15.86
N ASP B 219 11.66 -15.89 -14.67
CA ASP B 219 13.02 -15.44 -14.47
C ASP B 219 14.06 -16.37 -15.09
N LEU B 220 13.68 -17.60 -15.43
CA LEU B 220 14.62 -18.55 -16.01
C LEU B 220 15.06 -18.15 -17.42
N GLY B 221 14.39 -17.19 -18.04
CA GLY B 221 14.73 -16.78 -19.38
C GLY B 221 14.10 -17.60 -20.48
N ALA B 222 13.18 -18.49 -20.15
CA ALA B 222 12.48 -19.27 -21.16
C ALA B 222 11.63 -18.36 -22.03
N SER B 223 11.23 -18.87 -23.20
CA SER B 223 10.44 -18.09 -24.13
C SER B 223 9.14 -17.63 -23.48
N LYS B 224 8.83 -16.34 -23.67
CA LYS B 224 7.62 -15.77 -23.08
C LYS B 224 6.36 -16.40 -23.67
N GLN B 225 6.47 -17.05 -24.82
CA GLN B 225 5.29 -17.68 -25.42
C GLN B 225 4.71 -18.75 -24.50
N LEU B 226 5.56 -19.61 -23.93
CA LEU B 226 5.08 -20.60 -22.97
C LEU B 226 4.52 -19.93 -21.73
N GLY B 227 5.20 -18.90 -21.24
CA GLY B 227 4.75 -18.22 -20.04
C GLY B 227 3.38 -17.60 -20.18
N THR B 228 3.07 -17.09 -21.37
CA THR B 228 1.74 -16.53 -21.59
C THR B 228 0.73 -17.59 -21.99
N ILE B 229 1.17 -18.67 -22.64
CA ILE B 229 0.25 -19.73 -23.04
C ILE B 229 -0.30 -20.46 -21.82
N ILE B 230 0.54 -20.64 -20.80
CA ILE B 230 0.08 -21.33 -19.59
C ILE B 230 -1.09 -20.58 -18.97
N GLU B 231 -0.95 -19.27 -18.77
CA GLU B 231 -2.06 -18.47 -18.26
C GLU B 231 -3.23 -18.43 -19.23
N GLY B 232 -2.96 -18.35 -20.53
CA GLY B 232 -4.04 -18.32 -21.49
C GLY B 232 -4.93 -19.55 -21.39
N GLU B 233 -4.33 -20.72 -21.21
CA GLU B 233 -5.14 -21.93 -21.07
C GLU B 233 -5.76 -22.01 -19.67
N SER B 234 -5.04 -21.58 -18.64
CA SER B 234 -5.54 -21.74 -17.27
C SER B 234 -6.74 -20.85 -17.01
N LEU B 235 -6.69 -19.60 -17.48
CA LEU B 235 -7.81 -18.68 -17.25
C LEU B 235 -9.08 -19.17 -17.94
N LEU B 236 -8.96 -19.65 -19.18
CA LEU B 236 -10.12 -20.17 -19.88
C LEU B 236 -10.63 -21.45 -19.22
N ASN B 237 -9.72 -22.30 -18.74
CA ASN B 237 -10.12 -23.50 -18.01
C ASN B 237 -10.95 -23.14 -16.79
N ASP B 238 -10.45 -22.21 -15.99
CA ASP B 238 -11.18 -21.80 -14.79
C ASP B 238 -12.50 -21.12 -15.12
N GLY B 239 -12.54 -20.32 -16.19
CA GLY B 239 -13.78 -19.67 -16.57
C GLY B 239 -14.84 -20.65 -17.01
N CYS B 240 -14.48 -21.63 -17.83
CA CYS B 240 -15.46 -22.59 -18.31
C CYS B 240 -15.83 -23.64 -17.27
N ALA B 241 -14.94 -23.92 -16.32
CA ALA B 241 -15.26 -24.91 -15.28
C ALA B 241 -16.43 -24.45 -14.43
N ILE B 242 -16.45 -23.17 -14.05
CA ILE B 242 -17.56 -22.65 -13.25
C ILE B 242 -18.86 -22.71 -14.04
N VAL B 243 -18.80 -22.40 -15.33
CA VAL B 243 -20.00 -22.43 -16.16
C VAL B 243 -20.56 -23.85 -16.23
N ILE B 244 -19.69 -24.84 -16.46
CA ILE B 244 -20.13 -26.22 -16.52
C ILE B 244 -20.70 -26.66 -15.18
N PHE B 245 -20.03 -26.29 -14.09
CA PHE B 245 -20.50 -26.66 -12.76
C PHE B 245 -21.89 -26.07 -12.49
N ASN B 246 -22.09 -24.79 -12.82
CA ASN B 246 -23.38 -24.16 -12.58
C ASN B 246 -24.46 -24.78 -13.46
N VAL B 247 -24.13 -25.11 -14.70
CA VAL B 247 -25.12 -25.73 -15.58
C VAL B 247 -25.53 -27.09 -15.04
N PHE B 248 -24.57 -27.90 -14.58
CA PHE B 248 -24.86 -29.24 -14.11
C PHE B 248 -25.24 -29.29 -12.63
N MET B 249 -25.29 -28.14 -11.96
CA MET B 249 -25.72 -28.14 -10.56
C MET B 249 -27.24 -28.05 -10.44
N LYS B 250 -27.87 -27.17 -11.22
CA LYS B 250 -29.32 -27.03 -11.18
C LYS B 250 -30.04 -28.24 -11.75
N MET B 251 -29.36 -29.11 -12.48
CA MET B 251 -30.01 -30.31 -13.00
C MET B 251 -30.24 -31.37 -11.93
N VAL B 252 -29.50 -31.32 -10.82
CA VAL B 252 -29.59 -32.33 -9.78
C VAL B 252 -30.04 -31.76 -8.45
N PHE B 253 -29.57 -30.56 -8.09
CA PHE B 253 -29.89 -30.00 -6.78
C PHE B 253 -31.17 -29.19 -6.77
N PHE B 254 -31.53 -28.57 -7.89
CA PHE B 254 -32.73 -27.73 -8.00
C PHE B 254 -33.59 -28.23 -9.14
N PRO B 255 -34.31 -29.33 -8.95
CA PRO B 255 -35.19 -29.82 -10.03
C PRO B 255 -36.25 -28.80 -10.38
N GLN B 256 -36.47 -28.64 -11.69
CA GLN B 256 -37.42 -27.66 -12.21
C GLN B 256 -38.23 -28.27 -13.35
N LEU B 257 -38.69 -29.49 -13.14
CA LEU B 257 -39.49 -30.24 -14.12
C LEU B 257 -38.66 -30.44 -15.39
N THR B 258 -39.30 -30.47 -16.55
CA THR B 258 -38.64 -30.70 -17.83
C THR B 258 -38.87 -29.52 -18.76
N SER B 259 -38.23 -29.57 -19.92
CA SER B 259 -38.37 -28.53 -20.93
C SER B 259 -38.08 -29.12 -22.30
N THR B 260 -38.55 -28.43 -23.32
CA THR B 260 -38.35 -28.88 -24.69
C THR B 260 -36.99 -28.41 -25.22
N VAL B 261 -36.70 -28.80 -26.46
CA VAL B 261 -35.39 -28.48 -27.05
C VAL B 261 -35.22 -26.98 -27.23
N GLY B 262 -36.31 -26.26 -27.48
CA GLY B 262 -36.20 -24.81 -27.66
C GLY B 262 -35.73 -24.10 -26.40
N GLN B 263 -36.22 -24.54 -25.24
CA GLN B 263 -35.76 -23.96 -23.99
C GLN B 263 -34.28 -24.22 -23.76
N ASN B 264 -33.82 -25.44 -24.10
CA ASN B 264 -32.39 -25.74 -23.98
C ASN B 264 -31.57 -24.87 -24.92
N VAL B 265 -32.06 -24.65 -26.14
CA VAL B 265 -31.36 -23.80 -27.10
C VAL B 265 -31.25 -22.38 -26.55
N LEU B 266 -32.36 -21.86 -26.00
CA LEU B 266 -32.34 -20.52 -25.42
C LEU B 266 -31.39 -20.44 -24.23
N TYR B 267 -31.37 -21.48 -23.40
CA TYR B 267 -30.45 -21.52 -22.26
C TYR B 267 -29.00 -21.45 -22.74
N PHE B 268 -28.65 -22.29 -23.71
CA PHE B 268 -27.28 -22.31 -24.22
C PHE B 268 -26.90 -20.98 -24.83
N LEU B 269 -27.81 -20.38 -25.61
CA LEU B 269 -27.53 -19.09 -26.22
C LEU B 269 -27.33 -18.01 -25.15
N GLN B 270 -28.14 -18.03 -24.11
CA GLN B 270 -28.05 -16.99 -23.10
C GLN B 270 -26.82 -17.16 -22.21
N VAL B 271 -26.30 -18.38 -22.08
CA VAL B 271 -25.10 -18.57 -21.27
C VAL B 271 -23.81 -18.46 -22.07
N ALA B 272 -23.86 -18.66 -23.38
CA ALA B 272 -22.65 -18.65 -24.19
C ALA B 272 -22.42 -17.32 -24.92
N VAL B 273 -23.47 -16.68 -25.41
CA VAL B 273 -23.33 -15.49 -26.23
C VAL B 273 -23.57 -14.22 -25.43
N ALA B 274 -24.61 -14.20 -24.59
CA ALA B 274 -25.01 -12.97 -23.92
C ALA B 274 -23.95 -12.47 -22.95
N GLY B 275 -23.26 -13.37 -22.26
CA GLY B 275 -22.28 -13.00 -21.26
C GLY B 275 -21.15 -12.14 -21.78
N PRO B 276 -20.37 -12.68 -22.73
CA PRO B 276 -19.28 -11.87 -23.31
C PRO B 276 -19.75 -10.59 -23.94
N LEU B 277 -20.92 -10.59 -24.60
CA LEU B 277 -21.40 -9.37 -25.23
C LEU B 277 -21.74 -8.31 -24.19
N TRP B 278 -22.42 -8.70 -23.11
CA TRP B 278 -22.73 -7.74 -22.05
C TRP B 278 -21.46 -7.20 -21.41
N GLY B 279 -20.49 -8.07 -21.15
CA GLY B 279 -19.23 -7.61 -20.59
C GLY B 279 -18.51 -6.65 -21.51
N TYR B 280 -18.50 -6.95 -22.81
CA TYR B 280 -17.86 -6.07 -23.78
C TYR B 280 -18.54 -4.72 -23.84
N ALA B 281 -19.87 -4.70 -23.82
CA ALA B 281 -20.59 -3.43 -23.86
C ALA B 281 -20.28 -2.57 -22.64
N VAL B 282 -20.30 -3.18 -21.46
CA VAL B 282 -20.02 -2.42 -20.25
C VAL B 282 -18.58 -1.93 -20.25
N ALA B 283 -17.64 -2.77 -20.70
CA ALA B 283 -16.24 -2.36 -20.75
C ALA B 283 -16.04 -1.19 -21.70
N LYS B 284 -16.70 -1.23 -22.86
CA LYS B 284 -16.60 -0.10 -23.79
C LYS B 284 -17.16 1.17 -23.16
N VAL B 285 -18.30 1.06 -22.48
CA VAL B 285 -18.89 2.24 -21.86
C VAL B 285 -17.96 2.84 -20.82
N THR B 286 -17.40 1.99 -19.95
CA THR B 286 -16.57 2.52 -18.88
C THR B 286 -15.23 3.04 -19.41
N VAL B 287 -14.68 2.43 -20.46
CA VAL B 287 -13.43 2.95 -21.00
C VAL B 287 -13.66 4.24 -21.76
N PHE B 288 -14.86 4.43 -22.33
CA PHE B 288 -15.18 5.71 -22.93
C PHE B 288 -15.35 6.79 -21.87
N PHE B 289 -16.00 6.44 -20.76
CA PHE B 289 -16.20 7.41 -19.68
C PHE B 289 -14.92 7.68 -18.90
N LEU B 290 -13.91 6.80 -19.01
CA LEU B 290 -12.70 6.98 -18.24
C LEU B 290 -11.71 7.92 -18.92
N SER B 291 -11.76 8.03 -20.24
CA SER B 291 -10.82 8.90 -20.95
C SER B 291 -11.14 10.38 -20.79
N HIS B 292 -12.32 10.72 -20.29
CA HIS B 292 -12.73 12.11 -20.15
C HIS B 292 -12.41 12.70 -18.79
N ILE B 293 -11.86 11.92 -17.87
CA ILE B 293 -11.54 12.38 -16.52
C ILE B 293 -10.05 12.65 -16.45
N PHE B 294 -9.67 13.81 -15.92
CA PHE B 294 -8.29 14.26 -15.92
C PHE B 294 -7.80 14.50 -14.51
N ASN B 295 -6.56 14.05 -14.25
CA ASN B 295 -5.82 14.32 -13.01
C ASN B 295 -6.68 14.09 -11.76
N ASP B 296 -7.27 12.90 -11.68
CA ASP B 296 -8.06 12.54 -10.50
C ASP B 296 -8.05 11.02 -10.37
N ALA B 297 -7.18 10.51 -9.48
CA ALA B 297 -7.04 9.07 -9.32
C ALA B 297 -8.27 8.47 -8.62
N LEU B 298 -8.85 9.22 -7.68
CA LEU B 298 -9.96 8.68 -6.90
C LEU B 298 -11.13 8.31 -7.80
N VAL B 299 -11.45 9.16 -8.77
CA VAL B 299 -12.55 8.88 -9.67
C VAL B 299 -12.28 7.61 -10.48
N GLU B 300 -11.05 7.45 -10.98
CA GLU B 300 -10.71 6.25 -11.73
C GLU B 300 -10.90 5.00 -10.88
N ILE B 301 -10.35 5.01 -9.67
CA ILE B 301 -10.41 3.82 -8.81
C ILE B 301 -11.85 3.49 -8.47
N THR B 302 -12.62 4.50 -8.07
CA THR B 302 -14.01 4.26 -7.69
C THR B 302 -14.82 3.77 -8.89
N ILE B 303 -14.58 4.34 -10.07
CA ILE B 303 -15.32 3.94 -11.26
C ILE B 303 -15.04 2.47 -11.58
N THR B 304 -13.76 2.07 -11.54
CA THR B 304 -13.42 0.69 -11.85
C THR B 304 -14.04 -0.27 -10.83
N LEU B 305 -13.92 0.07 -9.55
CA LEU B 305 -14.43 -0.80 -8.49
C LEU B 305 -15.94 -0.96 -8.59
N ALA B 306 -16.66 0.14 -8.85
CA ALA B 306 -18.10 0.04 -9.01
C ALA B 306 -18.46 -0.72 -10.28
N ALA B 307 -17.70 -0.51 -11.35
CA ALA B 307 -18.03 -1.10 -12.64
C ALA B 307 -17.95 -2.62 -12.60
N THR B 308 -16.89 -3.17 -12.01
CA THR B 308 -16.75 -4.62 -12.00
C THR B 308 -17.88 -5.28 -11.20
N TYR B 309 -18.17 -4.74 -10.01
CA TYR B 309 -19.22 -5.30 -9.17
C TYR B 309 -20.58 -5.16 -9.82
N LEU B 310 -20.86 -4.00 -10.43
CA LEU B 310 -22.13 -3.82 -11.13
C LEU B 310 -22.26 -4.79 -12.28
N THR B 311 -21.19 -4.97 -13.05
CA THR B 311 -21.21 -5.94 -14.14
C THR B 311 -21.62 -7.31 -13.64
N TYR B 312 -20.92 -7.80 -12.62
CA TYR B 312 -21.20 -9.16 -12.15
C TYR B 312 -22.62 -9.25 -11.59
N TYR B 313 -23.02 -8.28 -10.77
CA TYR B 313 -24.32 -8.36 -10.09
C TYR B 313 -25.46 -8.30 -11.09
N ILE B 314 -25.42 -7.32 -12.00
CA ILE B 314 -26.50 -7.21 -12.98
C ILE B 314 -26.51 -8.42 -13.90
N GLY B 315 -25.34 -8.86 -14.37
CA GLY B 315 -25.32 -9.98 -15.29
C GLY B 315 -25.70 -11.30 -14.68
N ASP B 316 -25.60 -11.43 -13.36
CA ASP B 316 -25.90 -12.70 -12.71
C ASP B 316 -27.26 -12.76 -12.05
N ILE B 317 -27.78 -11.65 -11.55
CA ILE B 317 -28.99 -11.64 -10.71
C ILE B 317 -30.20 -11.11 -11.48
N TRP B 318 -30.15 -9.84 -11.91
CA TRP B 318 -31.33 -9.21 -12.51
C TRP B 318 -31.72 -9.91 -13.80
N LEU B 319 -30.74 -10.26 -14.63
CA LEU B 319 -30.98 -11.07 -15.82
C LEU B 319 -30.03 -12.27 -15.78
N GLU B 320 -30.55 -13.44 -16.15
CA GLU B 320 -29.83 -14.69 -15.97
C GLU B 320 -28.80 -14.86 -17.07
N VAL B 321 -27.59 -14.35 -16.82
CA VAL B 321 -26.48 -14.47 -17.75
C VAL B 321 -25.25 -14.91 -16.96
N SER B 322 -24.27 -15.45 -17.67
CA SER B 322 -23.02 -15.90 -17.07
C SER B 322 -22.21 -14.68 -16.64
N GLY B 323 -22.20 -14.39 -15.35
CA GLY B 323 -21.48 -13.23 -14.85
C GLY B 323 -19.98 -13.36 -14.98
N VAL B 324 -19.45 -14.56 -14.72
CA VAL B 324 -18.00 -14.74 -14.69
C VAL B 324 -17.38 -14.50 -16.07
N LEU B 325 -18.05 -14.97 -17.12
CA LEU B 325 -17.53 -14.74 -18.47
C LEU B 325 -17.53 -13.25 -18.81
N ALA B 326 -18.58 -12.54 -18.41
CA ALA B 326 -18.61 -11.09 -18.62
C ALA B 326 -17.48 -10.42 -17.86
N VAL B 327 -17.20 -10.87 -16.64
CA VAL B 327 -16.09 -10.31 -15.86
C VAL B 327 -14.77 -10.56 -16.57
N VAL B 328 -14.59 -11.76 -17.13
CA VAL B 328 -13.37 -12.07 -17.86
C VAL B 328 -13.20 -11.13 -19.05
N VAL B 329 -14.28 -10.96 -19.81
CA VAL B 329 -14.21 -10.11 -21.00
C VAL B 329 -13.91 -8.67 -20.61
N LEU B 330 -14.57 -8.17 -19.56
CA LEU B 330 -14.32 -6.81 -19.11
C LEU B 330 -12.89 -6.63 -18.66
N GLY B 331 -12.36 -7.59 -17.89
CA GLY B 331 -10.99 -7.49 -17.45
C GLY B 331 -10.00 -7.46 -18.59
N LEU B 332 -10.18 -8.36 -19.56
CA LEU B 332 -9.29 -8.39 -20.71
C LEU B 332 -9.36 -7.09 -21.50
N ILE B 333 -10.57 -6.58 -21.74
CA ILE B 333 -10.72 -5.37 -22.53
C ILE B 333 -10.09 -4.18 -21.82
N VAL B 334 -10.32 -4.05 -20.51
CA VAL B 334 -9.74 -2.94 -19.76
C VAL B 334 -8.22 -3.04 -19.75
N ASN B 335 -7.69 -4.26 -19.57
CA ASN B 335 -6.24 -4.43 -19.59
C ASN B 335 -5.66 -4.05 -20.95
N ALA B 336 -6.40 -4.33 -22.03
CA ALA B 336 -5.92 -3.96 -23.36
C ALA B 336 -5.83 -2.45 -23.53
N GLU B 337 -6.71 -1.70 -22.86
CA GLU B 337 -6.76 -0.24 -22.98
C GLU B 337 -6.10 0.45 -21.82
N LYS B 338 -4.98 -0.09 -21.32
CA LYS B 338 -4.31 0.50 -20.17
C LYS B 338 -3.77 1.89 -20.47
N THR B 339 -3.66 2.27 -21.74
CA THR B 339 -3.15 3.59 -22.09
C THR B 339 -4.08 4.69 -21.56
N SER B 340 -5.39 4.49 -21.64
CA SER B 340 -6.33 5.48 -21.15
C SER B 340 -6.24 5.63 -19.63
N ILE B 341 -5.88 4.55 -18.93
CA ILE B 341 -5.67 4.63 -17.48
C ILE B 341 -4.52 5.58 -17.20
N SER B 342 -4.61 6.29 -16.08
CA SER B 342 -3.53 7.18 -15.68
C SER B 342 -2.25 6.37 -15.45
N PRO B 343 -1.08 6.96 -15.69
CA PRO B 343 0.17 6.19 -15.60
C PRO B 343 0.47 5.64 -14.21
N GLU B 344 -0.15 6.19 -13.16
CA GLU B 344 0.12 5.73 -11.81
C GLU B 344 -1.04 4.99 -11.16
N VAL B 345 -2.25 5.10 -11.71
CA VAL B 345 -3.41 4.46 -11.10
C VAL B 345 -3.33 2.95 -11.23
N GLU B 346 -2.89 2.46 -12.40
CA GLU B 346 -2.92 1.02 -12.66
C GLU B 346 -2.01 0.25 -11.71
N VAL B 347 -0.93 0.86 -11.23
CA VAL B 347 -0.09 0.18 -10.25
C VAL B 347 -0.86 -0.08 -8.98
N PHE B 348 -1.54 0.96 -8.48
CA PHE B 348 -2.36 0.80 -7.28
C PHE B 348 -3.47 -0.22 -7.51
N LEU B 349 -4.10 -0.19 -8.68
CA LEU B 349 -5.17 -1.14 -8.98
C LEU B 349 -4.65 -2.58 -8.97
N HIS B 350 -3.50 -2.80 -9.60
CA HIS B 350 -2.90 -4.14 -9.64
C HIS B 350 -2.59 -4.61 -8.23
N ARG B 351 -1.96 -3.76 -7.43
CA ARG B 351 -1.62 -4.16 -6.07
C ARG B 351 -2.87 -4.46 -5.24
N PHE B 352 -3.92 -3.65 -5.42
CA PHE B 352 -5.13 -3.82 -4.64
C PHE B 352 -5.83 -5.12 -5.00
N TRP B 353 -5.93 -5.41 -6.30
CA TRP B 353 -6.54 -6.66 -6.75
C TRP B 353 -5.72 -7.86 -6.27
N GLU B 354 -4.39 -7.77 -6.34
CA GLU B 354 -3.55 -8.86 -5.89
C GLU B 354 -3.73 -9.11 -4.39
N MET B 355 -3.84 -8.04 -3.61
CA MET B 355 -4.08 -8.19 -2.18
C MET B 355 -5.42 -8.86 -1.92
N LEU B 356 -6.46 -8.48 -2.68
CA LEU B 356 -7.76 -9.12 -2.52
C LEU B 356 -7.67 -10.60 -2.84
N ALA B 357 -6.98 -10.97 -3.92
CA ALA B 357 -6.85 -12.37 -4.29
C ALA B 357 -6.11 -13.15 -3.22
N TYR B 358 -5.05 -12.58 -2.67
CA TYR B 358 -4.31 -13.26 -1.61
C TYR B 358 -5.19 -13.48 -0.38
N LEU B 359 -5.94 -12.46 0.01
CA LEU B 359 -6.84 -12.61 1.16
C LEU B 359 -7.88 -13.69 0.91
N ALA B 360 -8.46 -13.70 -0.30
CA ALA B 360 -9.47 -14.69 -0.62
C ALA B 360 -8.89 -16.10 -0.59
N ASN B 361 -7.68 -16.28 -1.13
CA ASN B 361 -7.06 -17.60 -1.11
C ASN B 361 -6.80 -18.07 0.32
N THR B 362 -6.28 -17.18 1.17
CA THR B 362 -6.04 -17.54 2.56
C THR B 362 -7.33 -17.94 3.26
N LEU B 363 -8.39 -17.14 3.05
CA LEU B 363 -9.67 -17.45 3.68
C LEU B 363 -10.20 -18.80 3.21
N ILE B 364 -10.18 -19.05 1.90
CA ILE B 364 -10.70 -20.30 1.36
C ILE B 364 -9.95 -21.49 1.93
N PHE B 365 -8.62 -21.40 1.97
CA PHE B 365 -7.84 -22.49 2.52
C PHE B 365 -8.14 -22.73 3.99
N MET B 366 -8.31 -21.67 4.78
CA MET B 366 -8.60 -21.90 6.20
C MET B 366 -9.99 -22.49 6.41
N MET B 367 -10.99 -22.04 5.65
CA MET B 367 -12.31 -22.66 5.77
C MET B 367 -12.27 -24.12 5.37
N VAL B 368 -11.55 -24.45 4.29
CA VAL B 368 -11.42 -25.85 3.91
C VAL B 368 -10.78 -26.65 5.03
N GLY B 369 -9.71 -26.11 5.62
CA GLY B 369 -9.03 -26.82 6.69
C GLY B 369 -9.91 -27.08 7.89
N VAL B 370 -10.69 -26.08 8.32
CA VAL B 370 -11.53 -26.28 9.49
C VAL B 370 -12.68 -27.23 9.17
N VAL B 371 -13.27 -27.11 7.98
CA VAL B 371 -14.45 -27.92 7.66
C VAL B 371 -14.08 -29.38 7.48
N VAL B 372 -12.95 -29.67 6.85
CA VAL B 372 -12.66 -31.05 6.45
C VAL B 372 -12.49 -31.96 7.66
N THR B 373 -11.92 -31.46 8.76
CA THR B 373 -11.52 -32.33 9.86
C THR B 373 -12.69 -32.83 10.69
N GLN B 374 -13.84 -32.15 10.64
CA GLN B 374 -14.97 -32.51 11.49
C GLN B 374 -16.08 -33.23 10.74
N LYS B 375 -16.59 -32.64 9.66
CA LYS B 375 -17.72 -33.20 8.94
C LYS B 375 -17.30 -34.11 7.79
N ALA B 376 -16.17 -33.85 7.17
CA ALA B 376 -15.75 -34.57 5.97
C ALA B 376 -14.90 -35.80 6.27
N LEU B 377 -14.67 -36.13 7.54
CA LEU B 377 -13.83 -37.25 7.90
C LEU B 377 -14.57 -38.35 8.66
N VAL B 378 -15.80 -38.09 9.11
CA VAL B 378 -16.52 -39.06 9.92
C VAL B 378 -16.84 -40.31 9.11
N ALA B 379 -17.13 -40.16 7.82
CA ALA B 379 -17.55 -41.28 6.97
C ALA B 379 -16.51 -41.49 5.87
N VAL B 380 -15.46 -42.25 6.19
CA VAL B 380 -14.47 -42.67 5.21
C VAL B 380 -13.99 -44.06 5.58
N ASP B 381 -13.39 -44.75 4.62
CA ASP B 381 -12.80 -46.05 4.84
C ASP B 381 -11.55 -46.19 3.99
N LYS B 382 -10.72 -47.19 4.32
CA LYS B 382 -9.47 -47.40 3.60
C LYS B 382 -9.72 -47.61 2.12
N MET B 383 -10.91 -48.09 1.76
CA MET B 383 -11.26 -48.22 0.36
C MET B 383 -11.12 -46.89 -0.38
N ASP B 384 -11.61 -45.81 0.25
CA ASP B 384 -11.53 -44.49 -0.38
C ASP B 384 -10.11 -43.96 -0.42
N TRP B 385 -9.33 -44.20 0.65
CA TRP B 385 -7.94 -43.77 0.65
C TRP B 385 -7.13 -44.48 -0.43
N PHE B 386 -7.52 -45.71 -0.77
CA PHE B 386 -6.89 -46.38 -1.91
C PHE B 386 -7.42 -45.80 -3.22
N TYR B 387 -8.72 -45.48 -3.26
CA TYR B 387 -9.32 -44.89 -4.46
C TYR B 387 -8.64 -43.58 -4.83
N LEU B 388 -8.18 -42.83 -3.84
CA LEU B 388 -7.61 -41.50 -4.08
C LEU B 388 -6.37 -41.56 -4.96
N ILE B 389 -5.51 -42.56 -4.73
CA ILE B 389 -4.30 -42.69 -5.54
C ILE B 389 -4.65 -42.96 -6.99
N ILE B 390 -5.63 -43.84 -7.22
CA ILE B 390 -6.05 -44.13 -8.58
C ILE B 390 -6.64 -42.89 -9.23
N LEU B 391 -7.38 -42.09 -8.47
CA LEU B 391 -7.93 -40.85 -9.02
C LEU B 391 -6.83 -39.89 -9.43
N TYR B 392 -5.80 -39.76 -8.59
CA TYR B 392 -4.68 -38.87 -8.92
C TYR B 392 -3.97 -39.33 -10.19
N LEU B 393 -3.67 -40.64 -10.26
CA LEU B 393 -3.02 -41.17 -11.45
C LEU B 393 -3.88 -40.97 -12.68
N ALA B 394 -5.19 -41.17 -12.54
CA ALA B 394 -6.09 -41.02 -13.67
C ALA B 394 -6.13 -39.58 -14.17
N ILE B 395 -6.19 -38.60 -13.25
CA ILE B 395 -6.30 -37.23 -13.72
C ILE B 395 -5.00 -36.78 -14.39
N THR B 396 -3.85 -37.12 -13.81
CA THR B 396 -2.60 -36.72 -14.46
C THR B 396 -2.44 -37.42 -15.81
N ILE B 397 -2.83 -38.71 -15.89
CA ILE B 397 -2.76 -39.43 -17.15
C ILE B 397 -3.67 -38.80 -18.18
N ILE B 398 -4.89 -38.43 -17.78
CA ILE B 398 -5.85 -37.83 -18.72
C ILE B 398 -5.32 -36.51 -19.26
N ARG B 399 -4.75 -35.68 -18.38
CA ARG B 399 -4.15 -34.44 -18.85
C ARG B 399 -3.03 -34.71 -19.84
N GLY B 400 -2.19 -35.70 -19.54
CA GLY B 400 -1.10 -36.04 -20.45
C GLY B 400 -1.60 -36.49 -21.80
N MET B 401 -2.61 -37.37 -21.82
CA MET B 401 -3.14 -37.85 -23.09
C MET B 401 -3.79 -36.73 -23.88
N VAL B 402 -4.52 -35.83 -23.22
CA VAL B 402 -5.13 -34.72 -23.93
C VAL B 402 -4.07 -33.86 -24.58
N ILE B 403 -3.02 -33.52 -23.83
CA ILE B 403 -1.95 -32.68 -24.37
C ILE B 403 -1.26 -33.39 -25.54
N SER B 404 -0.95 -34.67 -25.38
CA SER B 404 -0.27 -35.40 -26.44
C SER B 404 -1.12 -35.51 -27.69
N LEU B 405 -2.43 -35.80 -27.52
CA LEU B 405 -3.31 -35.94 -28.67
C LEU B 405 -3.46 -34.63 -29.41
N PHE B 406 -3.56 -33.52 -28.69
CA PHE B 406 -3.71 -32.24 -29.38
C PHE B 406 -2.39 -31.64 -29.85
N SER B 407 -1.25 -32.20 -29.44
CA SER B 407 0.05 -31.68 -29.85
C SER B 407 0.22 -31.58 -31.37
N PRO B 408 -0.11 -32.59 -32.19
CA PRO B 408 0.08 -32.41 -33.64
C PRO B 408 -0.72 -31.26 -34.22
N ILE B 409 -1.95 -31.06 -33.74
CA ILE B 409 -2.77 -29.97 -34.24
C ILE B 409 -2.16 -28.63 -33.86
N LEU B 410 -1.69 -28.50 -32.61
CA LEU B 410 -1.05 -27.26 -32.19
C LEU B 410 0.21 -26.99 -33.01
N SER B 411 1.02 -28.02 -33.24
CA SER B 411 2.26 -27.84 -34.01
C SER B 411 1.95 -27.43 -35.44
N ARG B 412 0.91 -28.00 -36.03
CA ARG B 412 0.53 -27.63 -37.40
C ARG B 412 0.06 -26.18 -37.47
N ILE B 413 -0.60 -25.69 -36.43
CA ILE B 413 -1.20 -24.35 -36.44
C ILE B 413 -0.26 -23.44 -35.65
N GLY B 414 0.54 -22.65 -36.37
CA GLY B 414 1.36 -21.64 -35.71
C GLY B 414 2.52 -22.27 -34.96
N TYR B 415 2.74 -21.78 -33.73
CA TYR B 415 3.89 -22.21 -32.93
C TYR B 415 3.80 -23.71 -32.62
N GLY B 416 2.78 -24.11 -31.87
CA GLY B 416 2.77 -25.46 -31.34
C GLY B 416 3.67 -25.60 -30.13
N LEU B 417 4.27 -26.77 -30.00
CA LEU B 417 5.17 -27.04 -28.88
C LEU B 417 6.06 -28.23 -29.22
N THR B 418 7.23 -28.27 -28.60
CA THR B 418 8.11 -29.41 -28.72
C THR B 418 7.71 -30.48 -27.71
N TRP B 419 8.41 -31.62 -27.76
CA TRP B 419 8.13 -32.68 -26.79
C TRP B 419 8.56 -32.31 -25.39
N ARG B 420 9.44 -31.32 -25.23
CA ARG B 420 9.89 -30.92 -23.90
C ARG B 420 8.82 -30.12 -23.16
N ASN B 421 8.16 -29.20 -23.86
CA ASN B 421 7.19 -28.33 -23.19
C ASN B 421 5.94 -29.09 -22.76
N ALA B 422 5.61 -30.17 -23.47
CA ALA B 422 4.41 -30.94 -23.12
C ALA B 422 4.55 -31.57 -21.74
N VAL B 423 5.75 -32.03 -21.40
CA VAL B 423 5.97 -32.65 -20.10
C VAL B 423 5.72 -31.63 -18.99
N ILE B 424 6.23 -30.42 -19.16
CA ILE B 424 6.04 -29.38 -18.15
C ILE B 424 4.58 -28.95 -18.09
N MET B 425 3.92 -28.87 -19.25
CA MET B 425 2.50 -28.53 -19.27
C MET B 425 1.68 -29.56 -18.50
N THR B 426 2.02 -30.83 -18.66
CA THR B 426 1.32 -31.89 -17.93
C THR B 426 1.62 -31.82 -16.44
N TRP B 427 2.90 -31.70 -16.08
CA TRP B 427 3.31 -31.74 -14.68
C TRP B 427 3.19 -30.38 -13.99
N GLY B 428 2.92 -29.31 -14.72
CA GLY B 428 2.80 -27.99 -14.16
C GLY B 428 1.40 -27.57 -13.76
N GLY B 429 0.43 -28.49 -13.82
CA GLY B 429 -0.94 -28.15 -13.47
C GLY B 429 -1.27 -28.44 -12.02
N LEU B 430 -1.26 -27.39 -11.18
CA LEU B 430 -1.58 -27.52 -9.77
C LEU B 430 -3.01 -27.06 -9.52
N ARG B 431 -3.77 -27.85 -8.79
CA ARG B 431 -5.14 -27.47 -8.46
C ARG B 431 -5.14 -26.31 -7.47
N GLY B 432 -6.17 -25.47 -7.57
CA GLY B 432 -6.24 -24.26 -6.78
C GLY B 432 -7.48 -24.13 -5.92
N ALA B 433 -7.74 -22.90 -5.46
CA ALA B 433 -8.86 -22.66 -4.54
C ALA B 433 -10.22 -22.78 -5.22
N VAL B 434 -10.28 -22.71 -6.55
CA VAL B 434 -11.56 -22.78 -7.24
C VAL B 434 -12.23 -24.12 -6.99
N GLY B 435 -11.47 -25.21 -7.16
CA GLY B 435 -12.03 -26.52 -6.91
C GLY B 435 -12.47 -26.70 -5.46
N LEU B 436 -11.69 -26.18 -4.53
CA LEU B 436 -12.07 -26.28 -3.12
C LEU B 436 -13.35 -25.51 -2.83
N ALA B 437 -13.49 -24.32 -3.42
CA ALA B 437 -14.72 -23.55 -3.22
C ALA B 437 -15.92 -24.28 -3.80
N LEU B 438 -15.78 -24.85 -4.99
CA LEU B 438 -16.89 -25.59 -5.58
C LEU B 438 -17.25 -26.82 -4.74
N ALA B 439 -16.24 -27.52 -4.22
CA ALA B 439 -16.51 -28.66 -3.36
C ALA B 439 -17.22 -28.23 -2.09
N LEU B 440 -16.83 -27.09 -1.52
CA LEU B 440 -17.51 -26.58 -0.33
C LEU B 440 -18.97 -26.25 -0.63
N VAL B 441 -19.23 -25.64 -1.78
CA VAL B 441 -20.61 -25.34 -2.15
C VAL B 441 -21.42 -26.62 -2.30
N VAL B 442 -20.85 -27.62 -2.97
CA VAL B 442 -21.53 -28.91 -3.13
C VAL B 442 -21.85 -29.52 -1.78
N GLU B 443 -20.87 -29.50 -0.86
CA GLU B 443 -21.08 -30.07 0.46
C GLU B 443 -22.18 -29.31 1.22
N ASN B 444 -22.17 -27.99 1.13
CA ASN B 444 -23.17 -27.19 1.84
C ASN B 444 -24.57 -27.47 1.32
N LEU B 445 -24.72 -27.56 0.00
CA LEU B 445 -26.04 -27.81 -0.56
C LEU B 445 -26.59 -29.17 -0.15
N ALA B 446 -25.74 -30.20 -0.17
CA ALA B 446 -26.20 -31.54 0.17
C ALA B 446 -26.28 -31.72 1.68
N GLY B 447 -26.93 -32.80 2.10
CA GLY B 447 -27.10 -33.07 3.51
C GLY B 447 -26.76 -34.49 3.91
N ASN B 448 -26.61 -35.38 2.93
CA ASN B 448 -26.27 -36.77 3.21
C ASN B 448 -24.76 -36.97 3.09
N ASP B 449 -24.32 -38.22 3.14
CA ASP B 449 -22.89 -38.54 3.07
C ASP B 449 -22.43 -38.97 1.68
N VAL B 450 -23.33 -39.52 0.86
CA VAL B 450 -22.95 -39.92 -0.48
C VAL B 450 -22.48 -38.72 -1.29
N ILE B 451 -23.13 -37.57 -1.09
CA ILE B 451 -22.76 -36.32 -1.72
C ILE B 451 -22.46 -35.31 -0.62
N GLY B 452 -21.33 -34.62 -0.75
CA GLY B 452 -20.89 -33.66 0.23
C GLY B 452 -19.78 -34.14 1.14
N SER B 453 -19.58 -35.46 1.24
CA SER B 453 -18.48 -36.03 1.98
C SER B 453 -17.37 -36.57 1.08
N LYS B 454 -17.74 -37.27 0.00
CA LYS B 454 -16.75 -37.74 -0.94
C LYS B 454 -16.15 -36.60 -1.75
N PHE B 455 -16.97 -35.62 -2.12
CA PHE B 455 -16.50 -34.51 -2.94
C PHE B 455 -15.41 -33.73 -2.22
N LEU B 456 -15.69 -33.29 -0.99
CA LEU B 456 -14.74 -32.45 -0.26
C LEU B 456 -13.47 -33.23 0.08
N PHE B 457 -13.62 -34.45 0.57
CA PHE B 457 -12.46 -35.26 0.94
C PHE B 457 -11.57 -35.51 -0.27
N HIS B 458 -12.17 -35.90 -1.40
CA HIS B 458 -11.39 -36.19 -2.60
C HIS B 458 -10.70 -34.94 -3.12
N THR B 459 -11.42 -33.81 -3.15
CA THR B 459 -10.81 -32.58 -3.65
C THR B 459 -9.65 -32.14 -2.77
N ALA B 460 -9.83 -32.20 -1.45
CA ALA B 460 -8.75 -31.82 -0.55
C ALA B 460 -7.55 -32.75 -0.70
N GLY B 461 -7.81 -34.05 -0.83
CA GLY B 461 -6.71 -34.99 -1.02
C GLY B 461 -5.93 -34.72 -2.30
N ILE B 462 -6.65 -34.47 -3.40
CA ILE B 462 -5.98 -34.19 -4.67
C ILE B 462 -5.17 -32.91 -4.59
N VAL B 463 -5.75 -31.86 -4.00
CA VAL B 463 -5.04 -30.59 -3.89
C VAL B 463 -3.77 -30.76 -3.06
N VAL B 464 -3.88 -31.44 -1.92
CA VAL B 464 -2.73 -31.64 -1.04
C VAL B 464 -1.65 -32.45 -1.75
N LEU B 465 -2.06 -33.53 -2.44
CA LEU B 465 -1.08 -34.37 -3.14
C LEU B 465 -0.35 -33.58 -4.21
N THR B 466 -1.09 -32.80 -5.01
CA THR B 466 -0.46 -32.01 -6.06
C THR B 466 0.50 -30.99 -5.46
N LEU B 467 0.06 -30.26 -4.44
CA LEU B 467 0.90 -29.24 -3.84
C LEU B 467 2.17 -29.84 -3.24
N VAL B 468 2.06 -31.02 -2.64
CA VAL B 468 3.22 -31.65 -2.02
C VAL B 468 4.20 -32.14 -3.08
N ILE B 469 3.69 -32.76 -4.15
CA ILE B 469 4.57 -33.48 -5.07
C ILE B 469 5.04 -32.59 -6.22
N ASN B 470 4.10 -32.03 -6.98
CA ASN B 470 4.46 -31.33 -8.21
C ASN B 470 5.24 -30.06 -7.92
N ALA B 471 4.76 -29.26 -6.97
CA ALA B 471 5.43 -28.01 -6.61
C ALA B 471 6.80 -28.24 -6.00
N THR B 472 7.11 -29.46 -5.58
CA THR B 472 8.43 -29.79 -5.07
C THR B 472 9.34 -30.34 -6.15
N THR B 473 8.82 -31.16 -7.05
CA THR B 473 9.64 -31.81 -8.06
C THR B 473 9.77 -31.01 -9.36
N ILE B 474 9.07 -29.88 -9.48
CA ILE B 474 9.14 -29.12 -10.73
C ILE B 474 10.55 -28.60 -10.98
N GLN B 475 11.26 -28.19 -9.91
CA GLN B 475 12.61 -27.66 -10.09
C GLN B 475 13.57 -28.75 -10.57
N THR B 476 13.48 -29.95 -9.98
CA THR B 476 14.32 -31.06 -10.43
C THR B 476 13.97 -31.43 -11.86
N LEU B 477 12.68 -31.40 -12.22
CA LEU B 477 12.29 -31.69 -13.60
C LEU B 477 12.91 -30.69 -14.56
N LEU B 478 12.87 -29.41 -14.21
CA LEU B 478 13.48 -28.38 -15.06
C LEU B 478 14.98 -28.61 -15.20
N ARG B 479 15.66 -28.91 -14.10
CA ARG B 479 17.10 -29.13 -14.18
C ARG B 479 17.43 -30.36 -15.02
N ILE B 480 16.58 -31.38 -14.97
CA ILE B 480 16.82 -32.59 -15.76
C ILE B 480 16.59 -32.30 -17.25
N LEU B 481 15.52 -31.56 -17.58
CA LEU B 481 15.20 -31.31 -18.98
C LEU B 481 16.27 -30.47 -19.68
N GLY B 482 17.10 -29.75 -18.93
CA GLY B 482 18.20 -29.01 -19.51
C GLY B 482 17.90 -27.57 -19.88
N MET B 483 16.63 -27.15 -19.83
CA MET B 483 16.31 -25.76 -20.12
C MET B 483 16.65 -24.82 -18.97
N SER B 484 17.00 -25.37 -17.80
CA SER B 484 17.44 -24.54 -16.68
C SER B 484 18.84 -23.99 -16.89
N ASP B 485 19.55 -24.44 -17.93
CA ASP B 485 20.89 -23.94 -18.20
C ASP B 485 20.86 -22.46 -18.54
N ILE B 486 21.91 -21.76 -18.15
CA ILE B 486 22.04 -20.32 -18.36
C ILE B 486 22.88 -20.07 -19.61
N SER B 487 22.39 -19.21 -20.49
CA SER B 487 23.10 -18.93 -21.74
C SER B 487 24.46 -18.30 -21.46
N ILE B 488 25.47 -18.78 -22.18
CA ILE B 488 26.82 -18.23 -22.03
C ILE B 488 26.86 -16.73 -22.30
N PRO B 489 26.19 -16.20 -23.33
CA PRO B 489 26.14 -14.73 -23.45
C PRO B 489 25.61 -14.04 -22.20
N LYS B 490 24.61 -14.63 -21.54
CA LYS B 490 24.13 -14.06 -20.28
C LYS B 490 25.22 -14.07 -19.22
N ARG B 491 25.98 -15.17 -19.14
CA ARG B 491 27.06 -15.25 -18.17
C ARG B 491 28.11 -14.17 -18.41
N LEU B 492 28.53 -13.99 -19.66
CA LEU B 492 29.56 -12.99 -19.93
C LEU B 492 29.01 -11.58 -19.77
N ALA B 493 27.73 -11.35 -20.09
CA ALA B 493 27.14 -10.04 -19.84
C ALA B 493 27.11 -9.72 -18.35
N MET B 494 26.73 -10.70 -17.53
CA MET B 494 26.75 -10.50 -16.08
C MET B 494 28.15 -10.23 -15.58
N ALA B 495 29.15 -10.98 -16.08
CA ALA B 495 30.52 -10.77 -15.64
C ALA B 495 31.00 -9.37 -15.99
N GLY B 496 30.75 -8.94 -17.23
CA GLY B 496 31.15 -7.59 -17.62
C GLY B 496 30.45 -6.51 -16.82
N ALA B 497 29.15 -6.69 -16.60
CA ALA B 497 28.38 -5.70 -15.83
C ALA B 497 28.88 -5.60 -14.40
N VAL B 498 29.16 -6.74 -13.75
CA VAL B 498 29.62 -6.69 -12.37
C VAL B 498 31.02 -6.10 -12.30
N ARG B 499 31.89 -6.42 -13.27
CA ARG B 499 33.23 -5.87 -13.25
C ARG B 499 33.21 -4.35 -13.48
N ARG B 500 32.34 -3.88 -14.38
CA ARG B 500 32.27 -2.45 -14.62
C ARG B 500 31.60 -1.71 -13.46
N ILE B 501 30.59 -2.31 -12.84
CA ILE B 501 30.05 -1.69 -11.65
C ILE B 501 31.11 -1.65 -10.56
N HIS B 502 32.02 -2.63 -10.57
CA HIS B 502 33.12 -2.63 -9.60
C HIS B 502 34.07 -1.47 -9.84
N GLU B 503 34.47 -1.23 -11.10
CA GLU B 503 35.43 -0.14 -11.27
C GLU B 503 34.75 1.19 -11.05
N GLY B 504 33.43 1.27 -11.30
CA GLY B 504 32.70 2.48 -10.97
C GLY B 504 32.64 2.74 -9.47
N GLN B 505 32.38 1.70 -8.67
CA GLN B 505 32.44 1.85 -7.22
C GLN B 505 33.84 2.25 -6.77
N ASN B 506 34.86 1.68 -7.39
CA ASN B 506 36.24 2.05 -7.05
C ASN B 506 36.50 3.51 -7.37
N ARG B 507 36.03 3.98 -8.53
CA ARG B 507 36.21 5.38 -8.90
C ARG B 507 35.49 6.31 -7.93
N THR B 508 34.26 5.95 -7.55
CA THR B 508 33.52 6.78 -6.60
C THR B 508 34.21 6.82 -5.25
N LEU B 509 34.73 5.68 -4.79
CA LEU B 509 35.47 5.64 -3.54
C LEU B 509 36.74 6.47 -3.63
N ASN B 510 37.43 6.44 -4.77
CA ASN B 510 38.62 7.25 -4.96
C ASN B 510 38.29 8.73 -4.90
N MET B 511 37.18 9.13 -5.54
CA MET B 511 36.77 10.53 -5.47
C MET B 511 36.42 10.93 -4.05
N LEU B 512 35.72 10.08 -3.30
CA LEU B 512 35.41 10.37 -1.92
C LEU B 512 36.63 10.30 -1.02
N LYS B 513 37.72 9.68 -1.48
CA LYS B 513 38.92 9.58 -0.66
C LYS B 513 39.52 10.94 -0.36
N SER B 514 39.56 11.82 -1.36
CA SER B 514 40.14 13.15 -1.18
C SER B 514 39.02 14.12 -0.80
N ASP B 515 38.59 14.01 0.45
CA ASP B 515 37.59 14.90 1.02
C ASP B 515 38.10 15.44 2.34
N ARG B 516 37.85 16.73 2.58
CA ARG B 516 38.35 17.36 3.80
C ARG B 516 37.71 16.75 5.04
N PHE B 517 36.42 16.40 4.96
CA PHE B 517 35.71 15.83 6.08
C PHE B 517 35.61 14.31 6.02
N LEU B 518 35.37 13.75 4.84
CA LEU B 518 35.09 12.32 4.70
C LEU B 518 36.34 11.47 4.59
N ALA B 519 37.48 11.97 5.09
CA ALA B 519 38.72 11.21 5.11
C ALA B 519 38.91 10.43 6.41
N ASP B 520 37.91 10.42 7.29
CA ASP B 520 38.02 9.76 8.58
C ASP B 520 37.18 8.50 8.70
N ALA B 521 36.21 8.30 7.81
CA ALA B 521 35.34 7.13 7.91
C ALA B 521 36.13 5.85 7.73
N ASP B 522 35.80 4.85 8.54
CA ASP B 522 36.41 3.53 8.40
C ASP B 522 35.99 2.91 7.08
N TRP B 523 36.96 2.33 6.37
CA TRP B 523 36.70 1.72 5.07
C TRP B 523 36.34 0.25 5.16
N ASP B 524 36.26 -0.31 6.37
CA ASP B 524 35.78 -1.68 6.52
C ASP B 524 34.32 -1.80 6.10
N ILE B 525 33.50 -0.80 6.43
CA ILE B 525 32.10 -0.82 6.02
C ILE B 525 31.98 -0.66 4.51
N ALA B 526 32.97 -0.01 3.87
CA ALA B 526 32.98 0.05 2.43
C ALA B 526 33.12 -1.35 1.83
N THR B 527 33.98 -2.18 2.41
CA THR B 527 34.06 -3.58 1.99
C THR B 527 32.79 -4.33 2.35
N ALA B 528 32.18 -3.98 3.48
CA ALA B 528 30.94 -4.63 3.88
C ALA B 528 29.83 -4.39 2.86
N ALA B 529 29.74 -3.15 2.35
CA ALA B 529 28.77 -2.87 1.29
C ALA B 529 29.09 -3.65 0.03
N CYS B 530 30.37 -3.73 -0.34
CA CYS B 530 30.85 -4.49 -1.49
C CYS B 530 29.95 -4.30 -2.71
N GLU B 531 29.58 -5.40 -3.35
CA GLU B 531 28.70 -5.34 -4.51
C GLU B 531 27.97 -6.67 -4.64
N ILE B 532 26.90 -6.65 -5.44
CA ILE B 532 26.20 -7.89 -5.75
C ILE B 532 27.05 -8.71 -6.70
N SER B 533 27.49 -9.88 -6.24
CA SER B 533 28.38 -10.72 -7.03
C SER B 533 27.60 -11.36 -8.18
N ASP B 534 28.29 -12.18 -8.95
CA ASP B 534 27.68 -12.85 -10.09
C ASP B 534 26.64 -13.84 -9.59
N PRO B 535 25.37 -13.72 -9.98
CA PRO B 535 24.35 -14.66 -9.49
C PRO B 535 24.62 -16.10 -9.89
N TYR B 536 25.19 -16.34 -11.07
CA TYR B 536 25.42 -17.71 -11.52
C TYR B 536 26.58 -18.36 -10.76
N SER B 537 27.66 -17.61 -10.55
CA SER B 537 28.88 -18.11 -9.92
C SER B 537 29.37 -19.30 -10.72
N ALA B 538 29.55 -20.48 -10.11
CA ALA B 538 29.99 -21.69 -10.81
C ALA B 538 31.31 -21.47 -11.57
N ARG B 573 31.83 -26.48 -40.75
CA ARG B 573 32.16 -26.31 -39.34
C ARG B 573 32.96 -25.03 -39.14
N GLU B 574 34.02 -24.85 -39.94
CA GLU B 574 34.82 -23.64 -39.87
C GLU B 574 34.06 -22.41 -40.34
N PHE B 575 32.91 -22.59 -41.00
CA PHE B 575 32.07 -21.50 -41.43
C PHE B 575 30.87 -21.28 -40.51
N ALA B 576 30.34 -22.34 -39.93
CA ALA B 576 29.15 -22.28 -39.07
C ALA B 576 29.40 -21.60 -37.73
N ASP B 577 30.56 -21.00 -37.48
CA ASP B 577 30.83 -20.37 -36.19
C ASP B 577 30.70 -18.85 -36.22
N MET B 578 31.36 -18.16 -37.16
CA MET B 578 31.33 -16.70 -37.10
C MET B 578 29.98 -16.15 -37.55
N MET B 579 29.24 -16.88 -38.38
CA MET B 579 27.94 -16.39 -38.83
C MET B 579 26.92 -16.41 -37.70
N GLU B 580 27.01 -17.39 -36.79
CA GLU B 580 26.08 -17.43 -35.66
C GLU B 580 26.35 -16.29 -34.68
N GLU B 581 27.62 -16.01 -34.40
CA GLU B 581 27.92 -14.89 -33.51
C GLU B 581 27.57 -13.57 -34.18
N ALA B 582 27.79 -13.45 -35.49
CA ALA B 582 27.35 -12.24 -36.19
C ALA B 582 25.84 -12.07 -36.08
N ARG B 583 25.07 -13.16 -36.22
CA ARG B 583 23.62 -13.06 -36.16
C ARG B 583 23.15 -12.63 -34.78
N LEU B 584 23.66 -13.30 -33.73
CA LEU B 584 23.19 -12.94 -32.40
C LEU B 584 23.71 -11.57 -32.01
N ARG B 585 24.76 -11.08 -32.66
CA ARG B 585 25.19 -9.71 -32.43
C ARG B 585 24.22 -8.73 -33.08
N MET B 586 23.88 -8.93 -34.36
CA MET B 586 23.06 -7.92 -35.01
C MET B 586 21.67 -7.86 -34.40
N LEU B 587 21.14 -9.00 -33.94
CA LEU B 587 19.76 -8.97 -33.48
C LEU B 587 19.58 -7.98 -32.33
N LYS B 588 20.44 -8.03 -31.31
CA LYS B 588 20.25 -7.04 -30.24
C LYS B 588 20.90 -5.70 -30.58
N ALA B 589 21.91 -5.67 -31.47
CA ALA B 589 22.46 -4.40 -31.90
C ALA B 589 21.41 -3.57 -32.64
N GLU B 590 20.40 -4.23 -33.20
CA GLU B 590 19.28 -3.52 -33.80
C GLU B 590 18.16 -3.33 -32.79
N LYS B 591 17.97 -4.32 -31.89
CA LYS B 591 16.98 -4.21 -30.82
C LYS B 591 17.16 -2.95 -30.00
N ILE B 592 18.42 -2.60 -29.67
CA ILE B 592 18.66 -1.44 -28.83
C ILE B 592 18.15 -0.15 -29.47
N SER B 593 18.12 -0.11 -30.80
CA SER B 593 17.79 1.13 -31.50
C SER B 593 16.34 1.57 -31.23
N TYR B 594 15.41 0.62 -31.19
CA TYR B 594 14.02 0.98 -30.91
C TYR B 594 13.92 1.69 -29.57
N TRP B 595 14.53 1.12 -28.53
CA TRP B 595 14.48 1.73 -27.22
C TRP B 595 15.17 3.08 -27.21
N LYS B 596 16.30 3.19 -27.92
CA LYS B 596 17.02 4.46 -27.96
C LYS B 596 16.16 5.57 -28.57
N GLN B 597 15.47 5.26 -29.67
CA GLN B 597 14.60 6.27 -30.26
C GLN B 597 13.38 6.56 -29.38
N PHE B 598 12.77 5.51 -28.81
CA PHE B 598 11.55 5.73 -28.02
C PHE B 598 11.84 6.58 -26.79
N GLU B 599 12.94 6.32 -26.10
CA GLU B 599 13.30 7.15 -24.94
C GLU B 599 13.52 8.59 -25.34
N HIS B 600 13.77 8.86 -26.62
CA HIS B 600 13.82 10.21 -27.16
C HIS B 600 12.44 10.71 -27.56
N GLY B 601 11.40 9.88 -27.44
CA GLY B 601 10.06 10.27 -27.82
C GLY B 601 9.70 9.88 -29.24
N MET B 602 9.86 8.61 -29.58
CA MET B 602 9.66 8.12 -30.94
C MET B 602 8.84 6.83 -30.92
N LEU B 603 8.34 6.47 -32.10
CA LEU B 603 7.63 5.22 -32.38
C LEU B 603 6.41 4.98 -31.50
N ALA B 604 5.82 6.04 -30.93
CA ALA B 604 4.61 5.95 -30.09
C ALA B 604 4.87 4.88 -29.03
N ARG B 605 3.94 3.95 -28.78
CA ARG B 605 4.15 2.88 -27.81
C ARG B 605 4.05 1.49 -28.42
N GLU B 606 3.00 1.21 -29.20
CA GLU B 606 2.77 -0.14 -29.69
C GLU B 606 3.85 -0.60 -30.66
N ALA B 607 4.44 0.34 -31.40
CA ALA B 607 5.46 -0.03 -32.39
C ALA B 607 6.65 -0.69 -31.72
N LEU B 608 7.03 -0.23 -30.53
CA LEU B 608 8.20 -0.79 -29.85
C LEU B 608 8.03 -2.29 -29.63
N ARG B 609 6.93 -2.69 -29.01
CA ARG B 609 6.69 -4.12 -28.78
C ARG B 609 6.50 -4.85 -30.10
N LEU B 610 5.79 -4.22 -31.04
CA LEU B 610 5.49 -4.89 -32.31
C LEU B 610 6.76 -5.27 -33.06
N LEU B 611 7.77 -4.40 -33.04
CA LEU B 611 9.01 -4.73 -33.73
C LEU B 611 10.00 -5.51 -32.87
N VAL B 612 10.00 -5.34 -31.54
CA VAL B 612 10.92 -6.16 -30.76
C VAL B 612 10.51 -7.62 -30.78
N GLN B 613 9.19 -7.90 -30.79
CA GLN B 613 8.75 -9.29 -30.89
C GLN B 613 9.15 -9.89 -32.23
N HIS B 614 9.03 -9.11 -33.32
CA HIS B 614 9.46 -9.59 -34.62
C HIS B 614 10.97 -9.81 -34.67
N ALA B 615 11.74 -8.98 -33.98
CA ALA B 615 13.18 -9.17 -33.93
C ALA B 615 13.54 -10.44 -33.16
N GLU B 616 12.82 -10.73 -32.08
CA GLU B 616 13.20 -11.86 -31.23
C GLU B 616 12.65 -13.20 -31.73
N VAL B 617 11.55 -13.21 -32.48
CA VAL B 617 10.98 -14.49 -32.92
C VAL B 617 11.95 -15.21 -33.85
N ALA B 618 12.71 -14.45 -34.65
CA ALA B 618 13.70 -15.05 -35.53
C ALA B 618 15.03 -15.32 -34.84
N ALA B 619 15.21 -14.85 -33.61
CA ALA B 619 16.45 -15.09 -32.89
C ALA B 619 16.63 -16.57 -32.58
N ASP B 620 15.59 -17.22 -32.07
CA ASP B 620 15.66 -18.64 -31.78
C ASP B 620 15.72 -19.47 -33.06
N GLU B 621 15.18 -18.96 -34.16
CA GLU B 621 15.25 -19.66 -35.43
C GLU B 621 16.70 -19.72 -35.92
N LYS B 622 17.02 -20.77 -36.65
CA LYS B 622 18.38 -21.03 -37.10
C LYS B 622 18.53 -20.74 -38.58
N ASP B 623 19.58 -20.00 -38.94
CA ASP B 623 19.98 -19.78 -40.33
C ASP B 623 18.89 -19.06 -41.13
N GLN B 624 18.54 -17.87 -40.65
CA GLN B 624 17.65 -16.97 -41.39
C GLN B 624 17.77 -15.58 -40.80
N PHE B 625 18.14 -14.61 -41.62
CA PHE B 625 18.29 -13.24 -41.14
C PHE B 625 16.96 -12.70 -40.66
N ILE B 626 16.96 -12.06 -39.49
CA ILE B 626 15.74 -11.53 -38.90
C ILE B 626 15.22 -10.36 -39.72
N LEU B 627 13.96 -9.99 -39.51
CA LEU B 627 13.34 -8.85 -40.18
C LEU B 627 13.32 -9.04 -41.70
N VAL B 628 12.63 -10.09 -42.14
CA VAL B 628 12.58 -10.44 -43.55
C VAL B 628 11.58 -9.62 -44.35
N ASP B 629 10.67 -8.91 -43.68
CA ASP B 629 9.60 -8.11 -44.28
C ASP B 629 8.58 -8.97 -45.02
N ASP B 630 8.71 -10.29 -44.99
CA ASP B 630 7.74 -11.18 -45.63
C ASP B 630 6.50 -11.23 -44.75
N LEU B 631 5.59 -10.28 -44.98
CA LEU B 631 4.31 -10.19 -44.28
C LEU B 631 4.51 -9.89 -42.80
N LYS B 632 5.74 -9.60 -42.39
CA LYS B 632 6.00 -9.29 -40.99
C LYS B 632 5.43 -7.92 -40.64
N LYS B 633 5.93 -6.86 -41.27
CA LYS B 633 5.32 -5.55 -41.19
C LYS B 633 4.48 -5.22 -42.43
N SER B 634 4.56 -6.04 -43.48
CA SER B 634 3.69 -5.83 -44.62
C SER B 634 2.22 -6.04 -44.27
N TRP B 635 1.94 -6.90 -43.28
CA TRP B 635 0.56 -7.15 -42.89
C TRP B 635 -0.11 -5.89 -42.36
N GLN B 636 0.59 -5.14 -41.51
CA GLN B 636 0.02 -3.91 -40.97
C GLN B 636 -0.15 -2.85 -42.05
N ILE B 637 0.82 -2.75 -42.97
CA ILE B 637 0.72 -1.78 -44.04
C ILE B 637 -0.47 -2.08 -44.95
N LYS B 638 -0.67 -3.36 -45.29
CA LYS B 638 -1.76 -3.73 -46.19
C LYS B 638 -3.11 -3.44 -45.55
N GLY B 639 -3.30 -3.85 -44.30
CA GLY B 639 -4.58 -3.67 -43.64
C GLY B 639 -5.70 -4.42 -44.34
N ILE B 640 -5.43 -5.68 -44.68
CA ILE B 640 -6.38 -6.49 -45.44
C ILE B 640 -7.21 -7.30 -44.44
N TYR B 641 -8.52 -7.04 -44.45
CA TYR B 641 -9.48 -7.71 -43.58
C TYR B 641 -10.88 -7.31 -44.04
N PRO B 642 -11.88 -8.12 -43.77
CA PRO B 642 -13.24 -7.78 -44.24
C PRO B 642 -13.90 -6.61 -43.52
N TRP B 643 -13.15 -5.82 -42.75
CA TRP B 643 -13.73 -4.61 -42.19
C TRP B 643 -14.30 -3.72 -43.30
N LEU B 644 -13.52 -3.51 -44.37
CA LEU B 644 -14.03 -2.79 -45.52
C LEU B 644 -15.15 -3.56 -46.21
N LYS B 645 -15.13 -4.89 -46.14
CA LYS B 645 -16.24 -5.68 -46.67
C LYS B 645 -17.50 -5.47 -45.84
N ARG B 646 -17.36 -5.37 -44.52
CA ARG B 646 -18.52 -5.04 -43.68
C ARG B 646 -19.03 -3.65 -43.98
N LYS B 647 -18.13 -2.70 -44.22
CA LYS B 647 -18.56 -1.35 -44.59
C LYS B 647 -19.30 -1.37 -45.92
N LEU B 648 -18.82 -2.19 -46.87
CA LEU B 648 -19.52 -2.34 -48.14
C LEU B 648 -20.90 -2.95 -47.95
N GLU B 649 -21.02 -3.92 -47.03
CA GLU B 649 -22.34 -4.47 -46.72
C GLU B 649 -23.26 -3.41 -46.15
N ASP B 650 -22.74 -2.54 -45.29
CA ASP B 650 -23.54 -1.43 -44.77
C ASP B 650 -23.96 -0.49 -45.90
N LEU B 651 -23.04 -0.22 -46.83
CA LEU B 651 -23.35 0.68 -47.94
C LEU B 651 -24.46 0.10 -48.83
N ILE B 652 -24.35 -1.18 -49.17
CA ILE B 652 -25.40 -1.79 -49.98
C ILE B 652 -26.71 -1.90 -49.20
N SER B 653 -26.62 -2.01 -47.88
CA SER B 653 -27.83 -1.94 -47.06
C SER B 653 -28.45 -0.54 -47.12
N GLU B 654 -27.62 0.50 -47.13
CA GLU B 654 -28.09 1.87 -47.24
C GLU B 654 -28.12 2.33 -48.69
N LEU B 813 -33.86 9.02 -38.81
CA LEU B 813 -32.59 8.95 -38.11
C LEU B 813 -32.04 7.53 -38.14
N THR B 814 -32.94 6.56 -38.27
CA THR B 814 -32.51 5.16 -38.33
C THR B 814 -31.64 4.92 -39.55
N LYS B 815 -32.00 5.50 -40.70
CA LYS B 815 -31.14 5.42 -41.88
C LYS B 815 -29.84 6.19 -41.65
N ALA B 816 -29.89 7.27 -40.88
CA ALA B 816 -28.70 8.05 -40.56
C ALA B 816 -27.77 7.33 -39.60
N LEU B 817 -28.19 6.20 -39.03
CA LEU B 817 -27.28 5.43 -38.18
C LEU B 817 -26.18 4.77 -38.99
N ILE B 818 -26.47 4.40 -40.25
CA ILE B 818 -25.44 3.78 -41.09
C ILE B 818 -24.23 4.68 -41.29
N PRO B 819 -24.37 5.99 -41.54
CA PRO B 819 -23.18 6.85 -41.57
C PRO B 819 -22.35 6.82 -40.30
N LYS B 820 -22.97 6.66 -39.13
CA LYS B 820 -22.19 6.52 -37.91
C LYS B 820 -21.33 5.26 -37.94
N LEU B 821 -21.89 4.15 -38.43
CA LEU B 821 -21.11 2.93 -38.60
C LEU B 821 -19.99 3.15 -39.61
N ILE B 822 -20.26 3.90 -40.67
CA ILE B 822 -19.22 4.21 -41.65
C ILE B 822 -18.09 4.98 -40.98
N LEU B 823 -18.42 5.95 -40.13
CA LEU B 823 -17.40 6.72 -39.44
C LEU B 823 -16.57 5.86 -38.52
N VAL B 824 -17.21 4.96 -37.76
CA VAL B 824 -16.45 4.12 -36.83
C VAL B 824 -15.56 3.15 -37.60
N VAL B 825 -16.04 2.64 -38.74
CA VAL B 825 -15.20 1.78 -39.57
C VAL B 825 -14.02 2.57 -40.14
N ASN B 826 -14.26 3.82 -40.55
CA ASN B 826 -13.16 4.65 -41.04
C ASN B 826 -12.11 4.87 -39.95
N GLY B 827 -12.56 5.14 -38.73
CA GLY B 827 -11.62 5.32 -37.64
C GLY B 827 -10.82 4.06 -37.34
N LYS B 828 -11.49 2.91 -37.34
CA LYS B 828 -10.80 1.66 -37.06
C LYS B 828 -9.83 1.29 -38.19
N ILE B 829 -10.10 1.74 -39.42
CA ILE B 829 -9.12 1.57 -40.49
C ILE B 829 -7.93 2.50 -40.28
N ASN B 830 -8.21 3.77 -39.96
CA ASN B 830 -7.13 4.75 -39.81
C ASN B 830 -6.20 4.39 -38.65
N ASN B 831 -6.72 3.75 -37.61
CA ASN B 831 -5.86 3.32 -36.52
C ASN B 831 -4.78 2.35 -37.03
N GLN B 832 -5.21 1.32 -37.77
CA GLN B 832 -4.26 0.35 -38.30
C GLN B 832 -3.31 0.99 -39.31
N LEU B 833 -3.84 1.91 -40.13
CA LEU B 833 -2.97 2.60 -41.09
C LEU B 833 -1.87 3.38 -40.37
N SER B 834 -2.24 4.10 -39.31
CA SER B 834 -1.26 4.85 -38.54
C SER B 834 -0.24 3.90 -37.90
N LEU B 835 -0.69 2.78 -37.34
CA LEU B 835 0.24 1.84 -36.73
C LEU B 835 1.22 1.29 -37.76
N GLY B 836 0.74 0.97 -38.96
CA GLY B 836 1.64 0.53 -40.01
C GLY B 836 2.66 1.60 -40.37
N TYR B 837 2.22 2.86 -40.42
CA TYR B 837 3.15 3.96 -40.68
C TYR B 837 4.24 4.02 -39.62
N ASP B 838 3.84 3.91 -38.35
CA ASP B 838 4.82 3.95 -37.26
C ASP B 838 5.80 2.80 -37.35
N VAL B 839 5.31 1.58 -37.60
CA VAL B 839 6.22 0.45 -37.62
C VAL B 839 7.20 0.55 -38.79
N GLY B 840 6.72 1.01 -39.96
CA GLY B 840 7.65 1.21 -41.07
C GLY B 840 8.69 2.25 -40.77
N LYS B 841 8.27 3.40 -40.21
CA LYS B 841 9.22 4.44 -39.86
C LYS B 841 10.24 3.96 -38.85
N GLY B 842 9.78 3.22 -37.84
CA GLY B 842 10.70 2.71 -36.83
C GLY B 842 11.71 1.74 -37.40
N TYR B 843 11.27 0.83 -38.28
CA TYR B 843 12.20 -0.11 -38.88
C TYR B 843 13.24 0.63 -39.71
N ILE B 844 12.81 1.60 -40.51
CA ILE B 844 13.76 2.34 -41.34
C ILE B 844 14.76 3.09 -40.46
N ILE B 845 14.28 3.78 -39.42
CA ILE B 845 15.16 4.56 -38.57
C ILE B 845 16.18 3.66 -37.87
N GLY B 846 15.72 2.52 -37.34
CA GLY B 846 16.64 1.62 -36.67
C GLY B 846 17.68 1.03 -37.60
N GLU B 847 17.25 0.55 -38.77
CA GLU B 847 18.22 -0.06 -39.67
C GLU B 847 19.19 0.96 -40.23
N GLU B 848 18.80 2.24 -40.31
CA GLU B 848 19.73 3.26 -40.77
C GLU B 848 20.94 3.34 -39.84
N GLU B 849 20.71 3.30 -38.54
CA GLU B 849 21.81 3.30 -37.58
C GLU B 849 22.58 1.99 -37.64
N VAL B 850 21.88 0.86 -37.67
CA VAL B 850 22.61 -0.41 -37.61
C VAL B 850 23.44 -0.62 -38.87
N GLY B 851 23.08 0.02 -39.98
CA GLY B 851 23.86 -0.12 -41.20
C GLY B 851 25.28 0.36 -41.04
N LYS B 852 25.46 1.50 -40.36
CA LYS B 852 26.80 1.96 -40.04
C LYS B 852 27.36 1.31 -38.78
N ILE B 853 26.50 0.76 -37.91
CA ILE B 853 26.98 0.13 -36.69
C ILE B 853 27.67 -1.21 -37.00
N ILE B 854 27.14 -1.98 -37.94
CA ILE B 854 27.52 -3.39 -38.06
C ILE B 854 28.99 -3.54 -38.39
N ASP B 855 29.52 -2.70 -39.28
CA ASP B 855 30.84 -2.94 -39.85
C ASP B 855 31.96 -2.89 -38.82
N ARG B 856 31.76 -2.24 -37.68
CA ARG B 856 32.85 -2.08 -36.73
C ARG B 856 33.21 -3.39 -36.04
N MET B 857 32.21 -4.24 -35.77
CA MET B 857 32.47 -5.52 -35.12
C MET B 857 32.66 -6.67 -36.10
N VAL B 858 32.12 -6.57 -37.31
CA VAL B 858 32.19 -7.67 -38.28
C VAL B 858 33.59 -7.71 -38.86
N ASP B 859 34.27 -8.85 -38.69
CA ASP B 859 35.64 -9.01 -39.14
C ASP B 859 35.75 -9.60 -40.52
N ASN B 860 34.81 -10.46 -40.92
CA ASN B 860 34.87 -11.15 -42.20
C ASN B 860 34.10 -10.36 -43.25
N LYS B 861 34.76 -10.07 -44.38
CA LYS B 861 34.17 -9.22 -45.41
C LYS B 861 33.09 -9.94 -46.20
N LYS B 862 33.28 -11.24 -46.48
CA LYS B 862 32.33 -11.96 -47.34
C LYS B 862 30.97 -12.10 -46.67
N ILE B 863 30.89 -12.00 -45.36
CA ILE B 863 29.59 -11.93 -44.70
C ILE B 863 29.17 -10.49 -44.45
N LEU B 864 30.13 -9.57 -44.30
CA LEU B 864 29.78 -8.17 -44.10
C LEU B 864 29.04 -7.61 -45.32
N ARG B 865 29.54 -7.91 -46.52
CA ARG B 865 28.86 -7.46 -47.73
C ARG B 865 27.50 -8.12 -47.88
N GLU B 866 27.37 -9.39 -47.49
CA GLU B 866 26.07 -10.05 -47.53
C GLU B 866 25.08 -9.35 -46.61
N LEU B 867 25.54 -9.00 -45.40
CA LEU B 867 24.67 -8.30 -44.45
C LEU B 867 24.28 -6.92 -44.99
N LYS B 868 25.23 -6.20 -45.58
CA LYS B 868 24.93 -4.89 -46.13
C LYS B 868 23.91 -4.98 -47.26
N HIS B 869 24.10 -5.95 -48.16
CA HIS B 869 23.16 -6.14 -49.27
C HIS B 869 21.77 -6.53 -48.77
N ILE B 870 21.71 -7.41 -47.76
CA ILE B 870 20.40 -7.82 -47.26
C ILE B 870 19.72 -6.66 -46.53
N SER B 871 20.49 -5.78 -45.89
CA SER B 871 19.91 -4.59 -45.29
C SER B 871 19.38 -3.64 -46.36
N GLU B 872 20.12 -3.48 -47.45
CA GLU B 872 19.62 -2.65 -48.55
C GLU B 872 18.33 -3.22 -49.13
N THR B 873 18.27 -4.54 -49.28
CA THR B 873 17.06 -5.20 -49.77
C THR B 873 15.90 -5.02 -48.81
N GLY B 874 16.17 -5.11 -47.50
CA GLY B 874 15.13 -4.84 -46.53
C GLY B 874 14.66 -3.41 -46.56
N ARG B 875 15.55 -2.48 -46.92
CA ARG B 875 15.17 -1.07 -46.94
C ARG B 875 14.29 -0.73 -48.12
N LEU B 876 14.82 -0.87 -49.35
CA LEU B 876 14.22 -0.18 -50.48
C LEU B 876 12.76 -0.58 -50.68
N GLN B 877 12.42 -1.84 -50.40
CA GLN B 877 11.04 -2.29 -50.56
C GLN B 877 10.11 -1.55 -49.62
N VAL B 878 10.45 -1.51 -48.33
CA VAL B 878 9.60 -0.82 -47.37
C VAL B 878 9.63 0.68 -47.62
N VAL B 879 10.73 1.20 -48.16
CA VAL B 879 10.82 2.62 -48.50
C VAL B 879 9.79 2.96 -49.57
N LYS B 880 9.71 2.13 -50.61
CA LYS B 880 8.68 2.33 -51.63
C LYS B 880 7.28 2.12 -51.06
N GLU B 881 7.13 1.11 -50.19
CA GLU B 881 5.82 0.78 -49.65
C GLU B 881 5.27 1.92 -48.79
N LEU B 882 6.15 2.63 -48.07
CA LEU B 882 5.70 3.75 -47.25
C LEU B 882 5.08 4.84 -48.11
N GLY B 883 5.74 5.19 -49.22
CA GLY B 883 5.16 6.16 -50.13
C GLY B 883 3.89 5.65 -50.79
N LEU B 884 3.84 4.35 -51.09
CA LEU B 884 2.63 3.77 -51.67
C LEU B 884 1.45 3.91 -50.71
N LEU B 885 1.67 3.67 -49.42
CA LEU B 885 0.61 3.88 -48.45
C LEU B 885 0.29 5.36 -48.27
N GLN B 886 1.30 6.23 -48.36
CA GLN B 886 1.07 7.65 -48.17
C GLN B 886 0.19 8.23 -49.27
N ARG B 887 0.45 7.86 -50.53
CA ARG B 887 -0.22 8.55 -51.64
C ARG B 887 -1.72 8.32 -51.63
N GLU B 888 -2.16 7.08 -51.33
CA GLU B 888 -3.59 6.78 -51.38
C GLU B 888 -4.36 7.56 -50.33
N HIS B 889 -3.81 7.69 -49.12
CA HIS B 889 -4.46 8.36 -48.01
C HIS B 889 -3.50 9.39 -47.43
N PRO B 890 -3.43 10.58 -48.02
CA PRO B 890 -2.47 11.60 -47.55
C PRO B 890 -2.71 12.06 -46.13
N GLY B 891 -3.93 11.94 -45.61
CA GLY B 891 -4.23 12.47 -44.29
C GLY B 891 -3.51 11.75 -43.16
N ILE B 892 -3.33 10.44 -43.29
CA ILE B 892 -2.78 9.65 -42.19
C ILE B 892 -1.34 10.07 -41.90
N ALA B 893 -0.57 10.36 -42.93
CA ALA B 893 0.84 10.72 -42.74
C ALA B 893 0.97 12.04 -42.00
N VAL B 894 0.23 13.07 -42.44
CA VAL B 894 0.30 14.36 -41.76
C VAL B 894 -0.24 14.24 -40.35
N SER B 895 -1.29 13.43 -40.16
CA SER B 895 -1.85 13.25 -38.82
C SER B 895 -0.82 12.64 -37.87
N VAL B 896 -0.15 11.58 -38.32
CA VAL B 896 0.79 10.91 -37.42
C VAL B 896 2.01 11.78 -37.17
N LYS B 897 2.49 12.48 -38.20
CA LYS B 897 3.64 13.37 -38.00
C LYS B 897 3.30 14.50 -37.02
N THR B 898 2.11 15.08 -37.17
CA THR B 898 1.66 16.13 -36.26
C THR B 898 1.55 15.60 -34.83
N ARG B 899 0.98 14.41 -34.67
CA ARG B 899 0.83 13.84 -33.33
C ARG B 899 2.17 13.49 -32.71
N GLN B 900 3.17 13.18 -33.55
CA GLN B 900 4.50 12.86 -33.02
C GLN B 900 5.25 14.11 -32.61
N ALA B 901 5.09 15.21 -33.36
CA ALA B 901 5.81 16.43 -33.04
C ALA B 901 5.46 16.96 -31.65
N ILE B 902 4.17 16.94 -31.31
CA ILE B 902 3.74 17.44 -30.00
C ILE B 902 4.26 16.55 -28.89
N ARG B 903 4.28 15.23 -29.13
CA ARG B 903 4.85 14.32 -28.14
C ARG B 903 6.32 14.65 -27.88
N THR B 904 7.08 14.90 -28.94
CA THR B 904 8.50 15.25 -28.76
C THR B 904 8.65 16.55 -28.00
N ILE B 905 7.86 17.56 -28.37
CA ILE B 905 7.97 18.87 -27.73
C ILE B 905 7.64 18.78 -26.24
N LEU B 906 6.57 18.06 -25.91
CA LEU B 906 6.21 17.90 -24.50
C LEU B 906 7.25 17.09 -23.74
N ASN B 907 7.86 16.10 -24.39
CA ASN B 907 8.96 15.40 -23.75
C ASN B 907 10.09 16.35 -23.40
N HIS B 908 10.45 17.23 -24.35
CA HIS B 908 11.55 18.15 -24.11
C HIS B 908 11.21 19.11 -22.96
N SER B 909 9.98 19.60 -22.94
CA SER B 909 9.53 20.38 -21.79
C SER B 909 9.71 19.59 -20.49
N ARG B 910 9.42 18.29 -20.54
CA ARG B 910 9.48 17.48 -19.34
C ARG B 910 10.92 17.39 -18.80
N GLU B 911 11.89 17.11 -19.68
CA GLU B 911 13.25 16.99 -19.13
C GLU B 911 13.84 18.35 -18.78
N THR B 912 13.45 19.44 -19.45
CA THR B 912 14.00 20.72 -18.97
C THR B 912 13.44 21.08 -17.61
N ILE B 913 12.16 20.76 -17.37
CA ILE B 913 11.59 20.97 -16.04
C ILE B 913 12.34 20.13 -15.01
N HIS B 914 12.58 18.86 -15.33
CA HIS B 914 13.26 17.99 -14.37
C HIS B 914 14.71 18.42 -14.15
N GLU B 915 15.36 18.93 -15.20
CA GLU B 915 16.72 19.43 -15.06
C GLU B 915 16.77 20.61 -14.12
N LEU B 916 15.83 21.55 -14.27
CA LEU B 916 15.79 22.67 -13.35
C LEU B 916 15.50 22.22 -11.92
N GLN B 917 14.59 21.25 -11.77
CA GLN B 917 14.27 20.77 -10.42
C GLN B 917 15.48 20.08 -9.78
N GLY B 918 16.19 19.25 -10.55
CA GLY B 918 17.35 18.58 -10.01
C GLY B 918 18.50 19.52 -9.69
N ALA B 919 18.70 20.53 -10.55
CA ALA B 919 19.73 21.52 -10.29
C ALA B 919 19.42 22.39 -9.08
N GLY B 920 18.19 22.35 -8.57
CA GLY B 920 17.79 23.10 -7.40
C GLY B 920 17.27 24.49 -7.69
N LEU B 921 17.32 24.95 -8.94
CA LEU B 921 16.89 26.31 -9.26
C LEU B 921 15.40 26.52 -9.07
N LEU B 922 14.62 25.43 -8.97
CA LEU B 922 13.19 25.53 -8.74
C LEU B 922 12.81 24.80 -7.46
N ASP B 923 11.65 25.18 -6.93
CA ASP B 923 11.12 24.56 -5.72
C ASP B 923 10.44 23.24 -6.09
N GLU B 924 9.70 22.66 -5.14
CA GLU B 924 9.02 21.40 -5.37
C GLU B 924 7.61 21.60 -5.92
N MET B 925 6.86 22.57 -5.38
CA MET B 925 5.45 22.70 -5.74
C MET B 925 5.27 23.27 -7.14
N GLU B 926 6.09 24.25 -7.53
CA GLU B 926 5.95 24.82 -8.86
C GLU B 926 6.30 23.79 -9.94
N ALA B 927 7.37 23.03 -9.72
CA ALA B 927 7.73 21.96 -10.65
C ALA B 927 6.63 20.92 -10.73
N HIS B 928 6.04 20.57 -9.59
CA HIS B 928 4.94 19.61 -9.60
C HIS B 928 3.74 20.14 -10.37
N LYS B 929 3.42 21.42 -10.22
CA LYS B 929 2.31 22.01 -10.96
C LYS B 929 2.57 21.98 -12.46
N LEU B 930 3.78 22.36 -12.88
CA LEU B 930 4.10 22.33 -14.30
C LEU B 930 4.08 20.91 -14.86
N GLU B 931 4.59 19.95 -14.08
CA GLU B 931 4.56 18.56 -14.51
C GLU B 931 3.13 18.06 -14.64
N LEU B 932 2.25 18.45 -13.71
CA LEU B 932 0.85 18.08 -13.82
C LEU B 932 0.24 18.68 -15.09
N THR B 933 0.57 19.94 -15.39
CA THR B 933 0.02 20.57 -16.59
C THR B 933 0.48 19.84 -17.85
N VAL B 934 1.77 19.51 -17.95
CA VAL B 934 2.24 18.84 -19.15
C VAL B 934 1.68 17.42 -19.24
N GLU B 935 1.48 16.76 -18.09
CA GLU B 935 0.83 15.45 -18.09
C GLU B 935 -0.59 15.55 -18.63
N ILE B 936 -1.32 16.58 -18.20
CA ILE B 936 -2.69 16.78 -18.70
C ILE B 936 -2.67 17.03 -20.20
N LYS B 937 -1.72 17.85 -20.66
CA LYS B 937 -1.63 18.13 -22.09
C LYS B 937 -1.34 16.87 -22.90
N MET B 938 -0.42 16.02 -22.41
CA MET B 938 -0.13 14.79 -23.13
C MET B 938 -1.30 13.82 -23.10
N LYS B 939 -2.02 13.76 -21.98
CA LYS B 939 -3.21 12.91 -21.92
C LYS B 939 -4.26 13.38 -22.90
N ARG B 940 -4.44 14.71 -23.02
CA ARG B 940 -5.32 15.24 -24.05
C ARG B 940 -4.82 14.90 -25.45
N LEU B 941 -3.50 14.87 -25.63
CA LEU B 941 -2.93 14.44 -26.91
C LEU B 941 -3.32 13.00 -27.22
N MET B 942 -3.34 12.13 -26.21
CA MET B 942 -3.55 10.71 -26.46
C MET B 942 -4.90 10.47 -27.12
N ASN B 943 -5.94 11.17 -26.67
CA ASN B 943 -7.25 11.10 -27.31
C ASN B 943 -7.30 12.17 -28.39
N ALA B 944 -7.12 11.75 -29.64
CA ALA B 944 -7.05 12.65 -30.77
C ALA B 944 -7.78 12.03 -31.94
N PRO B 945 -8.25 12.86 -32.89
CA PRO B 945 -8.85 12.31 -34.10
C PRO B 945 -7.85 11.45 -34.88
N SER B 946 -8.36 10.38 -35.48
CA SER B 946 -7.49 9.43 -36.16
C SER B 946 -6.78 10.05 -37.35
N SER B 947 -7.51 10.82 -38.17
CA SER B 947 -6.96 11.38 -39.39
C SER B 947 -7.15 12.89 -39.41
N ILE B 948 -6.15 13.59 -39.94
CA ILE B 948 -6.18 15.04 -40.11
C ILE B 948 -6.08 15.33 -41.59
N PRO B 949 -7.04 16.04 -42.18
CA PRO B 949 -6.96 16.33 -43.62
C PRO B 949 -5.76 17.18 -43.96
N PRO B 950 -5.11 16.92 -45.09
CA PRO B 950 -3.96 17.72 -45.48
C PRO B 950 -4.40 19.12 -45.86
N PRO B 951 -3.51 20.13 -45.74
CA PRO B 951 -3.83 21.51 -46.11
C PRO B 951 -4.04 21.68 -47.61
C1 CPL C . -21.62 5.37 35.55
C2 CPL C . -20.23 5.68 36.12
C3 CPL C . -19.37 4.40 36.14
C4 CPL C . -25.84 7.81 36.26
C5 CPL C . -26.73 7.80 37.53
C6 CPL C . -28.33 9.04 38.81
C7 CPL C . -28.05 9.54 36.49
C8 CPL C . -26.32 10.10 38.06
C11 CPL C . -20.04 2.39 35.08
C12 CPL C . -18.64 1.92 34.63
C13 CPL C . -18.34 0.52 35.21
C14 CPL C . -18.97 -0.55 34.29
C15 CPL C . -18.24 -0.54 32.92
C16 CPL C . -19.25 -0.90 31.79
C17 CPL C . -20.41 0.13 31.80
C31 CPL C . -19.76 7.96 35.72
C32 CPL C . -19.57 9.11 34.72
C33 CPL C . -20.25 10.39 35.27
C34 CPL C . -19.17 11.46 35.53
C35 CPL C . -18.34 11.67 34.24
C36 CPL C . -16.96 12.29 34.60
C37 CPL C . -15.96 11.94 33.48
C38 CPL C . -16.58 12.25 32.10
C39 CPL C . -15.80 13.40 31.44
C40 CPL C . -14.69 12.96 30.86
C41 CPL C . -13.70 11.83 30.46
C42 CPL C . -12.59 12.45 29.58
C43 CPL C . -12.17 13.68 29.84
C44 CPL C . -11.04 14.32 28.98
C45 CPL C . -11.40 14.17 27.48
C46 CPL C . -10.12 13.79 26.69
C47 CPL C . -9.38 12.64 27.42
C48 CPL C . -7.97 12.50 26.79
N CPL C . -27.36 9.12 37.72
O2 CPL C . -19.60 6.63 35.30
O3 CPL C . -20.19 3.25 36.19
O11 CPL C . -21.00 2.04 34.47
O31 CPL C . -20.06 8.20 36.85
O1P CPL C . -22.77 7.98 35.97
O2P CPL C . -23.42 7.27 38.25
O3P CPL C . -22.58 5.45 36.59
O4P CPL C . -24.99 6.67 36.27
P CPL C . -23.42 6.88 36.78
C1 CPL D . -32.16 -28.40 -18.50
C2 CPL D . -32.27 -27.50 -19.75
C3 CPL D . -32.76 -26.10 -19.32
C4 CPL D . -34.02 -32.60 -18.10
C5 CPL D . -35.36 -33.33 -18.43
C6 CPL D . -36.39 -35.43 -18.94
C7 CPL D . -34.32 -35.38 -17.74
C8 CPL D . -34.38 -34.80 -20.06
C11 CPL D . -34.58 -25.13 -18.16
C12 CPL D . -34.46 -23.63 -18.52
C13 CPL D . -34.79 -22.77 -17.29
C14 CPL D . -33.53 -22.55 -16.42
C15 CPL D . -33.06 -21.07 -16.55
C16 CPL D . -33.02 -20.42 -15.14
C17 CPL D . -34.44 -20.39 -14.53
C31 CPL D . -30.61 -28.46 -21.16
C32 CPL D . -29.19 -28.47 -21.76
C33 CPL D . -28.67 -29.92 -21.86
C34 CPL D . -27.15 -29.91 -22.14
C35 CPL D . -26.42 -29.22 -20.96
C36 CPL D . -25.26 -28.37 -21.51
C37 CPL D . -25.81 -27.36 -22.53
C38 CPL D . -25.84 -25.95 -21.89
C39 CPL D . -25.01 -24.97 -22.74
C40 CPL D . -23.71 -25.27 -22.75
C41 CPL D . -22.48 -26.11 -22.33
C42 CPL D . -21.65 -25.30 -21.32
C43 CPL D . -20.59 -24.59 -21.73
C44 CPL D . -20.19 -24.57 -23.22
C45 CPL D . -18.81 -23.89 -23.40
C46 CPL D . -18.65 -22.77 -22.35
C47 CPL D . -19.13 -21.42 -22.95
C48 CPL D . -18.14 -20.97 -24.05
N CPL D . -35.11 -34.74 -18.79
O2 CPL D . -31.03 -27.37 -20.37
O3 CPL D . -34.15 -26.12 -19.07
O11 CPL D . -35.05 -25.44 -17.11
O31 CPL D . -31.35 -29.37 -21.37
O1P CPL D . -33.50 -30.51 -19.97
O2P CPL D . -35.64 -29.64 -19.11
O3P CPL D . -33.45 -28.74 -18.05
O4P CPL D . -34.31 -31.30 -17.64
P CPL D . -34.24 -30.04 -18.73
#